data_9CP3
#
_entry.id   9CP3
#
_cell.length_a   1.00
_cell.length_b   1.00
_cell.length_c   1.00
_cell.angle_alpha   90.00
_cell.angle_beta   90.00
_cell.angle_gamma   90.00
#
_symmetry.space_group_name_H-M   'P 1'
#
loop_
_entity.id
_entity.type
_entity.pdbx_description
1 polymer 'CRISPR-associated aCascade subunit Cas7/Csa2 2'
2 polymer 'RNA (32-MER)'
3 polymer 'CRISPR system aCascade subunit Cas5 1'
4 polymer "DNA (5'-D(P*GP*GP*GP*TP*TP*TP*TP*CP*CP*TP*CP*GP*GP*A)-3')"
5 non-polymer 2-AMINO-2-HYDROXYMETHYL-PROPANE-1,3-DIOL
#
loop_
_entity_poly.entity_id
_entity_poly.type
_entity_poly.pdbx_seq_one_letter_code
_entity_poly.pdbx_strand_id
1 'polypeptide(L)'
;MISGSVRFLVNLESLNGVESIGNLTKHRTAPVVLKTSTGYLVRYVPVISGEALAHAYQASLVDIAKKEGLPVGSLSSQYE
FIKFSTDEALKIEGIKEPKDYNDARRFEVEVMLKDVIADVGGFMYAGGAPVRRTSRIKLGYMIPALRGDEIPAQLEAQFH
VRFSNKPVSGSQAIFNVEVSSALYTFSFELDEDLIAVPSTFGEKVKGEEELERQKAKRVKSAIKALYSLLSGNFGGKRSR
FLPSMKLMSLVVTKTDFPFMPEPAHDDDYIKTTIMRLGKAKGVLNGNLAKAYVINNEGIEVGEGVTVLSTVEDLVVKLEE
E
;
B,C,E,D,A
2 'polyribonucleotide' AUUGAAAGUUCUGUUUCGAAGAAAACCCGCCUCAGAUUCAUUAUGGGGAUAAUCUCUUAUAGA S
3 'polypeptide(L)'
;MIYSKVFLKLHWGFSVVKPLAAKAKPGFYLPPPTTLIGALSYGKFRGVDNINLGNVYGSPAYNFRNIMATARLESEGVYT
EDIIRNVISYFQRKERRENPRYIYGVIPTGKVYIPNGRLVVVYVTDSISKEELEKLCWSITRIGCKECLASVENVEVGEA
KKVSGRVKTRYYFRDTVKVVGRKEFLEYVTFWEENGYIWGKEGSPVRYILPITTYPLASKEVEVEAKEAYEVGGEYVVFS
;
G
4 'polydeoxyribonucleotide' (DG)(DG)(DG)(DT)(DT)(DT)(DT)(DC)(DC)(DT)(DC)(DG)(DG)(DA) M
#
# COMPACT_ATOMS: atom_id res chain seq x y z
N MET A 1 -1.96 32.35 -9.16
CA MET A 1 -1.49 31.10 -8.56
C MET A 1 -2.16 29.89 -9.22
N ILE A 2 -1.46 28.78 -9.24
CA ILE A 2 -1.96 27.53 -9.79
C ILE A 2 -2.16 26.57 -8.62
N SER A 3 -3.41 26.23 -8.32
CA SER A 3 -3.72 25.28 -7.26
C SER A 3 -4.37 24.05 -7.87
N GLY A 4 -4.38 22.95 -7.12
CA GLY A 4 -4.99 21.76 -7.63
C GLY A 4 -5.13 20.68 -6.58
N SER A 5 -6.03 19.73 -6.88
CA SER A 5 -6.23 18.53 -6.10
C SER A 5 -6.28 17.34 -7.05
N VAL A 6 -5.89 16.17 -6.55
CA VAL A 6 -5.72 15.00 -7.41
C VAL A 6 -5.87 13.73 -6.59
N ARG A 7 -6.40 12.69 -7.24
CA ARG A 7 -6.57 11.36 -6.67
C ARG A 7 -5.66 10.36 -7.39
N PHE A 8 -5.19 9.36 -6.65
CA PHE A 8 -4.37 8.28 -7.19
C PHE A 8 -4.83 6.96 -6.59
N LEU A 9 -4.70 5.89 -7.37
CA LEU A 9 -5.00 4.54 -6.90
C LEU A 9 -3.70 3.76 -6.95
N VAL A 10 -3.18 3.38 -5.78
CA VAL A 10 -1.87 2.73 -5.68
C VAL A 10 -2.05 1.36 -5.05
N ASN A 11 -1.45 0.34 -5.67
CA ASN A 11 -1.58 -1.03 -5.22
C ASN A 11 -0.20 -1.67 -5.15
N LEU A 12 0.05 -2.43 -4.08
CA LEU A 12 1.30 -3.15 -3.88
C LEU A 12 2.50 -2.21 -3.92
N GLU A 13 2.52 -1.29 -2.96
CA GLU A 13 3.51 -0.23 -2.94
C GLU A 13 4.26 -0.21 -1.61
N SER A 14 5.54 0.15 -1.69
CA SER A 14 6.35 0.49 -0.51
C SER A 14 7.19 1.69 -0.94
N LEU A 15 6.63 2.89 -0.73
CA LEU A 15 7.24 4.11 -1.23
C LEU A 15 7.87 4.98 -0.15
N ASN A 16 7.47 4.81 1.11
CA ASN A 16 8.04 5.57 2.21
C ASN A 16 8.30 4.62 3.37
N GLY A 17 9.53 4.63 3.88
CA GLY A 17 9.91 3.74 4.95
C GLY A 17 10.27 4.45 6.23
N VAL A 18 10.21 3.72 7.35
CA VAL A 18 10.57 4.23 8.66
C VAL A 18 11.62 3.29 9.25
N GLU A 19 12.08 3.60 10.45
CA GLU A 19 13.08 2.77 11.11
C GLU A 19 12.58 1.33 11.25
N SER A 20 13.46 0.39 10.97
CA SER A 20 13.12 -1.03 10.98
C SER A 20 13.49 -1.67 12.31
N ILE A 21 12.71 -2.68 12.69
CA ILE A 21 12.93 -3.43 13.91
C ILE A 21 13.12 -4.90 13.52
N GLY A 22 14.22 -5.49 14.00
CA GLY A 22 14.53 -6.86 13.63
C GLY A 22 14.77 -6.95 12.14
N ASN A 23 14.04 -7.85 11.48
CA ASN A 23 14.12 -8.02 10.03
C ASN A 23 12.85 -7.56 9.33
N LEU A 24 12.14 -6.61 9.94
CA LEU A 24 10.89 -6.08 9.38
C LEU A 24 11.09 -4.61 9.03
N THR A 25 10.82 -4.26 7.77
CA THR A 25 10.82 -2.88 7.33
C THR A 25 9.40 -2.33 7.38
N LYS A 26 9.24 -1.19 8.04
CA LYS A 26 7.93 -0.66 8.35
C LYS A 26 7.52 0.44 7.40
N HIS A 27 6.24 0.46 7.04
CA HIS A 27 5.66 1.52 6.24
C HIS A 27 5.09 2.61 7.14
N ARG A 28 5.22 3.86 6.71
CA ARG A 28 4.76 4.98 7.54
C ARG A 28 3.26 4.93 7.72
N THR A 29 2.83 5.18 8.96
CA THR A 29 1.41 5.21 9.32
C THR A 29 1.13 6.45 10.16
N ALA A 30 -0.11 6.93 10.10
CA ALA A 30 -0.50 8.13 10.81
C ALA A 30 -1.96 8.02 11.22
N PRO A 31 -2.39 8.74 12.27
CA PRO A 31 -3.78 8.71 12.68
C PRO A 31 -4.64 9.72 11.93
N VAL A 32 -5.91 9.38 11.82
CA VAL A 32 -6.91 10.22 11.16
C VAL A 32 -8.20 10.18 11.98
N VAL A 33 -8.93 11.29 11.97
CA VAL A 33 -10.22 11.41 12.62
C VAL A 33 -11.29 11.39 11.54
N LEU A 34 -12.20 10.42 11.63
CA LEU A 34 -13.18 10.19 10.58
C LEU A 34 -14.58 10.21 11.18
N LYS A 35 -15.53 10.75 10.42
CA LYS A 35 -16.90 10.93 10.87
C LYS A 35 -17.77 9.81 10.30
N THR A 36 -18.43 9.06 11.16
CA THR A 36 -19.38 8.02 10.78
C THR A 36 -20.76 8.35 11.34
N SER A 37 -21.74 7.55 10.92
CA SER A 37 -23.11 7.73 11.40
C SER A 37 -23.23 7.57 12.91
N THR A 38 -22.27 6.90 13.53
CA THR A 38 -22.28 6.71 14.98
C THR A 38 -21.46 7.77 15.72
N GLY A 39 -20.89 8.74 15.00
CA GLY A 39 -20.14 9.79 15.66
C GLY A 39 -18.78 10.04 15.03
N TYR A 40 -17.74 10.12 15.86
CA TYR A 40 -16.39 10.39 15.39
C TYR A 40 -15.45 9.32 15.92
N LEU A 41 -14.55 8.84 15.05
CA LEU A 41 -13.64 7.77 15.40
C LEU A 41 -12.21 8.16 15.00
N VAL A 42 -11.25 7.47 15.61
CA VAL A 42 -9.83 7.66 15.33
C VAL A 42 -9.27 6.35 14.78
N ARG A 43 -8.60 6.43 13.63
CA ARG A 43 -8.07 5.25 12.96
C ARG A 43 -6.63 5.50 12.56
N TYR A 44 -5.96 4.43 12.13
CA TYR A 44 -4.57 4.46 11.70
C TYR A 44 -4.50 4.03 10.25
N VAL A 45 -3.84 4.83 9.41
CA VAL A 45 -3.77 4.54 7.98
C VAL A 45 -2.37 4.82 7.48
N PRO A 46 -1.94 4.08 6.45
CA PRO A 46 -0.65 4.37 5.82
C PRO A 46 -0.67 5.72 5.11
N VAL A 47 0.47 6.41 5.17
CA VAL A 47 0.61 7.74 4.59
C VAL A 47 1.96 7.84 3.89
N ILE A 48 2.09 8.86 3.04
CA ILE A 48 3.34 9.15 2.35
C ILE A 48 3.67 10.62 2.60
N SER A 49 4.90 10.89 3.02
CA SER A 49 5.29 12.26 3.34
C SER A 49 5.47 13.08 2.08
N GLY A 50 5.44 14.41 2.25
CA GLY A 50 5.63 15.30 1.14
C GLY A 50 7.07 15.62 0.84
N GLU A 51 7.99 15.19 1.70
CA GLU A 51 9.41 15.43 1.46
C GLU A 51 9.89 14.70 0.21
N ALA A 52 9.42 13.46 0.02
CA ALA A 52 9.77 12.72 -1.19
C ALA A 52 9.22 13.42 -2.43
N LEU A 53 7.99 13.94 -2.35
CA LEU A 53 7.42 14.67 -3.47
C LEU A 53 8.25 15.90 -3.81
N ALA A 54 8.66 16.65 -2.78
CA ALA A 54 9.48 17.83 -3.02
C ALA A 54 10.83 17.45 -3.61
N HIS A 55 11.43 16.36 -3.12
CA HIS A 55 12.71 15.93 -3.65
C HIS A 55 12.61 15.54 -5.12
N ALA A 56 11.56 14.79 -5.48
CA ALA A 56 11.37 14.40 -6.88
C ALA A 56 11.15 15.63 -7.76
N TYR A 57 10.33 16.57 -7.29
CA TYR A 57 10.09 17.79 -8.06
C TYR A 57 11.38 18.56 -8.27
N GLN A 58 12.19 18.69 -7.21
CA GLN A 58 13.43 19.44 -7.33
C GLN A 58 14.43 18.74 -8.24
N ALA A 59 14.48 17.41 -8.20
CA ALA A 59 15.37 16.67 -9.10
C ALA A 59 14.96 16.86 -10.55
N SER A 60 13.66 16.79 -10.83
CA SER A 60 13.19 17.02 -12.20
C SER A 60 13.49 18.45 -12.64
N LEU A 61 13.36 19.41 -11.72
CA LEU A 61 13.70 20.79 -12.04
C LEU A 61 15.17 20.94 -12.36
N VAL A 62 16.04 20.26 -11.61
CA VAL A 62 17.48 20.28 -11.91
C VAL A 62 17.73 19.75 -13.31
N ASP A 63 17.10 18.61 -13.64
CA ASP A 63 17.31 18.02 -14.96
C ASP A 63 16.86 18.97 -16.07
N ILE A 64 15.67 19.55 -15.92
CA ILE A 64 15.13 20.44 -16.95
C ILE A 64 15.98 21.70 -17.07
N ALA A 65 16.42 22.26 -15.93
CA ALA A 65 17.24 23.46 -15.97
C ALA A 65 18.57 23.20 -16.67
N LYS A 66 19.21 22.07 -16.37
CA LYS A 66 20.46 21.74 -17.05
C LYS A 66 20.25 21.52 -18.54
N LYS A 67 19.15 20.87 -18.91
CA LYS A 67 18.87 20.66 -20.34
C LYS A 67 18.64 21.98 -21.06
N GLU A 68 17.88 22.90 -20.45
CA GLU A 68 17.55 24.15 -21.12
C GLU A 68 18.76 25.08 -21.20
N GLY A 69 19.51 25.23 -20.10
CA GLY A 69 20.67 26.08 -20.09
C GLY A 69 20.70 27.03 -18.91
N LEU A 70 19.74 26.90 -18.00
CA LEU A 70 19.72 27.72 -16.81
C LEU A 70 20.83 27.29 -15.86
N PRO A 71 21.39 28.22 -15.09
CA PRO A 71 22.47 27.85 -14.16
C PRO A 71 22.00 26.90 -13.08
N VAL A 72 22.88 25.99 -12.69
CA VAL A 72 22.63 25.02 -11.63
C VAL A 72 23.86 24.95 -10.74
N GLY A 73 23.64 24.93 -9.44
CA GLY A 73 24.75 24.95 -8.51
C GLY A 73 25.59 23.69 -8.57
N SER A 74 26.80 23.80 -8.03
CA SER A 74 27.74 22.67 -8.05
C SER A 74 27.21 21.51 -7.22
N LEU A 75 26.80 21.78 -5.97
CA LEU A 75 26.25 20.74 -5.13
C LEU A 75 24.85 20.31 -5.54
N SER A 76 24.23 21.05 -6.46
CA SER A 76 22.90 20.69 -6.94
C SER A 76 22.94 19.87 -8.23
N SER A 77 24.03 19.94 -8.99
CA SER A 77 24.18 19.06 -10.15
C SER A 77 24.19 17.60 -9.70
N GLN A 78 24.94 17.31 -8.65
CA GLN A 78 24.75 16.06 -7.91
C GLN A 78 23.50 16.20 -7.05
N TYR A 79 22.67 15.16 -7.05
CA TYR A 79 21.38 15.26 -6.41
C TYR A 79 21.50 15.24 -4.88
N GLU A 80 22.07 16.30 -4.33
CA GLU A 80 22.20 16.50 -2.89
C GLU A 80 21.69 17.91 -2.59
N PHE A 81 20.46 18.00 -2.11
CA PHE A 81 19.79 19.29 -1.92
C PHE A 81 20.07 19.88 -0.54
N ILE A 82 21.34 20.01 -0.18
CA ILE A 82 21.66 20.74 1.05
C ILE A 82 21.53 22.24 0.83
N LYS A 83 21.63 22.70 -0.41
CA LYS A 83 21.52 24.10 -0.78
C LYS A 83 22.54 24.94 -0.01
N PHE A 84 22.30 26.24 0.11
CA PHE A 84 23.25 27.13 0.76
C PHE A 84 22.86 27.31 2.22
N SER A 85 22.93 26.21 2.96
CA SER A 85 22.52 26.18 4.36
C SER A 85 23.69 26.23 5.32
N THR A 86 24.74 25.44 5.07
CA THR A 86 25.90 25.37 5.94
C THR A 86 27.10 26.05 5.29
N ASP A 87 28.12 26.31 6.10
CA ASP A 87 29.30 26.99 5.59
C ASP A 87 30.05 26.15 4.57
N GLU A 88 30.00 24.82 4.70
CA GLU A 88 30.68 23.95 3.76
C GLU A 88 30.10 24.09 2.35
N ALA A 89 28.78 24.20 2.24
CA ALA A 89 28.14 24.35 0.94
C ALA A 89 28.57 25.66 0.27
N LEU A 90 28.59 26.76 1.04
CA LEU A 90 29.04 28.03 0.48
C LEU A 90 30.50 27.97 0.07
N LYS A 91 31.34 27.31 0.88
CA LYS A 91 32.74 27.18 0.53
C LYS A 91 32.93 26.39 -0.76
N ILE A 92 32.15 25.32 -0.94
CA ILE A 92 32.25 24.52 -2.14
C ILE A 92 31.77 25.31 -3.35
N GLU A 93 30.61 25.96 -3.22
CA GLU A 93 30.06 26.71 -4.35
C GLU A 93 30.87 27.97 -4.64
N GLY A 94 31.36 28.64 -3.61
CA GLY A 94 32.20 29.82 -3.79
C GLY A 94 31.45 31.13 -3.69
N ILE A 95 30.61 31.28 -2.67
CA ILE A 95 29.85 32.51 -2.43
C ILE A 95 30.16 32.99 -1.02
N LYS A 96 30.49 34.27 -0.89
CA LYS A 96 30.81 34.83 0.42
C LYS A 96 29.54 34.95 1.27
N GLU A 97 29.74 34.89 2.58
CA GLU A 97 28.63 35.00 3.53
C GLU A 97 28.19 36.46 3.67
N PRO A 98 26.92 36.70 3.97
CA PRO A 98 26.45 38.07 4.20
C PRO A 98 27.17 38.71 5.39
N LYS A 99 27.44 40.00 5.26
CA LYS A 99 28.11 40.74 6.34
C LYS A 99 27.14 41.25 7.39
N ASP A 100 26.02 41.83 6.96
CA ASP A 100 25.01 42.36 7.88
C ASP A 100 23.66 42.32 7.17
N TYR A 101 22.67 42.99 7.77
CA TYR A 101 21.33 42.98 7.20
C TYR A 101 21.28 43.66 5.84
N ASN A 102 21.96 44.81 5.71
CA ASN A 102 21.87 45.59 4.49
C ASN A 102 22.41 44.83 3.29
N ASP A 103 23.40 43.98 3.50
CA ASP A 103 23.98 43.18 2.42
C ASP A 103 23.13 41.96 2.06
N ALA A 104 22.17 41.59 2.91
CA ALA A 104 21.46 40.33 2.73
C ALA A 104 20.86 40.22 1.33
N ARG A 105 20.20 41.29 0.87
CA ARG A 105 19.60 41.28 -0.45
C ARG A 105 20.60 40.84 -1.51
N ARG A 106 21.79 41.45 -1.50
CA ARG A 106 22.83 41.10 -2.47
C ARG A 106 23.08 39.59 -2.44
N PHE A 107 23.29 39.04 -1.24
CA PHE A 107 23.53 37.61 -1.12
C PHE A 107 22.42 36.83 -1.82
N GLU A 108 21.17 37.17 -1.53
CA GLU A 108 20.06 36.45 -2.14
C GLU A 108 20.16 36.51 -3.65
N VAL A 109 20.44 37.68 -4.20
CA VAL A 109 20.52 37.81 -5.65
C VAL A 109 21.59 36.88 -6.19
N GLU A 110 22.75 36.85 -5.54
CA GLU A 110 23.81 35.96 -6.01
C GLU A 110 23.35 34.52 -5.96
N VAL A 111 22.66 34.14 -4.88
CA VAL A 111 22.18 32.77 -4.75
C VAL A 111 21.17 32.48 -5.84
N MET A 112 20.39 33.48 -6.24
CA MET A 112 19.42 33.28 -7.31
C MET A 112 20.07 33.28 -8.69
N LEU A 113 21.30 33.78 -8.80
CA LEU A 113 21.98 33.84 -10.09
C LEU A 113 22.82 32.61 -10.39
N LYS A 114 22.90 31.66 -9.46
CA LYS A 114 23.70 30.46 -9.66
C LYS A 114 22.88 29.18 -9.64
N ASP A 115 21.84 29.10 -8.80
CA ASP A 115 21.04 27.90 -8.67
C ASP A 115 19.57 28.25 -8.80
N VAL A 116 18.89 27.60 -9.75
CA VAL A 116 17.45 27.79 -9.90
C VAL A 116 16.71 27.17 -8.74
N ILE A 117 17.25 26.09 -8.16
CA ILE A 117 16.57 25.38 -7.09
C ILE A 117 16.42 26.28 -5.86
N ALA A 118 17.48 27.01 -5.51
CA ALA A 118 17.39 27.94 -4.39
C ALA A 118 16.43 29.08 -4.65
N ASP A 119 16.03 29.31 -5.90
CA ASP A 119 15.08 30.35 -6.23
C ASP A 119 13.64 29.85 -6.21
N VAL A 120 13.40 28.66 -6.78
CA VAL A 120 12.05 28.14 -6.88
C VAL A 120 11.66 27.42 -5.59
N GLY A 121 12.47 26.46 -5.17
CA GLY A 121 12.18 25.67 -3.99
C GLY A 121 12.55 26.31 -2.67
N GLY A 122 13.10 27.51 -2.69
CA GLY A 122 13.46 28.20 -1.47
C GLY A 122 14.74 27.66 -0.86
N PHE A 123 15.26 28.41 0.11
CA PHE A 123 16.48 28.04 0.80
C PHE A 123 16.54 28.78 2.12
N MET A 124 17.44 28.33 2.99
CA MET A 124 17.62 28.93 4.31
C MET A 124 19.09 28.93 4.66
N TYR A 125 19.58 30.06 5.16
CA TYR A 125 20.93 30.19 5.66
C TYR A 125 20.89 30.73 7.08
N ALA A 126 21.52 30.03 8.01
CA ALA A 126 21.54 30.40 9.41
C ALA A 126 22.92 30.91 9.78
N GLY A 127 22.96 32.04 10.47
CA GLY A 127 24.24 32.63 10.85
C GLY A 127 24.04 34.01 11.45
N GLY A 128 25.08 34.83 11.30
CA GLY A 128 25.00 36.20 11.82
C GLY A 128 23.88 37.01 11.19
N ALA A 129 23.64 36.81 9.89
CA ALA A 129 22.55 37.48 9.17
C ALA A 129 21.71 36.43 8.47
N PRO A 130 20.75 35.83 9.18
CA PRO A 130 19.93 34.79 8.58
C PRO A 130 19.12 35.31 7.40
N VAL A 131 18.99 34.47 6.37
CA VAL A 131 18.24 34.81 5.16
C VAL A 131 17.23 33.70 4.91
N ARG A 132 15.98 34.09 4.66
CA ARG A 132 14.91 33.14 4.44
C ARG A 132 14.24 33.39 3.09
N ARG A 133 13.80 32.32 2.45
CA ARG A 133 13.04 32.42 1.21
C ARG A 133 12.07 31.25 1.17
N THR A 134 10.78 31.53 1.32
CA THR A 134 9.78 30.48 1.33
C THR A 134 9.65 29.84 -0.04
N SER A 135 9.40 28.53 -0.06
CA SER A 135 9.23 27.82 -1.31
C SER A 135 7.98 28.30 -2.03
N ARG A 136 8.06 28.35 -3.36
CA ARG A 136 6.91 28.72 -4.16
C ARG A 136 6.01 27.54 -4.52
N ILE A 137 6.40 26.33 -4.18
CA ILE A 137 5.55 25.16 -4.34
C ILE A 137 5.26 24.58 -2.96
N LYS A 138 3.99 24.28 -2.70
CA LYS A 138 3.56 23.77 -1.40
C LYS A 138 2.88 22.42 -1.59
N LEU A 139 3.26 21.46 -0.76
CA LEU A 139 2.74 20.11 -0.82
C LEU A 139 2.37 19.64 0.59
N GLY A 140 1.77 18.46 0.65
CA GLY A 140 1.36 17.90 1.93
C GLY A 140 1.42 16.39 1.91
N TYR A 141 1.12 15.79 3.05
CA TYR A 141 1.11 14.34 3.17
C TYR A 141 0.06 13.74 2.24
N MET A 142 0.38 12.57 1.69
CA MET A 142 -0.54 11.85 0.81
C MET A 142 -1.38 10.91 1.68
N ILE A 143 -2.68 11.18 1.74
CA ILE A 143 -3.58 10.53 2.70
C ILE A 143 -4.63 9.73 1.94
N PRO A 144 -4.97 8.53 2.39
CA PRO A 144 -6.14 7.84 1.82
C PRO A 144 -7.42 8.62 2.10
N ALA A 145 -8.35 8.53 1.15
CA ALA A 145 -9.58 9.30 1.23
C ALA A 145 -10.41 8.89 2.44
N LEU A 146 -10.81 9.88 3.25
CA LEU A 146 -11.67 9.64 4.40
C LEU A 146 -13.13 9.79 3.99
N ARG A 147 -13.60 8.78 3.25
CA ARG A 147 -14.92 8.79 2.65
C ARG A 147 -15.78 7.69 3.27
N GLY A 148 -17.04 8.02 3.53
CA GLY A 148 -17.95 7.04 4.08
C GLY A 148 -17.55 6.60 5.47
N ASP A 149 -17.76 5.31 5.77
CA ASP A 149 -17.44 4.74 7.07
C ASP A 149 -16.25 3.79 7.02
N GLU A 150 -15.91 3.25 5.86
CA GLU A 150 -14.81 2.30 5.73
C GLU A 150 -13.69 2.93 4.91
N ILE A 151 -12.48 2.92 5.46
CA ILE A 151 -11.32 3.47 4.76
C ILE A 151 -10.84 2.47 3.72
N PRO A 152 -10.72 2.85 2.45
CA PRO A 152 -10.25 1.91 1.41
C PRO A 152 -8.73 1.80 1.38
N ALA A 153 -8.15 1.24 2.45
CA ALA A 153 -6.72 1.08 2.54
C ALA A 153 -6.41 -0.21 3.30
N GLN A 154 -5.21 -0.75 3.04
CA GLN A 154 -4.79 -1.97 3.71
C GLN A 154 -3.27 -2.04 3.73
N LEU A 155 -2.74 -2.67 4.78
CA LEU A 155 -1.30 -2.82 4.98
C LEU A 155 -1.01 -4.20 5.56
N GLU A 156 0.01 -4.87 5.02
CA GLU A 156 0.42 -6.18 5.53
C GLU A 156 1.93 -6.31 5.39
N ALA A 157 2.45 -7.50 5.68
CA ALA A 157 3.88 -7.79 5.61
C ALA A 157 4.11 -8.99 4.72
N GLN A 158 5.30 -9.01 4.09
CA GLN A 158 5.67 -10.05 3.15
C GLN A 158 7.03 -10.62 3.51
N PHE A 159 7.22 -11.90 3.17
CA PHE A 159 8.35 -12.72 3.58
C PHE A 159 9.33 -12.87 2.43
N HIS A 160 10.62 -12.65 2.70
CA HIS A 160 11.65 -12.81 1.68
C HIS A 160 12.89 -13.44 2.27
N VAL A 161 13.62 -14.19 1.43
CA VAL A 161 14.81 -14.91 1.82
C VAL A 161 15.87 -14.76 0.74
N ARG A 162 17.12 -14.97 1.12
CA ARG A 162 18.26 -14.95 0.20
C ARG A 162 18.82 -16.35 0.04
N PHE A 163 19.01 -16.78 -1.20
CA PHE A 163 19.54 -18.11 -1.48
C PHE A 163 21.03 -18.20 -1.18
N SER A 164 21.46 -19.35 -0.68
CA SER A 164 22.86 -19.61 -0.41
C SER A 164 23.12 -21.10 -0.56
N ASN A 165 24.40 -21.45 -0.78
CA ASN A 165 24.79 -22.84 -0.92
C ASN A 165 25.33 -23.44 0.37
N LYS A 166 25.74 -22.62 1.33
CA LYS A 166 26.23 -23.08 2.63
C LYS A 166 25.43 -22.36 3.70
N PRO A 167 24.27 -22.90 4.09
CA PRO A 167 23.44 -22.23 5.10
C PRO A 167 24.19 -22.07 6.41
N VAL A 168 24.34 -20.82 6.84
CA VAL A 168 25.04 -20.50 8.08
C VAL A 168 24.26 -19.49 8.89
N ALA A 173 19.44 -14.04 6.67
CA ALA A 173 19.10 -14.26 5.26
C ALA A 173 17.59 -14.19 5.05
N ILE A 174 16.87 -13.80 6.10
CA ILE A 174 15.41 -13.72 6.07
C ILE A 174 14.99 -12.32 6.51
N PHE A 175 14.07 -11.72 5.77
CA PHE A 175 13.58 -10.40 6.12
C PHE A 175 12.10 -10.28 5.72
N ASN A 176 11.47 -9.22 6.24
CA ASN A 176 10.06 -8.94 5.99
C ASN A 176 9.89 -7.49 5.56
N VAL A 177 9.00 -7.27 4.61
CA VAL A 177 8.78 -5.95 4.03
C VAL A 177 7.29 -5.62 4.08
N GLU A 178 6.96 -4.44 4.60
CA GLU A 178 5.57 -4.01 4.67
C GLU A 178 5.10 -3.46 3.33
N VAL A 179 3.91 -3.88 2.91
CA VAL A 179 3.33 -3.50 1.63
C VAL A 179 1.90 -3.02 1.86
N SER A 180 1.54 -1.91 1.21
CA SER A 180 0.25 -1.27 1.39
C SER A 180 -0.43 -1.02 0.05
N SER A 181 -1.76 -0.92 0.10
CA SER A 181 -2.59 -0.53 -1.03
C SER A 181 -3.60 0.50 -0.55
N ALA A 182 -3.80 1.55 -1.34
CA ALA A 182 -4.65 2.65 -0.90
C ALA A 182 -5.13 3.48 -2.08
N LEU A 183 -6.11 4.33 -1.79
CA LEU A 183 -6.62 5.35 -2.71
C LEU A 183 -6.16 6.69 -2.14
N TYR A 184 -5.00 7.15 -2.59
CA TYR A 184 -4.39 8.35 -2.05
C TYR A 184 -4.98 9.60 -2.68
N THR A 185 -5.00 10.70 -1.92
CA THR A 185 -5.45 11.98 -2.42
C THR A 185 -4.51 13.07 -1.91
N PHE A 186 -4.21 14.06 -2.75
CA PHE A 186 -3.41 15.17 -2.25
C PHE A 186 -3.61 16.40 -3.13
N SER A 187 -3.23 17.55 -2.58
CA SER A 187 -3.40 18.84 -3.22
C SER A 187 -2.09 19.62 -3.19
N PHE A 188 -1.97 20.56 -4.12
CA PHE A 188 -0.74 21.34 -4.27
C PHE A 188 -1.08 22.77 -4.67
N GLU A 189 -0.11 23.66 -4.45
CA GLU A 189 -0.23 25.08 -4.76
C GLU A 189 1.12 25.59 -5.24
N LEU A 190 1.11 26.41 -6.28
CA LEU A 190 2.33 26.96 -6.87
C LEU A 190 2.04 28.37 -7.36
N ASP A 191 2.66 29.36 -6.73
CA ASP A 191 2.51 30.76 -7.14
C ASP A 191 3.65 31.09 -8.09
N GLU A 192 3.31 31.33 -9.36
CA GLU A 192 4.31 31.62 -10.38
C GLU A 192 4.54 33.11 -10.56
N ASP A 193 3.86 33.95 -9.79
CA ASP A 193 4.01 35.40 -9.89
C ASP A 193 5.16 35.93 -9.05
N LEU A 194 5.83 35.08 -8.28
CA LEU A 194 6.96 35.50 -7.47
C LEU A 194 8.25 34.78 -7.84
N ILE A 195 8.26 34.02 -8.93
CA ILE A 195 9.47 33.35 -9.37
C ILE A 195 10.46 34.37 -9.90
N ALA A 196 11.73 34.22 -9.52
CA ALA A 196 12.80 35.13 -9.92
C ALA A 196 12.55 36.55 -9.45
N VAL A 197 11.92 36.70 -8.28
CA VAL A 197 11.67 38.00 -7.68
C VAL A 197 12.20 37.94 -6.25
N PRO A 198 13.13 38.81 -5.86
CA PRO A 198 13.65 38.78 -4.49
C PRO A 198 12.53 39.05 -3.48
N SER A 199 12.59 38.35 -2.36
CA SER A 199 11.62 38.51 -1.29
C SER A 199 12.17 39.30 -0.11
N THR A 200 13.41 39.76 -0.18
CA THR A 200 14.03 40.52 0.88
C THR A 200 13.93 42.01 0.56
N PHE A 201 13.47 42.79 1.53
CA PHE A 201 13.28 44.22 1.34
C PHE A 201 14.61 44.96 1.47
N GLY A 202 14.81 45.93 0.59
CA GLY A 202 16.04 46.70 0.59
C GLY A 202 16.10 47.69 -0.57
N GLU A 203 17.24 47.74 -1.25
CA GLU A 203 17.44 48.64 -2.37
C GLU A 203 17.86 47.84 -3.61
N LYS A 204 17.84 48.52 -4.75
CA LYS A 204 18.20 47.88 -6.01
C LYS A 204 19.67 47.48 -5.99
N VAL A 205 19.96 46.31 -6.56
CA VAL A 205 21.30 45.75 -6.60
C VAL A 205 21.60 45.32 -8.03
N LYS A 206 22.80 45.63 -8.50
CA LYS A 206 23.20 45.26 -9.85
C LYS A 206 23.16 43.75 -10.03
N GLY A 207 22.67 43.33 -11.20
CA GLY A 207 22.50 41.92 -11.52
C GLY A 207 21.07 41.47 -11.63
N GLU A 208 20.10 42.34 -11.30
CA GLU A 208 18.70 41.96 -11.39
C GLU A 208 18.20 41.96 -12.83
N GLU A 209 18.92 42.61 -13.75
CA GLU A 209 18.52 42.62 -15.15
C GLU A 209 18.57 41.21 -15.74
N GLU A 210 19.60 40.44 -15.39
CA GLU A 210 19.66 39.06 -15.86
C GLU A 210 18.50 38.23 -15.31
N LEU A 211 18.14 38.46 -14.04
CA LEU A 211 16.98 37.78 -13.47
C LEU A 211 15.71 38.15 -14.23
N GLU A 212 15.55 39.42 -14.57
CA GLU A 212 14.37 39.84 -15.31
C GLU A 212 14.35 39.21 -16.69
N ARG A 213 15.51 39.10 -17.33
CA ARG A 213 15.58 38.46 -18.65
C ARG A 213 15.23 36.98 -18.57
N GLN A 214 15.71 36.30 -17.54
CA GLN A 214 15.53 34.86 -17.40
C GLN A 214 14.25 34.47 -16.68
N LYS A 215 13.44 35.45 -16.26
CA LYS A 215 12.21 35.14 -15.51
C LYS A 215 11.28 34.24 -16.31
N ALA A 216 11.11 34.51 -17.61
CA ALA A 216 10.21 33.69 -18.42
C ALA A 216 10.68 32.25 -18.48
N LYS A 217 11.98 32.04 -18.70
CA LYS A 217 12.52 30.68 -18.77
C LYS A 217 12.38 29.98 -17.42
N ARG A 218 12.64 30.69 -16.33
CA ARG A 218 12.50 30.08 -15.00
C ARG A 218 11.06 29.67 -14.74
N VAL A 219 10.10 30.53 -15.11
CA VAL A 219 8.69 30.19 -14.93
C VAL A 219 8.32 28.98 -15.77
N LYS A 220 8.79 28.94 -17.02
CA LYS A 220 8.50 27.79 -17.88
C LYS A 220 9.06 26.51 -17.29
N SER A 221 10.29 26.56 -16.79
CA SER A 221 10.89 25.36 -16.19
C SER A 221 10.13 24.92 -14.95
N ALA A 222 9.72 25.88 -14.11
CA ALA A 222 8.97 25.53 -12.91
C ALA A 222 7.64 24.88 -13.26
N ILE A 223 6.96 25.40 -14.29
CA ILE A 223 5.70 24.79 -14.72
C ILE A 223 5.94 23.39 -15.29
N LYS A 224 7.00 23.23 -16.09
CA LYS A 224 7.28 21.92 -16.68
C LYS A 224 7.66 20.88 -15.63
N ALA A 225 8.25 21.31 -14.51
CA ALA A 225 8.69 20.36 -13.51
C ALA A 225 7.54 19.63 -12.83
N LEU A 226 6.30 20.13 -12.95
CA LEU A 226 5.15 19.48 -12.33
C LEU A 226 4.79 18.17 -13.01
N TYR A 227 5.33 17.89 -14.20
CA TYR A 227 5.02 16.64 -14.88
C TYR A 227 5.50 15.43 -14.09
N SER A 228 6.61 15.56 -13.37
CA SER A 228 7.09 14.45 -12.56
C SER A 228 6.10 14.10 -11.45
N LEU A 229 5.57 15.12 -10.77
CA LEU A 229 4.61 14.85 -9.70
C LEU A 229 3.28 14.35 -10.25
N LEU A 230 2.84 14.90 -11.39
CA LEU A 230 1.55 14.49 -11.94
C LEU A 230 1.63 13.15 -12.67
N SER A 231 2.84 12.67 -12.97
CA SER A 231 3.01 11.37 -13.61
C SER A 231 3.25 10.26 -12.60
N GLY A 232 3.93 10.54 -11.49
CA GLY A 232 4.08 9.58 -10.43
C GLY A 232 5.45 8.93 -10.33
N ASN A 233 6.52 9.70 -10.50
CA ASN A 233 7.88 9.23 -10.26
C ASN A 233 8.44 9.99 -9.07
N PHE A 234 8.07 9.55 -7.88
CA PHE A 234 8.56 10.18 -6.66
C PHE A 234 9.06 9.19 -5.62
N GLY A 235 8.44 8.02 -5.50
CA GLY A 235 8.71 7.16 -4.36
C GLY A 235 9.98 6.35 -4.50
N GLY A 236 10.47 5.85 -3.35
CA GLY A 236 11.63 5.00 -3.31
C GLY A 236 11.27 3.53 -3.40
N LYS A 237 12.30 2.69 -3.22
CA LYS A 237 12.18 1.24 -3.35
C LYS A 237 11.55 0.87 -4.69
N ARG A 238 11.98 1.58 -5.73
CA ARG A 238 11.41 1.44 -7.06
C ARG A 238 12.09 0.36 -7.89
N SER A 239 13.20 -0.21 -7.40
CA SER A 239 13.92 -1.20 -8.19
C SER A 239 13.20 -2.54 -8.22
N ARG A 240 12.62 -2.96 -7.10
CA ARG A 240 11.93 -4.24 -7.01
C ARG A 240 10.49 -4.14 -6.57
N PHE A 241 10.00 -2.96 -6.20
CA PHE A 241 8.63 -2.73 -5.77
C PHE A 241 8.00 -1.61 -6.58
N LEU A 242 8.13 -1.69 -7.91
CA LEU A 242 7.56 -0.73 -8.83
C LEU A 242 6.04 -0.63 -8.62
N PRO A 243 5.55 0.49 -8.08
CA PRO A 243 4.12 0.60 -7.82
C PRO A 243 3.30 0.68 -9.10
N SER A 244 2.04 0.23 -8.99
CA SER A 244 1.07 0.33 -10.08
C SER A 244 0.18 1.53 -9.80
N MET A 245 0.32 2.59 -10.58
CA MET A 245 -0.36 3.84 -10.33
C MET A 245 -1.23 4.22 -11.52
N LYS A 246 -2.36 4.87 -11.23
CA LYS A 246 -3.26 5.35 -12.27
C LYS A 246 -3.99 6.58 -11.73
N LEU A 247 -4.50 7.38 -12.67
CA LEU A 247 -5.16 8.64 -12.35
C LEU A 247 -6.68 8.45 -12.36
N MET A 248 -7.35 9.08 -11.38
CA MET A 248 -8.79 8.99 -11.25
C MET A 248 -9.49 10.33 -11.44
N SER A 249 -9.05 11.37 -10.73
CA SER A 249 -9.66 12.68 -10.84
C SER A 249 -8.63 13.75 -10.52
N LEU A 250 -8.76 14.90 -11.18
CA LEU A 250 -7.82 16.00 -11.01
C LEU A 250 -8.51 17.31 -11.33
N VAL A 251 -8.33 18.31 -10.47
CA VAL A 251 -8.87 19.65 -10.69
C VAL A 251 -7.76 20.66 -10.48
N VAL A 252 -7.60 21.58 -11.43
CA VAL A 252 -6.59 22.64 -11.34
C VAL A 252 -7.25 23.98 -11.59
N THR A 253 -6.94 24.96 -10.75
CA THR A 253 -7.47 26.31 -10.86
C THR A 253 -6.33 27.30 -11.00
N LYS A 254 -6.44 28.17 -12.00
CA LYS A 254 -5.50 29.27 -12.22
C LYS A 254 -6.23 30.58 -11.94
N THR A 255 -5.72 31.35 -10.98
CA THR A 255 -6.41 32.54 -10.51
C THR A 255 -5.41 33.68 -10.34
N ASP A 256 -5.94 34.87 -10.10
CA ASP A 256 -5.15 36.04 -9.75
C ASP A 256 -5.28 36.43 -8.29
N PHE A 257 -6.08 35.69 -7.52
CA PHE A 257 -6.35 35.93 -6.12
C PHE A 257 -6.19 34.63 -5.36
N PRO A 258 -5.92 34.70 -4.06
CA PRO A 258 -5.78 33.46 -3.28
C PRO A 258 -7.06 32.64 -3.30
N PHE A 259 -6.89 31.32 -3.38
CA PHE A 259 -8.03 30.40 -3.45
C PHE A 259 -7.52 28.99 -3.19
N MET A 260 -8.29 28.21 -2.43
CA MET A 260 -7.93 26.84 -2.09
C MET A 260 -9.04 25.89 -2.53
N PRO A 261 -8.77 24.94 -3.42
CA PRO A 261 -9.81 24.01 -3.86
C PRO A 261 -10.18 23.02 -2.78
N GLU A 262 -11.35 22.41 -2.95
CA GLU A 262 -11.83 21.43 -1.98
C GLU A 262 -10.99 20.17 -2.03
N PRO A 263 -10.70 19.55 -0.89
CA PRO A 263 -9.99 18.27 -0.89
C PRO A 263 -10.79 17.18 -1.56
N ALA A 264 -10.10 16.10 -1.94
CA ALA A 264 -10.70 15.00 -2.69
C ALA A 264 -11.26 13.92 -1.78
N HIS A 265 -11.65 14.27 -0.55
CA HIS A 265 -12.21 13.28 0.37
C HIS A 265 -13.60 12.82 -0.08
N ASP A 266 -14.43 13.74 -0.54
CA ASP A 266 -15.81 13.44 -0.91
C ASP A 266 -15.93 13.29 -2.42
N ASP A 267 -16.98 12.57 -2.83
CA ASP A 267 -17.21 12.37 -4.26
C ASP A 267 -17.59 13.67 -4.95
N ASP A 268 -18.18 14.62 -4.22
CA ASP A 268 -18.59 15.90 -4.79
C ASP A 268 -17.63 16.97 -4.28
N TYR A 269 -16.51 17.14 -4.99
CA TYR A 269 -15.56 18.18 -4.66
C TYR A 269 -15.12 18.99 -5.87
N ILE A 270 -15.65 18.69 -7.06
CA ILE A 270 -15.34 19.47 -8.25
C ILE A 270 -16.36 20.57 -8.46
N LYS A 271 -17.65 20.22 -8.43
CA LYS A 271 -18.70 21.22 -8.59
C LYS A 271 -18.69 22.23 -7.44
N THR A 272 -18.45 21.75 -6.22
CA THR A 272 -18.34 22.65 -5.08
C THR A 272 -17.17 23.61 -5.27
N THR A 273 -16.04 23.11 -5.74
CA THR A 273 -14.89 23.97 -5.99
C THR A 273 -15.19 25.01 -7.05
N ILE A 274 -15.89 24.63 -8.11
CA ILE A 274 -16.21 25.57 -9.18
C ILE A 274 -17.14 26.66 -8.69
N MET A 275 -18.18 26.27 -7.94
CA MET A 275 -19.11 27.27 -7.40
C MET A 275 -18.40 28.22 -6.44
N ARG A 276 -17.55 27.67 -5.56
CA ARG A 276 -16.79 28.50 -4.64
C ARG A 276 -15.86 29.43 -5.39
N LEU A 277 -15.26 28.96 -6.48
CA LEU A 277 -14.37 29.80 -7.28
C LEU A 277 -15.12 30.96 -7.91
N GLY A 278 -16.30 30.69 -8.47
CA GLY A 278 -17.08 31.77 -9.05
C GLY A 278 -17.49 32.80 -8.00
N LYS A 279 -17.99 32.33 -6.85
CA LYS A 279 -18.42 33.25 -5.82
C LYS A 279 -17.24 34.04 -5.23
N ALA A 280 -16.08 33.40 -5.10
CA ALA A 280 -14.90 34.11 -4.59
C ALA A 280 -14.38 35.12 -5.60
N LYS A 281 -14.45 34.81 -6.89
CA LYS A 281 -14.10 35.80 -7.90
C LYS A 281 -15.04 37.00 -7.83
N GLY A 282 -16.33 36.74 -7.63
CA GLY A 282 -17.26 37.85 -7.44
C GLY A 282 -16.95 38.67 -6.20
N VAL A 283 -16.61 38.00 -5.10
CA VAL A 283 -16.41 38.69 -3.83
C VAL A 283 -15.14 39.53 -3.84
N LEU A 284 -14.04 38.95 -4.31
CA LEU A 284 -12.73 39.55 -4.17
C LEU A 284 -12.34 40.45 -5.34
N ASN A 285 -13.24 40.68 -6.29
CA ASN A 285 -12.98 41.55 -7.44
C ASN A 285 -11.78 41.07 -8.24
N GLY A 286 -11.80 39.79 -8.62
CA GLY A 286 -10.73 39.24 -9.42
C GLY A 286 -10.89 39.55 -10.90
N ASN A 287 -9.85 39.21 -11.66
CA ASN A 287 -9.83 39.44 -13.09
C ASN A 287 -9.58 38.18 -13.91
N LEU A 288 -9.06 37.12 -13.31
CA LEU A 288 -8.78 35.88 -14.03
C LEU A 288 -9.09 34.70 -13.12
N ALA A 289 -9.84 33.74 -13.66
CA ALA A 289 -10.17 32.53 -12.90
C ALA A 289 -10.54 31.45 -13.93
N LYS A 290 -9.70 30.44 -14.05
CA LYS A 290 -9.91 29.36 -15.00
C LYS A 290 -9.78 28.02 -14.28
N ALA A 291 -10.54 27.04 -14.75
CA ALA A 291 -10.58 25.71 -14.15
C ALA A 291 -10.37 24.66 -15.21
N TYR A 292 -9.60 23.63 -14.85
CA TYR A 292 -9.34 22.49 -15.72
C TYR A 292 -9.65 21.22 -14.94
N VAL A 293 -10.33 20.29 -15.59
CA VAL A 293 -10.82 19.07 -14.95
C VAL A 293 -10.41 17.87 -15.78
N ILE A 294 -9.80 16.89 -15.12
CA ILE A 294 -9.52 15.58 -15.71
C ILE A 294 -10.32 14.56 -14.92
N ASN A 295 -11.22 13.85 -15.61
CA ASN A 295 -12.13 12.93 -14.95
C ASN A 295 -12.07 11.57 -15.62
N ASN A 296 -11.92 10.52 -14.81
CA ASN A 296 -11.91 9.15 -15.29
C ASN A 296 -12.83 8.22 -14.51
N GLU A 297 -13.27 8.60 -13.31
CA GLU A 297 -14.12 7.76 -12.48
C GLU A 297 -15.60 8.08 -12.62
N GLY A 298 -15.97 9.00 -13.52
CA GLY A 298 -17.36 9.26 -13.80
C GLY A 298 -18.18 9.85 -12.67
N ILE A 299 -17.64 10.86 -11.99
CA ILE A 299 -18.37 11.57 -10.95
C ILE A 299 -18.90 12.87 -11.52
N GLU A 300 -19.82 13.49 -10.78
CA GLU A 300 -20.41 14.75 -11.23
C GLU A 300 -19.38 15.87 -11.23
N VAL A 301 -19.43 16.69 -12.28
CA VAL A 301 -18.49 17.80 -12.43
C VAL A 301 -19.25 19.12 -12.50
N GLY A 302 -20.17 19.21 -13.47
CA GLY A 302 -20.95 20.42 -13.64
C GLY A 302 -21.11 20.82 -15.10
N GLU A 303 -21.27 22.11 -15.36
CA GLU A 303 -21.44 22.62 -16.71
C GLU A 303 -20.56 23.84 -16.91
N GLY A 304 -20.20 24.08 -18.17
CA GLY A 304 -19.35 25.22 -18.51
C GLY A 304 -17.95 25.14 -17.93
N VAL A 305 -17.38 23.94 -17.91
CA VAL A 305 -16.03 23.72 -17.38
C VAL A 305 -15.22 22.98 -18.44
N THR A 306 -13.99 23.42 -18.66
CA THR A 306 -13.12 22.78 -19.63
C THR A 306 -12.74 21.39 -19.14
N VAL A 307 -12.85 20.40 -20.03
CA VAL A 307 -12.51 19.02 -19.72
C VAL A 307 -11.34 18.58 -20.59
N LEU A 308 -10.36 17.94 -19.97
CA LEU A 308 -9.16 17.46 -20.64
C LEU A 308 -9.18 15.93 -20.69
N SER A 309 -8.11 15.36 -21.21
CA SER A 309 -8.00 13.91 -21.30
C SER A 309 -6.74 13.37 -20.64
N THR A 310 -5.61 14.06 -20.77
CA THR A 310 -4.35 13.60 -20.20
C THR A 310 -3.70 14.72 -19.41
N VAL A 311 -2.47 14.48 -18.97
CA VAL A 311 -1.75 15.47 -18.15
C VAL A 311 -0.87 16.36 -19.01
N GLU A 312 -0.34 15.83 -20.11
CA GLU A 312 0.52 16.61 -20.99
C GLU A 312 -0.24 17.79 -21.57
N ASP A 313 -1.51 17.59 -21.92
CA ASP A 313 -2.33 18.70 -22.39
C ASP A 313 -2.47 19.77 -21.31
N LEU A 314 -2.64 19.34 -20.06
CA LEU A 314 -2.72 20.31 -18.96
C LEU A 314 -1.43 21.10 -18.83
N VAL A 315 -0.28 20.41 -18.96
CA VAL A 315 1.00 21.10 -18.86
C VAL A 315 1.16 22.11 -19.99
N VAL A 316 0.77 21.71 -21.21
CA VAL A 316 0.87 22.62 -22.36
C VAL A 316 -0.01 23.84 -22.15
N LYS A 317 -1.25 23.62 -21.69
CA LYS A 317 -2.16 24.75 -21.47
C LYS A 317 -1.66 25.67 -20.38
N LEU A 318 -1.07 25.10 -19.32
CA LEU A 318 -0.51 25.93 -18.25
C LEU A 318 0.67 26.75 -18.78
N GLU A 319 1.50 26.15 -19.62
CA GLU A 319 2.64 26.88 -20.18
C GLU A 319 2.18 28.01 -21.08
N GLU A 320 1.23 27.73 -21.99
CA GLU A 320 0.82 28.73 -22.96
C GLU A 320 0.14 29.92 -22.30
N GLU A 321 -0.73 29.68 -21.33
CA GLU A 321 -1.43 30.78 -20.66
C GLU A 321 -0.62 31.33 -19.49
N MET B 1 15.95 5.05 -22.62
CA MET B 1 15.46 3.99 -21.76
C MET B 1 14.46 3.11 -22.48
N ILE B 2 14.40 1.84 -22.08
CA ILE B 2 13.48 0.88 -22.65
C ILE B 2 12.47 0.53 -21.56
N SER B 3 11.21 0.93 -21.75
CA SER B 3 10.15 0.61 -20.81
C SER B 3 9.14 -0.30 -21.49
N GLY B 4 8.33 -0.97 -20.69
CA GLY B 4 7.32 -1.85 -21.27
C GLY B 4 6.33 -2.35 -20.25
N SER B 5 5.20 -2.80 -20.76
CA SER B 5 4.16 -3.48 -19.99
C SER B 5 3.73 -4.73 -20.72
N VAL B 6 3.27 -5.73 -19.97
CA VAL B 6 3.01 -7.05 -20.54
C VAL B 6 1.97 -7.76 -19.69
N ARG B 7 1.15 -8.59 -20.34
CA ARG B 7 0.15 -9.43 -19.70
C ARG B 7 0.52 -10.90 -19.85
N PHE B 8 0.16 -11.69 -18.83
CA PHE B 8 0.37 -13.14 -18.85
C PHE B 8 -0.87 -13.84 -18.32
N LEU B 9 -1.10 -15.04 -18.84
CA LEU B 9 -2.19 -15.91 -18.38
C LEU B 9 -1.56 -17.17 -17.81
N VAL B 10 -1.68 -17.36 -16.50
CA VAL B 10 -1.03 -18.46 -15.79
C VAL B 10 -2.10 -19.30 -15.11
N ASN B 11 -2.03 -20.61 -15.30
CA ASN B 11 -3.02 -21.52 -14.76
C ASN B 11 -2.34 -22.68 -14.04
N LEU B 12 -2.88 -23.04 -12.87
CA LEU B 12 -2.38 -24.16 -12.07
C LEU B 12 -0.90 -23.98 -11.74
N GLU B 13 -0.62 -22.91 -10.99
CA GLU B 13 0.74 -22.51 -10.70
C GLU B 13 0.98 -22.40 -9.20
N SER B 14 2.20 -22.74 -8.80
CA SER B 14 2.72 -22.45 -7.47
C SER B 14 4.16 -22.00 -7.68
N LEU B 15 4.34 -20.69 -7.89
CA LEU B 15 5.64 -20.15 -8.26
C LEU B 15 6.33 -19.37 -7.15
N ASN B 16 5.58 -18.91 -6.16
CA ASN B 16 6.16 -18.18 -5.03
C ASN B 16 5.53 -18.68 -3.74
N GLY B 17 6.35 -19.07 -2.79
CA GLY B 17 5.87 -19.63 -1.55
C GLY B 17 6.20 -18.79 -0.32
N VAL B 18 5.44 -19.01 0.74
CA VAL B 18 5.64 -18.33 2.02
C VAL B 18 5.75 -19.42 3.09
N GLU B 19 5.96 -19.01 4.34
CA GLU B 19 6.08 -19.97 5.43
C GLU B 19 4.85 -20.86 5.51
N SER B 20 5.10 -22.15 5.72
CA SER B 20 4.06 -23.17 5.75
C SER B 20 3.62 -23.45 7.18
N ILE B 21 2.35 -23.81 7.32
CA ILE B 21 1.76 -24.15 8.61
C ILE B 21 1.23 -25.58 8.53
N GLY B 22 1.63 -26.41 9.49
CA GLY B 22 1.24 -27.81 9.47
C GLY B 22 1.80 -28.52 8.24
N ASN B 23 0.90 -29.15 7.48
CA ASN B 23 1.26 -29.83 6.24
C ASN B 23 0.71 -29.11 5.03
N LEU B 24 0.51 -27.79 5.14
CA LEU B 24 -0.03 -26.97 4.07
C LEU B 24 1.03 -25.97 3.62
N THR B 25 1.36 -25.98 2.34
CA THR B 25 2.26 -25.01 1.76
C THR B 25 1.43 -23.87 1.18
N LYS B 26 1.76 -22.64 1.55
CA LYS B 26 0.92 -21.49 1.24
C LYS B 26 1.46 -20.71 0.05
N HIS B 27 0.53 -20.23 -0.77
CA HIS B 27 0.84 -19.33 -1.87
C HIS B 27 0.74 -17.89 -1.41
N ARG B 28 1.63 -17.05 -1.91
CA ARG B 28 1.66 -15.66 -1.47
C ARG B 28 0.37 -14.94 -1.85
N THR B 29 -0.17 -14.16 -0.91
CA THR B 29 -1.36 -13.37 -1.12
C THR B 29 -1.14 -11.96 -0.61
N ALA B 30 -1.86 -11.00 -1.19
CA ALA B 30 -1.72 -9.60 -0.85
C ALA B 30 -3.05 -8.90 -1.02
N PRO B 31 -3.29 -7.80 -0.31
CA PRO B 31 -4.54 -7.05 -0.47
C PRO B 31 -4.47 -6.05 -1.61
N VAL B 32 -5.63 -5.77 -2.19
CA VAL B 32 -5.77 -4.82 -3.27
C VAL B 32 -7.03 -3.99 -3.05
N VAL B 33 -6.97 -2.74 -3.48
CA VAL B 33 -8.12 -1.83 -3.43
C VAL B 33 -8.67 -1.71 -4.84
N LEU B 34 -9.94 -2.07 -5.01
CA LEU B 34 -10.55 -2.14 -6.34
C LEU B 34 -11.81 -1.29 -6.37
N LYS B 35 -12.04 -0.64 -7.51
CA LYS B 35 -13.16 0.27 -7.69
C LYS B 35 -14.28 -0.45 -8.44
N THR B 36 -15.47 -0.51 -7.84
CA THR B 36 -16.66 -1.06 -8.46
C THR B 36 -17.72 0.00 -8.56
N SER B 37 -18.83 -0.34 -9.24
CA SER B 37 -19.93 0.58 -9.40
C SER B 37 -20.56 0.97 -8.06
N THR B 38 -20.34 0.16 -7.02
CA THR B 38 -20.86 0.46 -5.69
C THR B 38 -19.86 1.20 -4.81
N GLY B 39 -18.68 1.54 -5.33
CA GLY B 39 -17.71 2.27 -4.55
C GLY B 39 -16.32 1.67 -4.58
N TYR B 40 -15.69 1.53 -3.42
CA TYR B 40 -14.34 1.00 -3.32
C TYR B 40 -14.33 -0.16 -2.33
N LEU B 41 -13.62 -1.23 -2.68
CA LEU B 41 -13.57 -2.43 -1.87
C LEU B 41 -12.13 -2.89 -1.70
N VAL B 42 -11.91 -3.70 -0.67
CA VAL B 42 -10.61 -4.28 -0.37
C VAL B 42 -10.74 -5.80 -0.49
N ARG B 43 -9.85 -6.39 -1.28
CA ARG B 43 -9.89 -7.83 -1.55
C ARG B 43 -8.51 -8.43 -1.37
N TYR B 44 -8.46 -9.76 -1.36
CA TYR B 44 -7.23 -10.51 -1.21
C TYR B 44 -6.99 -11.35 -2.46
N VAL B 45 -5.81 -11.23 -3.06
CA VAL B 45 -5.51 -11.94 -4.30
C VAL B 45 -4.11 -12.50 -4.24
N PRO B 46 -3.87 -13.62 -4.92
CA PRO B 46 -2.51 -14.15 -5.00
C PRO B 46 -1.61 -13.23 -5.81
N VAL B 47 -0.35 -13.13 -5.40
CA VAL B 47 0.63 -12.25 -6.04
C VAL B 47 1.95 -12.99 -6.15
N ILE B 48 2.84 -12.45 -6.99
CA ILE B 48 4.18 -12.98 -7.15
C ILE B 48 5.17 -11.83 -6.98
N SER B 49 6.17 -12.03 -6.14
CA SER B 49 7.14 -10.97 -5.85
C SER B 49 8.10 -10.77 -7.03
N GLY B 50 8.74 -9.61 -7.04
CA GLY B 50 9.69 -9.28 -8.08
C GLY B 50 11.11 -9.79 -7.83
N GLU B 51 11.37 -10.32 -6.64
CA GLU B 51 12.68 -10.87 -6.34
C GLU B 51 13.02 -12.05 -7.23
N ALA B 52 12.04 -12.92 -7.48
CA ALA B 52 12.26 -14.05 -8.38
C ALA B 52 12.58 -13.60 -9.79
N LEU B 53 11.89 -12.56 -10.27
CA LEU B 53 12.17 -12.03 -11.60
C LEU B 53 13.61 -11.52 -11.69
N ALA B 54 14.04 -10.77 -10.68
CA ALA B 54 15.42 -10.26 -10.67
C ALA B 54 16.43 -11.40 -10.63
N HIS B 55 16.15 -12.43 -9.82
CA HIS B 55 17.07 -13.56 -9.74
C HIS B 55 17.17 -14.28 -11.07
N ALA B 56 16.05 -14.51 -11.74
CA ALA B 56 16.08 -15.17 -13.05
C ALA B 56 16.83 -14.33 -14.07
N TYR B 57 16.58 -13.02 -14.08
CA TYR B 57 17.29 -12.14 -15.00
C TYR B 57 18.79 -12.18 -14.76
N GLN B 58 19.21 -12.13 -13.49
CA GLN B 58 20.63 -12.14 -13.19
C GLN B 58 21.27 -13.48 -13.55
N ALA B 59 20.56 -14.58 -13.33
CA ALA B 59 21.11 -15.89 -13.70
C ALA B 59 21.29 -16.00 -15.21
N SER B 60 20.29 -15.54 -15.98
CA SER B 60 20.42 -15.57 -17.44
C SER B 60 21.56 -14.65 -17.89
N LEU B 61 21.73 -13.52 -17.23
CA LEU B 61 22.84 -12.63 -17.56
C LEU B 61 24.18 -13.29 -17.27
N VAL B 62 24.28 -14.02 -16.16
CA VAL B 62 25.51 -14.77 -15.87
C VAL B 62 25.81 -15.76 -16.99
N ASP B 63 24.79 -16.51 -17.40
CA ASP B 63 24.98 -17.52 -18.45
C ASP B 63 25.45 -16.86 -19.75
N ILE B 64 24.78 -15.79 -20.16
CA ILE B 64 25.13 -15.13 -21.42
C ILE B 64 26.51 -14.50 -21.34
N ALA B 65 26.85 -13.89 -20.20
CA ALA B 65 28.16 -13.27 -20.05
C ALA B 65 29.26 -14.32 -20.12
N LYS B 66 29.07 -15.46 -19.46
CA LYS B 66 30.08 -16.51 -19.53
C LYS B 66 30.21 -17.05 -20.94
N LYS B 67 29.09 -17.20 -21.66
CA LYS B 67 29.16 -17.69 -23.03
C LYS B 67 29.90 -16.70 -23.93
N GLU B 68 29.63 -15.41 -23.78
CA GLU B 68 30.25 -14.41 -24.65
C GLU B 68 31.72 -14.22 -24.33
N GLY B 69 32.07 -14.10 -23.06
CA GLY B 69 33.46 -13.92 -22.69
C GLY B 69 33.67 -12.78 -21.71
N LEU B 70 32.59 -12.16 -21.26
CA LEU B 70 32.69 -11.09 -20.29
C LEU B 70 33.07 -11.65 -18.91
N PRO B 71 33.81 -10.88 -18.11
CA PRO B 71 34.22 -11.37 -16.80
C PRO B 71 33.03 -11.60 -15.88
N VAL B 72 33.14 -12.63 -15.05
CA VAL B 72 32.11 -12.98 -14.08
C VAL B 72 32.79 -13.30 -12.75
N GLY B 73 32.22 -12.78 -11.66
CA GLY B 73 32.85 -12.96 -10.36
C GLY B 73 32.84 -14.41 -9.92
N SER B 74 33.69 -14.69 -8.93
CA SER B 74 33.82 -16.05 -8.42
C SER B 74 32.53 -16.52 -7.74
N LEU B 75 32.00 -15.70 -6.82
CA LEU B 75 30.75 -16.05 -6.16
C LEU B 75 29.54 -15.90 -7.06
N SER B 76 29.70 -15.31 -8.24
CA SER B 76 28.60 -15.16 -9.18
C SER B 76 28.56 -16.28 -10.20
N SER B 77 29.68 -16.95 -10.45
CA SER B 77 29.66 -18.13 -11.32
C SER B 77 28.76 -19.20 -10.73
N GLN B 78 28.89 -19.45 -9.43
CA GLN B 78 27.86 -20.17 -8.70
C GLN B 78 26.68 -19.24 -8.47
N TYR B 79 25.47 -19.75 -8.67
CA TYR B 79 24.30 -18.88 -8.65
C TYR B 79 23.94 -18.47 -7.22
N GLU B 80 24.79 -17.65 -6.61
CA GLU B 80 24.56 -17.09 -5.29
C GLU B 80 24.81 -15.59 -5.38
N PHE B 81 23.73 -14.81 -5.47
CA PHE B 81 23.85 -13.38 -5.72
C PHE B 81 23.98 -12.57 -4.44
N ILE B 82 24.96 -12.94 -3.60
CA ILE B 82 25.27 -12.11 -2.44
C ILE B 82 26.06 -10.88 -2.84
N LYS B 83 26.74 -10.92 -4.00
CA LYS B 83 27.53 -9.83 -4.52
C LYS B 83 28.60 -9.39 -3.51
N PHE B 84 29.09 -8.17 -3.66
CA PHE B 84 30.16 -7.67 -2.80
C PHE B 84 29.56 -6.86 -1.65
N SER B 85 28.82 -7.58 -0.80
CA SER B 85 28.11 -6.98 0.31
C SER B 85 28.82 -7.16 1.65
N THR B 86 29.29 -8.37 1.93
CA THR B 86 29.94 -8.69 3.20
C THR B 86 31.43 -8.87 2.98
N ASP B 87 32.17 -8.86 4.09
CA ASP B 87 33.63 -9.00 4.01
C ASP B 87 34.05 -10.36 3.48
N GLU B 88 33.26 -11.39 3.75
CA GLU B 88 33.59 -12.73 3.26
C GLU B 88 33.58 -12.79 1.74
N ALA B 89 32.60 -12.12 1.12
CA ALA B 89 32.54 -12.11 -0.34
C ALA B 89 33.76 -11.42 -0.94
N LEU B 90 34.16 -10.28 -0.38
CA LEU B 90 35.36 -9.60 -0.85
C LEU B 90 36.61 -10.44 -0.65
N LYS B 91 36.70 -11.13 0.49
CA LYS B 91 37.84 -11.99 0.74
C LYS B 91 37.91 -13.13 -0.27
N ILE B 92 36.76 -13.73 -0.59
CA ILE B 92 36.73 -14.82 -1.56
C ILE B 92 37.10 -14.30 -2.95
N GLU B 93 36.48 -13.20 -3.38
CA GLU B 93 36.73 -12.66 -4.71
C GLU B 93 38.13 -12.08 -4.83
N GLY B 94 38.61 -11.42 -3.78
CA GLY B 94 39.96 -10.87 -3.80
C GLY B 94 40.03 -9.39 -4.16
N ILE B 95 39.17 -8.59 -3.55
CA ILE B 95 39.14 -7.14 -3.77
C ILE B 95 39.28 -6.44 -2.43
N LYS B 96 40.19 -5.49 -2.35
CA LYS B 96 40.41 -4.75 -1.11
C LYS B 96 39.24 -3.84 -0.82
N GLU B 97 39.03 -3.57 0.47
CA GLU B 97 37.95 -2.69 0.89
C GLU B 97 38.31 -1.23 0.65
N PRO B 98 37.32 -0.38 0.40
CA PRO B 98 37.62 1.06 0.23
C PRO B 98 38.22 1.64 1.50
N LYS B 99 39.17 2.55 1.32
CA LYS B 99 39.82 3.19 2.46
C LYS B 99 39.04 4.40 2.97
N ASP B 100 38.57 5.26 2.06
CA ASP B 100 37.81 6.45 2.42
C ASP B 100 36.91 6.81 1.24
N TYR B 101 36.33 8.01 1.30
CA TYR B 101 35.42 8.44 0.24
C TYR B 101 36.15 8.58 -1.09
N ASN B 102 37.35 9.17 -1.07
CA ASN B 102 38.07 9.46 -2.30
C ASN B 102 38.42 8.18 -3.06
N ASP B 103 38.65 7.08 -2.36
CA ASP B 103 38.99 5.81 -2.97
C ASP B 103 37.78 5.08 -3.54
N ALA B 104 36.56 5.50 -3.17
CA ALA B 104 35.37 4.73 -3.51
C ALA B 104 35.27 4.48 -5.02
N ARG B 105 35.52 5.50 -5.82
CA ARG B 105 35.48 5.36 -7.28
C ARG B 105 36.33 4.18 -7.75
N ARG B 106 37.58 4.11 -7.29
CA ARG B 106 38.45 3.01 -7.67
C ARG B 106 37.81 1.67 -7.36
N PHE B 107 37.30 1.52 -6.13
CA PHE B 107 36.63 0.28 -5.74
C PHE B 107 35.52 -0.06 -6.71
N GLU B 108 34.66 0.91 -7.01
CA GLU B 108 33.55 0.66 -7.93
C GLU B 108 34.05 0.18 -9.28
N VAL B 109 35.08 0.85 -9.81
CA VAL B 109 35.62 0.46 -11.11
C VAL B 109 36.11 -0.98 -11.08
N GLU B 110 36.85 -1.33 -10.02
CA GLU B 110 37.36 -2.70 -9.91
C GLU B 110 36.21 -3.70 -9.86
N VAL B 111 35.16 -3.39 -9.10
CA VAL B 111 34.02 -4.29 -8.99
C VAL B 111 33.32 -4.43 -10.34
N MET B 112 33.29 -3.35 -11.12
CA MET B 112 32.68 -3.40 -12.43
C MET B 112 33.56 -4.10 -13.46
N LEU B 113 34.85 -4.25 -13.18
CA LEU B 113 35.79 -4.89 -14.09
C LEU B 113 35.90 -6.39 -13.89
N LYS B 114 35.22 -6.94 -12.89
CA LYS B 114 35.28 -8.36 -12.59
C LYS B 114 33.96 -9.07 -12.72
N ASP B 115 32.84 -8.42 -12.37
CA ASP B 115 31.52 -9.03 -12.39
C ASP B 115 30.57 -8.12 -13.15
N VAL B 116 29.94 -8.66 -14.19
CA VAL B 116 28.92 -7.90 -14.93
C VAL B 116 27.67 -7.71 -14.08
N ILE B 117 27.36 -8.67 -13.20
CA ILE B 117 26.15 -8.60 -12.40
C ILE B 117 26.16 -7.39 -11.48
N ALA B 118 27.31 -7.14 -10.84
CA ALA B 118 27.43 -5.96 -9.99
C ALA B 118 27.35 -4.66 -10.77
N ASP B 119 27.49 -4.71 -12.09
CA ASP B 119 27.39 -3.53 -12.95
C ASP B 119 25.98 -3.28 -13.44
N VAL B 120 25.27 -4.33 -13.86
CA VAL B 120 23.94 -4.16 -14.42
C VAL B 120 22.89 -4.11 -13.32
N GLY B 121 22.89 -5.10 -12.44
CA GLY B 121 21.92 -5.22 -11.37
C GLY B 121 22.19 -4.40 -10.13
N GLY B 122 23.27 -3.64 -10.09
CA GLY B 122 23.58 -2.81 -8.95
C GLY B 122 24.12 -3.61 -7.79
N PHE B 123 24.66 -2.91 -6.81
CA PHE B 123 25.25 -3.56 -5.65
C PHE B 123 25.33 -2.57 -4.49
N MET B 124 25.57 -3.11 -3.30
CA MET B 124 25.68 -2.32 -2.09
C MET B 124 26.77 -2.88 -1.19
N TYR B 125 27.62 -1.99 -0.67
CA TYR B 125 28.62 -2.36 0.31
C TYR B 125 28.48 -1.43 1.51
N ALA B 126 28.33 -2.01 2.69
CA ALA B 126 28.13 -1.27 3.93
C ALA B 126 29.40 -1.35 4.78
N GLY B 127 29.83 -0.20 5.30
CA GLY B 127 31.04 -0.17 6.10
C GLY B 127 31.46 1.26 6.40
N GLY B 128 32.76 1.43 6.61
CA GLY B 128 33.29 2.76 6.90
C GLY B 128 33.03 3.74 5.76
N ALA B 129 33.11 3.27 4.52
CA ALA B 129 32.85 4.07 3.33
C ALA B 129 31.81 3.32 2.50
N PRO B 130 30.52 3.47 2.83
CA PRO B 130 29.49 2.74 2.09
C PRO B 130 29.48 3.12 0.62
N VAL B 131 29.23 2.14 -0.24
CA VAL B 131 29.17 2.34 -1.68
C VAL B 131 27.85 1.77 -2.19
N ARG B 132 27.15 2.56 -2.98
CA ARG B 132 25.84 2.19 -3.51
C ARG B 132 25.85 2.27 -5.03
N ARG B 133 25.09 1.37 -5.65
CA ARG B 133 24.91 1.41 -7.09
C ARG B 133 23.51 0.85 -7.39
N THR B 134 22.61 1.73 -7.79
CA THR B 134 21.24 1.35 -8.06
C THR B 134 21.15 0.44 -9.29
N SER B 135 20.23 -0.51 -9.23
CA SER B 135 20.03 -1.42 -10.36
C SER B 135 19.54 -0.65 -11.58
N ARG B 136 19.99 -1.09 -12.76
CA ARG B 136 19.55 -0.49 -14.01
C ARG B 136 18.30 -1.17 -14.56
N ILE B 137 17.83 -2.24 -13.93
CA ILE B 137 16.56 -2.88 -14.28
C ILE B 137 15.62 -2.76 -13.09
N LYS B 138 14.39 -2.35 -13.35
CA LYS B 138 13.38 -2.14 -12.32
C LYS B 138 12.18 -3.02 -12.61
N LEU B 139 11.72 -3.74 -11.58
CA LEU B 139 10.59 -4.64 -11.69
C LEU B 139 9.63 -4.42 -10.53
N GLY B 140 8.50 -5.11 -10.57
CA GLY B 140 7.50 -4.98 -9.53
C GLY B 140 6.74 -6.29 -9.35
N TYR B 141 5.83 -6.28 -8.37
CA TYR B 141 5.02 -7.45 -8.10
C TYR B 141 4.13 -7.78 -9.30
N MET B 142 3.93 -9.07 -9.52
CA MET B 142 3.06 -9.55 -10.59
C MET B 142 1.65 -9.70 -10.03
N ILE B 143 0.73 -8.86 -10.50
CA ILE B 143 -0.60 -8.72 -9.89
C ILE B 143 -1.68 -9.14 -10.88
N PRO B 144 -2.71 -9.86 -10.45
CA PRO B 144 -3.86 -10.07 -11.34
C PRO B 144 -4.54 -8.74 -11.66
N ALA B 145 -5.08 -8.65 -12.87
CA ALA B 145 -5.66 -7.40 -13.34
C ALA B 145 -6.88 -7.02 -12.50
N LEU B 146 -6.87 -5.78 -12.01
CA LEU B 146 -8.02 -5.25 -11.25
C LEU B 146 -8.98 -4.56 -12.21
N ARG B 147 -9.67 -5.38 -12.98
CA ARG B 147 -10.54 -4.92 -14.05
C ARG B 147 -12.00 -5.26 -13.73
N GLY B 148 -12.89 -4.31 -14.02
CA GLY B 148 -14.31 -4.55 -13.80
C GLY B 148 -14.62 -4.70 -12.32
N ASP B 149 -15.58 -5.56 -12.02
CA ASP B 149 -16.01 -5.80 -10.65
C ASP B 149 -15.58 -7.16 -10.10
N GLU B 150 -15.26 -8.13 -10.95
CA GLU B 150 -14.87 -9.46 -10.53
C GLU B 150 -13.40 -9.68 -10.89
N ILE B 151 -12.61 -10.08 -9.90
CA ILE B 151 -11.19 -10.35 -10.12
C ILE B 151 -11.05 -11.73 -10.76
N PRO B 152 -10.38 -11.83 -11.91
CA PRO B 152 -10.22 -13.15 -12.55
C PRO B 152 -9.06 -13.95 -11.93
N ALA B 153 -9.23 -14.31 -10.67
CA ALA B 153 -8.21 -15.08 -9.96
C ALA B 153 -8.89 -16.05 -9.00
N GLN B 154 -8.17 -17.11 -8.65
CA GLN B 154 -8.68 -18.11 -7.73
C GLN B 154 -7.52 -18.84 -7.08
N LEU B 155 -7.73 -19.27 -5.84
CA LEU B 155 -6.73 -19.97 -5.06
C LEU B 155 -7.39 -21.07 -4.25
N GLU B 156 -6.79 -22.26 -4.24
CA GLU B 156 -7.32 -23.37 -3.45
C GLU B 156 -6.14 -24.21 -2.95
N ALA B 157 -6.46 -25.34 -2.33
CA ALA B 157 -5.47 -26.26 -1.79
C ALA B 157 -5.72 -27.64 -2.37
N GLN B 158 -4.65 -28.42 -2.49
CA GLN B 158 -4.71 -29.75 -3.07
C GLN B 158 -4.04 -30.74 -2.13
N PHE B 159 -4.52 -31.98 -2.20
CA PHE B 159 -4.18 -33.06 -1.28
C PHE B 159 -3.20 -34.01 -1.94
N HIS B 160 -2.11 -34.35 -1.25
CA HIS B 160 -1.14 -35.28 -1.79
C HIS B 160 -0.65 -36.20 -0.68
N VAL B 161 -0.27 -37.42 -1.06
CA VAL B 161 0.18 -38.44 -0.13
C VAL B 161 1.38 -39.16 -0.74
N ARG B 162 2.16 -39.80 0.12
CA ARG B 162 3.30 -40.60 -0.29
C ARG B 162 3.01 -42.07 -0.02
N PHE B 163 3.24 -42.90 -1.03
CA PHE B 163 2.97 -44.33 -0.89
C PHE B 163 4.04 -45.00 -0.04
N SER B 164 3.62 -45.99 0.75
CA SER B 164 4.56 -46.81 1.49
C SER B 164 3.96 -48.19 1.67
N ASN B 165 4.83 -49.19 1.84
CA ASN B 165 4.39 -50.57 2.01
C ASN B 165 4.19 -50.95 3.47
N LYS B 166 4.79 -50.21 4.40
CA LYS B 166 4.66 -50.47 5.84
C LYS B 166 4.22 -49.18 6.52
N PRO B 167 2.93 -48.89 6.50
CA PRO B 167 2.45 -47.64 7.11
C PRO B 167 2.75 -47.59 8.60
N VAL B 168 3.12 -46.40 9.08
CA VAL B 168 3.45 -46.19 10.47
C VAL B 168 2.77 -44.94 11.00
N ALA B 173 3.26 -38.41 5.88
CA ALA B 173 3.21 -38.87 4.50
C ALA B 173 2.09 -38.17 3.73
N ILE B 174 1.46 -37.19 4.37
CA ILE B 174 0.33 -36.46 3.79
C ILE B 174 0.65 -34.98 3.84
N PHE B 175 0.41 -34.27 2.74
CA PHE B 175 0.66 -32.84 2.69
C PHE B 175 -0.36 -32.18 1.77
N ASN B 176 -0.41 -30.85 1.86
CA ASN B 176 -1.32 -30.04 1.09
C ASN B 176 -0.54 -28.89 0.44
N VAL B 177 -0.88 -28.58 -0.81
CA VAL B 177 -0.18 -27.57 -1.58
C VAL B 177 -1.18 -26.58 -2.13
N GLU B 178 -0.90 -25.29 -1.95
CA GLU B 178 -1.79 -24.24 -2.46
C GLU B 178 -1.50 -24.00 -3.93
N VAL B 179 -2.56 -23.90 -4.73
CA VAL B 179 -2.47 -23.72 -6.16
C VAL B 179 -3.39 -22.57 -6.57
N SER B 180 -2.88 -21.70 -7.44
CA SER B 180 -3.59 -20.50 -7.86
C SER B 180 -3.63 -20.39 -9.37
N SER B 181 -4.64 -19.67 -9.85
CA SER B 181 -4.80 -19.31 -11.25
C SER B 181 -5.16 -17.84 -11.34
N ALA B 182 -4.53 -17.13 -12.28
CA ALA B 182 -4.71 -15.68 -12.36
C ALA B 182 -4.33 -15.19 -13.75
N LEU B 183 -4.69 -13.95 -14.03
CA LEU B 183 -4.28 -13.22 -15.22
C LEU B 183 -3.31 -12.13 -14.76
N TYR B 184 -2.02 -12.46 -14.77
CA TYR B 184 -1.03 -11.55 -14.23
C TYR B 184 -0.64 -10.48 -15.25
N THR B 185 -0.26 -9.31 -14.73
CA THR B 185 0.21 -8.19 -15.52
C THR B 185 1.40 -7.56 -14.82
N PHE B 186 2.41 -7.14 -15.59
CA PHE B 186 3.50 -6.42 -14.95
C PHE B 186 4.26 -5.58 -15.98
N SER B 187 5.04 -4.64 -15.46
CA SER B 187 5.77 -3.68 -16.28
C SER B 187 7.23 -3.63 -15.82
N PHE B 188 8.09 -3.19 -16.74
CA PHE B 188 9.53 -3.15 -16.47
C PHE B 188 10.14 -1.94 -17.14
N GLU B 189 11.33 -1.58 -16.64
CA GLU B 189 12.11 -0.44 -17.12
C GLU B 189 13.59 -0.78 -17.07
N LEU B 190 14.32 -0.39 -18.12
CA LEU B 190 15.75 -0.68 -18.21
C LEU B 190 16.43 0.48 -18.91
N ASP B 191 17.27 1.21 -18.20
CA ASP B 191 18.02 2.33 -18.77
C ASP B 191 19.38 1.81 -19.23
N GLU B 192 19.59 1.78 -20.55
CA GLU B 192 20.82 1.28 -21.13
C GLU B 192 21.86 2.36 -21.38
N ASP B 193 21.55 3.61 -21.03
CA ASP B 193 22.48 4.72 -21.24
C ASP B 193 23.47 4.88 -20.09
N LEU B 194 23.35 4.10 -19.02
CA LEU B 194 24.26 4.18 -17.88
C LEU B 194 25.00 2.87 -17.64
N ILE B 195 24.89 1.89 -18.54
CA ILE B 195 25.62 0.65 -18.39
C ILE B 195 27.11 0.89 -18.61
N ALA B 196 27.93 0.30 -17.73
CA ALA B 196 29.39 0.44 -17.77
C ALA B 196 29.82 1.90 -17.61
N VAL B 197 29.08 2.66 -16.81
CA VAL B 197 29.39 4.04 -16.51
C VAL B 197 29.40 4.20 -14.99
N PRO B 198 30.50 4.61 -14.37
CA PRO B 198 30.51 4.78 -12.92
C PRO B 198 29.49 5.82 -12.47
N SER B 199 28.84 5.53 -11.34
CA SER B 199 27.86 6.43 -10.75
C SER B 199 28.39 7.20 -9.55
N THR B 200 29.65 6.99 -9.18
CA THR B 200 30.26 7.67 -8.05
C THR B 200 31.04 8.88 -8.55
N PHE B 201 30.82 10.02 -7.91
CA PHE B 201 31.47 11.26 -8.33
C PHE B 201 32.89 11.31 -7.78
N GLY B 202 33.82 11.78 -8.62
CA GLY B 202 35.21 11.87 -8.23
C GLY B 202 36.12 12.32 -9.36
N GLU B 203 37.24 11.63 -9.54
CA GLU B 203 38.22 11.94 -10.56
C GLU B 203 38.45 10.71 -11.44
N LYS B 204 39.13 10.93 -12.55
CA LYS B 204 39.42 9.84 -13.48
C LYS B 204 40.35 8.82 -12.84
N VAL B 205 40.07 7.55 -13.11
CA VAL B 205 40.83 6.44 -12.54
C VAL B 205 41.24 5.49 -13.66
N LYS B 206 42.49 5.05 -13.64
CA LYS B 206 42.99 4.13 -14.64
C LYS B 206 42.17 2.84 -14.66
N GLY B 207 41.90 2.35 -15.86
CA GLY B 207 41.10 1.16 -16.07
C GLY B 207 39.75 1.42 -16.71
N GLU B 208 39.38 2.67 -16.90
CA GLU B 208 38.09 2.98 -17.53
C GLU B 208 38.11 2.76 -19.03
N GLU B 209 39.28 2.69 -19.65
CA GLU B 209 39.35 2.43 -21.09
C GLU B 209 38.80 1.06 -21.43
N GLU B 210 39.10 0.05 -20.60
CA GLU B 210 38.53 -1.28 -20.81
C GLU B 210 37.02 -1.26 -20.67
N LEU B 211 36.52 -0.48 -19.70
CA LEU B 211 35.07 -0.34 -19.55
C LEU B 211 34.45 0.29 -20.79
N GLU B 212 35.11 1.31 -21.35
CA GLU B 212 34.60 1.95 -22.56
C GLU B 212 34.61 0.99 -23.75
N ARG B 213 35.65 0.17 -23.85
CA ARG B 213 35.71 -0.81 -24.94
C ARG B 213 34.61 -1.86 -24.81
N GLN B 214 34.33 -2.32 -23.60
CA GLN B 214 33.38 -3.39 -23.35
C GLN B 214 31.95 -2.91 -23.19
N LYS B 215 31.70 -1.59 -23.27
CA LYS B 215 30.36 -1.07 -23.06
C LYS B 215 29.37 -1.68 -24.05
N ALA B 216 29.75 -1.80 -25.32
CA ALA B 216 28.83 -2.35 -26.31
C ALA B 216 28.46 -3.80 -26.00
N LYS B 217 29.45 -4.62 -25.61
CA LYS B 217 29.18 -6.00 -25.27
C LYS B 217 28.28 -6.11 -24.04
N ARG B 218 28.53 -5.28 -23.03
CA ARG B 218 27.71 -5.31 -21.83
C ARG B 218 26.27 -4.91 -22.15
N VAL B 219 26.09 -3.88 -22.98
CA VAL B 219 24.74 -3.47 -23.36
C VAL B 219 24.04 -4.57 -24.14
N LYS B 220 24.76 -5.22 -25.06
CA LYS B 220 24.16 -6.30 -25.83
C LYS B 220 23.72 -7.45 -24.91
N SER B 221 24.58 -7.81 -23.96
CA SER B 221 24.23 -8.89 -23.03
C SER B 221 23.03 -8.51 -22.16
N ALA B 222 23.00 -7.26 -21.68
CA ALA B 222 21.88 -6.83 -20.86
C ALA B 222 20.57 -6.85 -21.64
N ILE B 223 20.61 -6.43 -22.90
CA ILE B 223 19.39 -6.47 -23.72
C ILE B 223 18.97 -7.91 -23.97
N LYS B 224 19.93 -8.79 -24.26
CA LYS B 224 19.60 -10.19 -24.53
C LYS B 224 19.04 -10.88 -23.30
N ALA B 225 19.45 -10.47 -22.10
CA ALA B 225 19.02 -11.15 -20.88
C ALA B 225 17.52 -11.00 -20.61
N LEU B 226 16.85 -10.03 -21.25
CA LEU B 226 15.42 -9.85 -21.04
C LEU B 226 14.58 -10.98 -21.63
N TYR B 227 15.17 -11.82 -22.48
CA TYR B 227 14.42 -12.93 -23.06
C TYR B 227 13.95 -13.91 -22.00
N SER B 228 14.74 -14.10 -20.94
CA SER B 228 14.32 -15.00 -19.87
C SER B 228 13.05 -14.50 -19.19
N LEU B 229 12.99 -13.20 -18.89
CA LEU B 229 11.80 -12.65 -18.25
C LEU B 229 10.62 -12.63 -19.20
N LEU B 230 10.84 -12.31 -20.47
CA LEU B 230 9.74 -12.22 -21.42
C LEU B 230 9.27 -13.60 -21.89
N SER B 231 10.06 -14.65 -21.66
CA SER B 231 9.66 -16.00 -22.01
C SER B 231 8.98 -16.74 -20.86
N GLY B 232 9.39 -16.47 -19.63
CA GLY B 232 8.71 -17.02 -18.48
C GLY B 232 9.41 -18.16 -17.76
N ASN B 233 10.73 -18.07 -17.60
CA ASN B 233 11.48 -19.03 -16.78
C ASN B 233 12.02 -18.27 -15.58
N PHE B 234 11.17 -18.08 -14.58
CA PHE B 234 11.57 -17.41 -13.35
C PHE B 234 11.13 -18.13 -12.09
N GLY B 235 9.95 -18.76 -12.09
CA GLY B 235 9.37 -19.23 -10.86
C GLY B 235 9.96 -20.54 -10.36
N GLY B 236 9.74 -20.81 -9.07
CA GLY B 236 10.16 -22.05 -8.46
C GLY B 236 9.06 -23.12 -8.50
N LYS B 237 9.34 -24.23 -7.82
CA LYS B 237 8.47 -25.40 -7.80
C LYS B 237 8.13 -25.85 -9.21
N ARG B 238 9.14 -25.81 -10.09
CA ARG B 238 8.98 -26.10 -11.51
C ARG B 238 9.14 -27.57 -11.85
N SER B 239 9.56 -28.41 -10.90
CA SER B 239 9.79 -29.81 -11.20
C SER B 239 8.49 -30.59 -11.36
N ARG B 240 7.50 -30.32 -10.52
CA ARG B 240 6.23 -31.03 -10.57
C ARG B 240 5.03 -30.13 -10.74
N PHE B 241 5.21 -28.82 -10.72
CA PHE B 241 4.14 -27.84 -10.89
C PHE B 241 4.49 -26.87 -12.01
N LEU B 242 4.90 -27.43 -13.16
CA LEU B 242 5.24 -26.66 -14.34
C LEU B 242 4.05 -25.80 -14.76
N PRO B 243 4.15 -24.49 -14.63
CA PRO B 243 3.00 -23.63 -14.97
C PRO B 243 2.75 -23.59 -16.46
N SER B 244 1.49 -23.35 -16.82
CA SER B 244 1.08 -23.16 -18.21
C SER B 244 0.96 -21.66 -18.46
N MET B 245 1.88 -21.13 -19.27
CA MET B 245 1.97 -19.69 -19.48
C MET B 245 1.81 -19.37 -20.96
N LYS B 246 1.19 -18.23 -21.24
CA LYS B 246 1.03 -17.75 -22.61
C LYS B 246 0.98 -16.22 -22.60
N LEU B 247 1.27 -15.64 -23.76
CA LEU B 247 1.35 -14.20 -23.92
C LEU B 247 0.05 -13.65 -24.50
N MET B 248 -0.39 -12.51 -23.97
CA MET B 248 -1.63 -11.88 -24.41
C MET B 248 -1.40 -10.51 -25.04
N SER B 249 -0.68 -9.62 -24.37
CA SER B 249 -0.44 -8.29 -24.90
C SER B 249 0.87 -7.76 -24.35
N LEU B 250 1.56 -6.95 -25.16
CA LEU B 250 2.86 -6.42 -24.78
C LEU B 250 3.12 -5.12 -25.51
N VAL B 251 3.58 -4.10 -24.78
CA VAL B 251 3.93 -2.81 -25.35
C VAL B 251 5.31 -2.42 -24.84
N VAL B 252 6.20 -2.01 -25.75
CA VAL B 252 7.54 -1.58 -25.40
C VAL B 252 7.82 -0.22 -26.04
N THR B 253 8.35 0.71 -25.26
CA THR B 253 8.69 2.04 -25.73
C THR B 253 10.17 2.30 -25.49
N LYS B 254 10.87 2.77 -26.53
CA LYS B 254 12.25 3.17 -26.45
C LYS B 254 12.33 4.68 -26.62
N THR B 255 12.88 5.38 -25.61
CA THR B 255 12.88 6.83 -25.57
C THR B 255 14.23 7.32 -25.11
N ASP B 256 14.41 8.64 -25.20
CA ASP B 256 15.58 9.33 -24.68
C ASP B 256 15.26 10.16 -23.43
N PHE B 257 14.01 10.15 -22.99
CA PHE B 257 13.54 10.90 -21.85
C PHE B 257 12.73 9.98 -20.94
N PRO B 258 12.63 10.32 -19.65
CA PRO B 258 11.84 9.47 -18.75
C PRO B 258 10.38 9.37 -19.18
N PHE B 259 9.82 8.18 -19.03
CA PHE B 259 8.44 7.91 -19.44
C PHE B 259 7.99 6.59 -18.83
N MET B 260 6.75 6.55 -18.37
CA MET B 260 6.18 5.35 -17.75
C MET B 260 4.92 4.94 -18.49
N PRO B 261 4.87 3.75 -19.07
CA PRO B 261 3.66 3.32 -19.78
C PRO B 261 2.51 3.03 -18.83
N GLU B 262 1.30 3.03 -19.38
CA GLU B 262 0.12 2.76 -18.58
C GLU B 262 0.12 1.30 -18.12
N PRO B 263 -0.33 1.02 -16.89
CA PRO B 263 -0.45 -0.37 -16.44
C PRO B 263 -1.50 -1.12 -17.26
N ALA B 264 -1.42 -2.45 -17.18
CA ALA B 264 -2.29 -3.32 -17.97
C ALA B 264 -3.59 -3.68 -17.25
N HIS B 265 -4.05 -2.83 -16.35
CA HIS B 265 -5.31 -3.11 -15.64
C HIS B 265 -6.51 -3.00 -16.57
N ASP B 266 -6.53 -1.99 -17.43
CA ASP B 266 -7.65 -1.73 -18.31
C ASP B 266 -7.37 -2.26 -19.71
N ASP B 267 -8.45 -2.52 -20.45
CA ASP B 267 -8.32 -3.02 -21.81
C ASP B 267 -7.70 -1.98 -22.74
N ASP B 268 -7.87 -0.70 -22.43
CA ASP B 268 -7.34 0.38 -23.25
C ASP B 268 -6.14 0.99 -22.53
N TYR B 269 -4.97 0.42 -22.74
CA TYR B 269 -3.74 0.95 -22.18
C TYR B 269 -2.62 1.03 -23.22
N ILE B 270 -2.88 0.65 -24.47
CA ILE B 270 -1.91 0.78 -25.54
C ILE B 270 -2.06 2.11 -26.27
N LYS B 271 -3.29 2.42 -26.69
CA LYS B 271 -3.55 3.68 -27.40
C LYS B 271 -3.29 4.88 -26.49
N THR B 272 -3.68 4.77 -25.21
CA THR B 272 -3.39 5.84 -24.26
C THR B 272 -1.89 6.06 -24.10
N THR B 273 -1.13 4.96 -24.02
CA THR B 273 0.32 5.07 -23.89
C THR B 273 0.95 5.74 -25.10
N ILE B 274 0.49 5.42 -26.30
CA ILE B 274 1.08 6.00 -27.51
C ILE B 274 0.81 7.51 -27.55
N MET B 275 -0.43 7.91 -27.28
CA MET B 275 -0.75 9.34 -27.28
C MET B 275 0.03 10.08 -26.21
N ARG B 276 0.13 9.49 -25.01
CA ARG B 276 0.91 10.12 -23.96
C ARG B 276 2.38 10.22 -24.35
N LEU B 277 2.91 9.20 -25.03
CA LEU B 277 4.30 9.24 -25.46
C LEU B 277 4.54 10.35 -26.46
N GLY B 278 3.66 10.50 -27.44
CA GLY B 278 3.80 11.58 -28.41
C GLY B 278 3.74 12.94 -27.75
N LYS B 279 2.75 13.14 -26.86
CA LYS B 279 2.61 14.42 -26.21
C LYS B 279 3.79 14.72 -25.28
N ALA B 280 4.32 13.69 -24.61
CA ALA B 280 5.46 13.90 -23.74
C ALA B 280 6.73 14.20 -24.53
N LYS B 281 6.90 13.57 -25.69
CA LYS B 281 8.01 13.92 -26.55
C LYS B 281 7.90 15.36 -27.02
N GLY B 282 6.69 15.81 -27.34
CA GLY B 282 6.50 17.21 -27.68
C GLY B 282 6.81 18.14 -26.52
N VAL B 283 6.39 17.77 -25.32
CA VAL B 283 6.54 18.64 -24.15
C VAL B 283 8.00 18.75 -23.74
N LEU B 284 8.69 17.62 -23.66
CA LEU B 284 10.02 17.55 -23.07
C LEU B 284 11.14 17.76 -24.07
N ASN B 285 10.82 18.07 -25.33
CA ASN B 285 11.81 18.33 -26.38
C ASN B 285 12.71 17.12 -26.58
N GLY B 286 12.10 15.96 -26.78
CA GLY B 286 12.85 14.76 -27.05
C GLY B 286 13.27 14.64 -28.50
N ASN B 287 14.11 13.64 -28.77
CA ASN B 287 14.62 13.40 -30.11
C ASN B 287 14.35 12.00 -30.64
N LEU B 288 14.04 11.03 -29.77
CA LEU B 288 13.78 9.67 -30.19
C LEU B 288 12.65 9.09 -29.35
N ALA B 289 11.67 8.48 -30.01
CA ALA B 289 10.56 7.84 -29.31
C ALA B 289 9.95 6.81 -30.26
N LYS B 290 10.10 5.54 -29.94
CA LYS B 290 9.59 4.46 -30.77
C LYS B 290 8.77 3.50 -29.92
N ALA B 291 7.75 2.91 -30.54
CA ALA B 291 6.83 2.01 -29.86
C ALA B 291 6.69 0.72 -30.64
N TYR B 292 6.64 -0.40 -29.92
CA TYR B 292 6.44 -1.73 -30.48
C TYR B 292 5.29 -2.39 -29.72
N VAL B 293 4.40 -3.04 -30.48
CA VAL B 293 3.19 -3.62 -29.91
C VAL B 293 3.08 -5.06 -30.38
N ILE B 294 2.87 -5.98 -29.44
CA ILE B 294 2.55 -7.37 -29.73
C ILE B 294 1.15 -7.62 -29.18
N ASN B 295 0.23 -8.00 -30.06
CA ASN B 295 -1.17 -8.16 -29.69
C ASN B 295 -1.65 -9.53 -30.13
N ASN B 296 -2.29 -10.25 -29.21
CA ASN B 296 -2.89 -11.55 -29.50
C ASN B 296 -4.33 -11.68 -29.02
N GLU B 297 -4.79 -10.80 -28.13
CA GLU B 297 -6.14 -10.86 -27.60
C GLU B 297 -7.12 -9.96 -28.33
N GLY B 298 -6.69 -9.31 -29.40
CA GLY B 298 -7.58 -8.52 -30.25
C GLY B 298 -8.21 -7.31 -29.60
N ILE B 299 -7.42 -6.52 -28.89
CA ILE B 299 -7.90 -5.27 -28.31
C ILE B 299 -7.46 -4.11 -29.20
N GLU B 300 -8.05 -2.94 -28.96
CA GLU B 300 -7.72 -1.77 -29.76
C GLU B 300 -6.29 -1.32 -29.48
N VAL B 301 -5.59 -0.92 -30.54
CA VAL B 301 -4.20 -0.48 -30.43
C VAL B 301 -4.06 0.94 -30.95
N GLY B 302 -4.47 1.16 -32.20
CA GLY B 302 -4.38 2.48 -32.79
C GLY B 302 -3.89 2.44 -34.23
N GLU B 303 -3.23 3.51 -34.68
CA GLU B 303 -2.71 3.61 -36.04
C GLU B 303 -1.29 4.15 -36.01
N GLY B 304 -0.54 3.79 -37.04
CA GLY B 304 0.85 4.23 -37.15
C GLY B 304 1.75 3.69 -36.07
N VAL B 305 1.55 2.44 -35.68
CA VAL B 305 2.35 1.79 -34.65
C VAL B 305 2.88 0.47 -35.19
N THR B 306 4.16 0.20 -34.96
CA THR B 306 4.75 -1.04 -35.42
C THR B 306 4.17 -2.22 -34.65
N VAL B 307 3.79 -3.26 -35.39
CA VAL B 307 3.21 -4.47 -34.81
C VAL B 307 4.15 -5.64 -35.07
N LEU B 308 4.40 -6.44 -34.04
CA LEU B 308 5.27 -7.59 -34.11
C LEU B 308 4.44 -8.87 -33.97
N SER B 309 5.13 -10.00 -33.94
CA SER B 309 4.47 -11.30 -33.80
C SER B 309 5.00 -12.12 -32.64
N THR B 310 6.30 -12.08 -32.38
CA THR B 310 6.90 -12.86 -31.30
C THR B 310 7.79 -11.97 -30.43
N VAL B 311 8.52 -12.58 -29.51
CA VAL B 311 9.38 -11.82 -28.61
C VAL B 311 10.80 -11.74 -29.14
N GLU B 312 11.24 -12.77 -29.87
CA GLU B 312 12.60 -12.78 -30.41
C GLU B 312 12.79 -11.64 -31.38
N ASP B 313 11.76 -11.34 -32.18
CA ASP B 313 11.82 -10.19 -33.07
C ASP B 313 11.98 -8.89 -32.30
N LEU B 314 11.28 -8.77 -31.17
CA LEU B 314 11.44 -7.59 -30.33
C LEU B 314 12.86 -7.48 -29.79
N VAL B 315 13.43 -8.61 -29.37
CA VAL B 315 14.80 -8.59 -28.85
C VAL B 315 15.77 -8.18 -29.96
N VAL B 316 15.59 -8.71 -31.15
CA VAL B 316 16.47 -8.37 -32.28
C VAL B 316 16.36 -6.88 -32.60
N LYS B 317 15.14 -6.36 -32.65
CA LYS B 317 14.95 -4.95 -32.96
C LYS B 317 15.54 -4.05 -31.89
N LEU B 318 15.42 -4.46 -30.61
CA LEU B 318 16.03 -3.69 -29.54
C LEU B 318 17.55 -3.71 -29.64
N GLU B 319 18.12 -4.86 -30.01
CA GLU B 319 19.57 -4.95 -30.15
C GLU B 319 20.06 -4.07 -31.29
N GLU B 320 19.41 -4.16 -32.45
CA GLU B 320 19.88 -3.44 -33.64
C GLU B 320 19.80 -1.93 -33.45
N GLU B 321 18.72 -1.43 -32.87
CA GLU B 321 18.56 0.00 -32.68
C GLU B 321 19.19 0.45 -31.37
N MET C 1 2.27 -60.76 -21.67
CA MET C 1 1.09 -59.95 -21.33
C MET C 1 0.00 -60.11 -22.38
N ILE C 2 -1.08 -60.77 -22.00
CA ILE C 2 -2.21 -60.98 -22.91
C ILE C 2 -3.07 -59.71 -22.92
N SER C 3 -3.33 -59.20 -24.11
CA SER C 3 -4.13 -57.99 -24.26
C SER C 3 -4.93 -58.09 -25.56
N GLY C 4 -5.64 -57.03 -25.88
CA GLY C 4 -6.39 -56.99 -27.11
C GLY C 4 -7.61 -56.10 -26.96
N SER C 5 -8.42 -56.09 -28.02
CA SER C 5 -9.65 -55.31 -28.05
C SER C 5 -10.77 -56.15 -28.64
N VAL C 6 -11.99 -55.90 -28.16
CA VAL C 6 -13.16 -56.68 -28.54
C VAL C 6 -14.28 -55.74 -28.94
N ARG C 7 -15.02 -56.13 -29.98
CA ARG C 7 -16.15 -55.37 -30.50
C ARG C 7 -17.38 -56.25 -30.54
N PHE C 8 -18.54 -55.67 -30.24
CA PHE C 8 -19.81 -56.37 -30.28
C PHE C 8 -20.85 -55.47 -30.94
N LEU C 9 -21.92 -56.11 -31.44
CA LEU C 9 -23.04 -55.38 -32.03
C LEU C 9 -24.30 -55.58 -31.21
N HIS C 27 -31.60 -46.82 -17.64
CA HIS C 27 -30.25 -47.22 -18.05
C HIS C 27 -29.23 -46.17 -17.65
N ARG C 28 -28.07 -46.64 -17.18
CA ARG C 28 -27.02 -45.73 -16.75
C ARG C 28 -26.42 -45.00 -17.94
N THR C 29 -26.16 -43.71 -17.77
CA THR C 29 -25.59 -42.86 -18.82
C THR C 29 -24.41 -42.07 -18.26
N ALA C 30 -23.43 -41.83 -19.12
CA ALA C 30 -22.22 -41.14 -18.74
C ALA C 30 -21.82 -40.15 -19.83
N PRO C 31 -21.07 -39.12 -19.47
CA PRO C 31 -20.60 -38.16 -20.48
C PRO C 31 -19.37 -38.66 -21.22
N VAL C 32 -19.23 -38.18 -22.46
CA VAL C 32 -18.07 -38.45 -23.30
C VAL C 32 -17.69 -37.16 -24.02
N VAL C 33 -16.39 -37.04 -24.29
CA VAL C 33 -15.85 -35.93 -25.08
C VAL C 33 -15.52 -36.49 -26.45
N LEU C 34 -16.39 -36.23 -27.42
CA LEU C 34 -16.29 -36.81 -28.75
C LEU C 34 -15.74 -35.80 -29.74
N LYS C 35 -15.15 -36.31 -30.82
CA LYS C 35 -14.52 -35.49 -31.84
C LYS C 35 -15.27 -35.64 -33.17
N THR C 36 -15.63 -34.51 -33.77
CA THR C 36 -16.26 -34.46 -35.08
C THR C 36 -15.47 -33.51 -35.97
N SER C 37 -15.92 -33.39 -37.23
CA SER C 37 -15.25 -32.51 -38.17
C SER C 37 -15.27 -31.06 -37.69
N THR C 38 -16.35 -30.65 -37.03
CA THR C 38 -16.44 -29.30 -36.49
C THR C 38 -15.51 -29.08 -35.30
N GLY C 39 -14.98 -30.14 -34.70
CA GLY C 39 -14.10 -30.00 -33.57
C GLY C 39 -14.40 -30.96 -32.43
N TYR C 40 -14.70 -30.43 -31.25
CA TYR C 40 -14.96 -31.24 -30.07
C TYR C 40 -16.35 -30.95 -29.52
N LEU C 41 -17.00 -31.99 -28.98
CA LEU C 41 -18.33 -31.87 -28.40
C LEU C 41 -18.39 -32.71 -27.13
N VAL C 42 -19.34 -32.38 -26.27
CA VAL C 42 -19.62 -33.13 -25.05
C VAL C 42 -21.00 -33.75 -25.21
N ARG C 43 -21.07 -35.08 -25.08
CA ARG C 43 -22.32 -35.81 -25.30
C ARG C 43 -22.56 -36.76 -24.12
N TYR C 44 -23.77 -37.31 -24.08
CA TYR C 44 -24.18 -38.26 -23.06
C TYR C 44 -24.58 -39.56 -23.73
N VAL C 45 -23.97 -40.67 -23.32
CA VAL C 45 -24.27 -41.98 -23.92
C VAL C 45 -24.42 -43.01 -22.84
N PRO C 46 -25.25 -44.03 -23.09
CA PRO C 46 -25.36 -45.14 -22.14
C PRO C 46 -24.04 -45.90 -22.01
N VAL C 47 -23.73 -46.31 -20.78
CA VAL C 47 -22.50 -47.06 -20.50
C VAL C 47 -22.83 -48.22 -19.58
N ILE C 48 -21.91 -49.18 -19.52
CA ILE C 48 -21.98 -50.30 -18.60
C ILE C 48 -20.68 -50.33 -17.80
N SER C 49 -20.80 -50.51 -16.49
CA SER C 49 -19.62 -50.49 -15.63
C SER C 49 -18.79 -51.76 -15.82
N GLY C 50 -17.51 -51.65 -15.51
CA GLY C 50 -16.60 -52.79 -15.65
C GLY C 50 -16.65 -53.77 -14.50
N GLU C 51 -17.23 -53.36 -13.36
CA GLU C 51 -17.35 -54.27 -12.23
C GLU C 51 -18.26 -55.45 -12.56
N ALA C 52 -19.30 -55.24 -13.37
CA ALA C 52 -20.13 -56.35 -13.80
C ALA C 52 -19.34 -57.35 -14.63
N LEU C 53 -18.49 -56.85 -15.55
CA LEU C 53 -17.65 -57.76 -16.33
C LEU C 53 -16.68 -58.50 -15.42
N ALA C 54 -16.13 -57.80 -14.42
CA ALA C 54 -15.21 -58.45 -13.49
C ALA C 54 -15.91 -59.58 -12.73
N HIS C 55 -17.14 -59.31 -12.26
CA HIS C 55 -17.90 -60.35 -11.56
C HIS C 55 -18.18 -61.54 -12.48
N ALA C 56 -18.58 -61.28 -13.72
CA ALA C 56 -18.85 -62.37 -14.65
C ALA C 56 -17.59 -63.17 -14.94
N TYR C 57 -16.48 -62.49 -15.15
CA TYR C 57 -15.20 -63.17 -15.42
C TYR C 57 -14.79 -64.02 -14.23
N GLN C 58 -14.94 -63.51 -13.01
CA GLN C 58 -14.55 -64.28 -11.83
C GLN C 58 -15.48 -65.46 -11.63
N ALA C 59 -16.78 -65.30 -11.94
CA ALA C 59 -17.70 -66.43 -11.84
C ALA C 59 -17.32 -67.53 -12.83
N SER C 60 -17.00 -67.16 -14.06
CA SER C 60 -16.58 -68.15 -15.04
C SER C 60 -15.25 -68.79 -14.64
N LEU C 61 -14.37 -68.01 -14.03
CA LEU C 61 -13.10 -68.56 -13.54
C LEU C 61 -13.35 -69.60 -12.45
N VAL C 62 -14.28 -69.32 -11.53
CA VAL C 62 -14.64 -70.31 -10.52
C VAL C 62 -15.20 -71.56 -11.17
N ASP C 63 -16.08 -71.38 -12.15
CA ASP C 63 -16.70 -72.53 -12.81
C ASP C 63 -15.65 -73.40 -13.51
N ILE C 64 -14.68 -72.76 -14.17
CA ILE C 64 -13.65 -73.51 -14.86
C ILE C 64 -12.70 -74.18 -13.87
N ALA C 65 -12.35 -73.47 -12.80
CA ALA C 65 -11.42 -74.03 -11.82
C ALA C 65 -12.02 -75.23 -11.10
N LYS C 66 -13.33 -75.20 -10.83
CA LYS C 66 -13.97 -76.33 -10.18
C LYS C 66 -13.92 -77.59 -11.04
N LYS C 67 -13.77 -77.44 -12.35
CA LYS C 67 -13.66 -78.60 -13.23
C LYS C 67 -12.34 -79.35 -13.03
N GLU C 68 -11.36 -78.75 -12.38
CA GLU C 68 -10.09 -79.40 -12.11
C GLU C 68 -9.80 -79.37 -10.60
N GLY C 69 -8.57 -79.75 -10.24
CA GLY C 69 -8.16 -79.82 -8.86
C GLY C 69 -7.75 -78.51 -8.24
N LEU C 70 -7.95 -77.40 -8.93
CA LEU C 70 -7.58 -76.10 -8.38
C LEU C 70 -8.44 -75.79 -7.17
N PRO C 71 -7.87 -75.33 -6.07
CA PRO C 71 -8.67 -75.06 -4.87
C PRO C 71 -9.65 -73.91 -5.10
N VAL C 72 -10.79 -74.01 -4.44
CA VAL C 72 -11.84 -73.00 -4.51
C VAL C 72 -12.26 -72.64 -3.09
N GLY C 73 -12.35 -71.35 -2.80
CA GLY C 73 -12.67 -70.92 -1.46
C GLY C 73 -14.05 -71.38 -1.02
N SER C 74 -14.20 -71.58 0.29
CA SER C 74 -15.48 -72.06 0.83
C SER C 74 -16.58 -71.03 0.62
N LEU C 75 -16.32 -69.77 0.98
CA LEU C 75 -17.30 -68.71 0.77
C LEU C 75 -17.45 -68.41 -0.72
N SER C 76 -16.35 -68.48 -1.48
CA SER C 76 -16.41 -68.24 -2.91
C SER C 76 -17.04 -69.40 -3.68
N SER C 77 -17.32 -70.52 -3.01
CA SER C 77 -18.00 -71.63 -3.67
C SER C 77 -19.36 -71.18 -4.18
N GLN C 78 -20.11 -70.47 -3.35
CA GLN C 78 -21.26 -69.72 -3.82
C GLN C 78 -20.80 -68.44 -4.51
N TYR C 79 -21.57 -68.00 -5.49
CA TYR C 79 -21.15 -66.87 -6.30
C TYR C 79 -21.28 -65.57 -5.52
N GLU C 80 -20.38 -65.37 -4.55
CA GLU C 80 -20.35 -64.17 -3.71
C GLU C 80 -18.88 -63.80 -3.54
N PHE C 81 -18.41 -62.85 -4.35
CA PHE C 81 -16.99 -62.52 -4.41
C PHE C 81 -16.59 -61.44 -3.41
N ILE C 82 -16.90 -61.67 -2.13
CA ILE C 82 -16.38 -60.78 -1.09
C ILE C 82 -14.91 -61.10 -0.79
N LYS C 83 -14.43 -62.24 -1.24
CA LYS C 83 -13.03 -62.69 -1.03
C LYS C 83 -12.77 -62.69 0.47
N PHE C 84 -11.65 -62.15 0.94
CA PHE C 84 -11.30 -62.18 2.35
C PHE C 84 -11.18 -60.77 2.91
N SER C 85 -12.09 -59.89 2.50
CA SER C 85 -12.03 -58.50 2.94
C SER C 85 -12.37 -58.38 4.42
N THR C 86 -13.41 -59.07 4.86
CA THR C 86 -13.90 -58.97 6.23
C THR C 86 -13.48 -60.19 7.04
N ASP C 87 -13.40 -59.99 8.37
CA ASP C 87 -13.02 -61.07 9.26
C ASP C 87 -14.03 -62.22 9.27
N GLU C 88 -15.28 -61.95 8.89
CA GLU C 88 -16.28 -63.02 8.84
C GLU C 88 -15.92 -64.08 7.82
N ALA C 89 -15.42 -63.68 6.65
CA ALA C 89 -15.00 -64.64 5.66
C ALA C 89 -13.83 -65.49 6.15
N LEU C 90 -12.86 -64.87 6.82
CA LEU C 90 -11.74 -65.62 7.37
C LEU C 90 -12.21 -66.60 8.43
N LYS C 91 -13.14 -66.16 9.29
CA LYS C 91 -13.65 -67.04 10.34
C LYS C 91 -14.41 -68.23 9.75
N ILE C 92 -15.24 -67.98 8.74
CA ILE C 92 -16.01 -69.06 8.13
C ILE C 92 -15.13 -69.96 7.28
N GLU C 93 -13.97 -69.48 6.84
CA GLU C 93 -13.03 -70.30 6.11
C GLU C 93 -11.84 -70.77 6.95
N GLY C 94 -11.71 -70.25 8.17
CA GLY C 94 -10.67 -70.73 9.08
C GLY C 94 -9.25 -70.41 8.67
N ILE C 95 -8.92 -69.12 8.60
CA ILE C 95 -7.56 -68.68 8.32
C ILE C 95 -7.20 -67.59 9.33
N LYS C 96 -6.05 -67.76 9.98
CA LYS C 96 -5.67 -66.86 11.06
C LYS C 96 -5.29 -65.49 10.53
N GLU C 97 -5.54 -64.47 11.35
CA GLU C 97 -5.13 -63.11 11.01
C GLU C 97 -3.62 -62.95 11.19
N PRO C 98 -2.99 -62.02 10.47
CA PRO C 98 -1.53 -61.88 10.56
C PRO C 98 -1.10 -61.23 11.86
N LYS C 99 0.13 -61.53 12.26
CA LYS C 99 0.71 -61.01 13.49
C LYS C 99 1.61 -59.80 13.26
N ASP C 100 2.50 -59.86 12.28
CA ASP C 100 3.42 -58.77 11.98
C ASP C 100 3.64 -58.72 10.48
N TYR C 101 4.47 -57.76 10.05
CA TYR C 101 4.75 -57.60 8.63
C TYR C 101 5.45 -58.82 8.05
N ASN C 102 6.39 -59.40 8.80
CA ASN C 102 7.12 -60.56 8.32
C ASN C 102 6.17 -61.73 8.01
N ASP C 103 5.12 -61.88 8.80
CA ASP C 103 4.15 -62.93 8.58
C ASP C 103 3.34 -62.74 7.31
N ALA C 104 3.39 -61.55 6.71
CA ALA C 104 2.48 -61.21 5.62
C ALA C 104 2.54 -62.25 4.50
N ARG C 105 3.75 -62.55 4.01
CA ARG C 105 3.90 -63.52 2.94
C ARG C 105 3.22 -64.84 3.30
N ARG C 106 3.42 -65.30 4.53
CA ARG C 106 2.75 -66.52 4.97
C ARG C 106 1.25 -66.37 4.82
N PHE C 107 0.68 -65.30 5.39
CA PHE C 107 -0.74 -65.04 5.21
C PHE C 107 -1.09 -65.07 3.74
N GLU C 108 -0.27 -64.45 2.90
CA GLU C 108 -0.55 -64.41 1.48
C GLU C 108 -0.68 -65.82 0.92
N VAL C 109 0.33 -66.67 1.17
CA VAL C 109 0.21 -68.03 0.66
C VAL C 109 -0.90 -68.75 1.38
N GLU C 110 -1.12 -68.43 2.67
CA GLU C 110 -2.21 -69.04 3.41
C GLU C 110 -3.57 -68.71 2.81
N VAL C 111 -3.65 -67.68 1.96
CA VAL C 111 -4.88 -67.41 1.22
C VAL C 111 -4.71 -67.63 -0.27
N MET C 112 -3.50 -67.91 -0.76
CA MET C 112 -3.35 -68.31 -2.14
C MET C 112 -3.45 -69.82 -2.33
N LEU C 113 -3.22 -70.58 -1.26
CA LEU C 113 -3.28 -72.04 -1.32
C LEU C 113 -4.70 -72.59 -1.21
N LYS C 114 -5.70 -71.73 -1.05
CA LYS C 114 -7.07 -72.16 -0.89
C LYS C 114 -8.01 -71.64 -1.96
N ASP C 115 -7.70 -70.51 -2.59
CA ASP C 115 -8.56 -69.92 -3.60
C ASP C 115 -7.73 -69.40 -4.76
N VAL C 116 -8.23 -69.60 -5.98
CA VAL C 116 -7.57 -69.06 -7.16
C VAL C 116 -8.07 -67.65 -7.51
N ILE C 117 -9.22 -67.24 -6.98
CA ILE C 117 -9.75 -65.93 -7.29
C ILE C 117 -8.91 -64.84 -6.63
N ALA C 118 -8.52 -65.04 -5.37
CA ALA C 118 -7.70 -64.04 -4.68
C ALA C 118 -6.35 -63.89 -5.35
N ASP C 119 -5.79 -64.98 -5.90
CA ASP C 119 -4.52 -64.91 -6.61
C ASP C 119 -4.64 -64.09 -7.89
N VAL C 120 -5.63 -64.40 -8.71
CA VAL C 120 -5.72 -63.78 -10.04
C VAL C 120 -6.26 -62.37 -9.94
N GLY C 121 -7.44 -62.21 -9.35
CA GLY C 121 -8.10 -60.92 -9.28
C GLY C 121 -7.69 -60.02 -8.14
N GLY C 122 -6.76 -60.44 -7.31
CA GLY C 122 -6.30 -59.62 -6.21
C GLY C 122 -7.25 -59.64 -5.03
N PHE C 123 -6.78 -59.09 -3.91
CA PHE C 123 -7.55 -59.07 -2.67
C PHE C 123 -6.87 -58.10 -1.72
N MET C 124 -7.45 -57.97 -0.53
CA MET C 124 -6.88 -57.11 0.50
C MET C 124 -7.37 -57.56 1.87
N TYR C 125 -6.70 -57.05 2.89
CA TYR C 125 -7.12 -57.22 4.28
C TYR C 125 -6.58 -56.03 5.06
N ALA C 126 -7.48 -55.16 5.50
CA ALA C 126 -7.10 -53.95 6.23
C ALA C 126 -7.11 -54.20 7.73
N GLY C 127 -6.13 -53.62 8.42
CA GLY C 127 -6.04 -53.81 9.85
C GLY C 127 -4.70 -53.35 10.39
N GLY C 128 -4.27 -53.98 11.47
CA GLY C 128 -2.98 -53.66 12.06
C GLY C 128 -1.83 -53.95 11.11
N ALA C 129 -1.95 -55.01 10.32
CA ALA C 129 -0.94 -55.38 9.31
C ALA C 129 -1.66 -55.54 7.98
N PRO C 130 -1.92 -54.43 7.28
CA PRO C 130 -2.65 -54.52 6.01
C PRO C 130 -1.90 -55.35 4.98
N VAL C 131 -2.66 -56.10 4.18
CA VAL C 131 -2.13 -56.91 3.10
C VAL C 131 -2.87 -56.54 1.83
N ARG C 132 -2.13 -56.35 0.73
CA ARG C 132 -2.70 -55.94 -0.53
C ARG C 132 -2.20 -56.85 -1.64
N ARG C 133 -3.03 -57.04 -2.67
CA ARG C 133 -2.59 -57.75 -3.87
C ARG C 133 -3.44 -57.23 -5.03
N THR C 134 -2.84 -56.41 -5.88
CA THR C 134 -3.56 -55.82 -6.99
C THR C 134 -3.93 -56.89 -8.02
N SER C 135 -5.00 -56.61 -8.76
CA SER C 135 -5.51 -57.57 -9.73
C SER C 135 -4.53 -57.76 -10.88
N ARG C 136 -4.47 -58.99 -11.38
CA ARG C 136 -3.73 -59.31 -12.60
C ARG C 136 -4.57 -59.15 -13.85
N ILE C 137 -5.85 -58.82 -13.70
CA ILE C 137 -6.75 -58.55 -14.82
C ILE C 137 -7.29 -57.13 -14.66
N LYS C 138 -7.24 -56.36 -15.75
CA LYS C 138 -7.66 -54.96 -15.74
C LYS C 138 -8.73 -54.75 -16.80
N LEU C 139 -9.81 -54.08 -16.43
CA LEU C 139 -10.94 -53.85 -17.33
C LEU C 139 -11.41 -52.41 -17.21
N GLY C 140 -12.34 -52.03 -18.09
CA GLY C 140 -12.86 -50.68 -18.11
C GLY C 140 -14.30 -50.57 -18.53
N TYR C 141 -14.78 -49.33 -18.70
CA TYR C 141 -16.17 -49.09 -19.06
C TYR C 141 -16.44 -49.47 -20.52
N MET C 142 -17.72 -49.59 -20.84
CA MET C 142 -18.17 -49.85 -22.20
C MET C 142 -18.74 -48.58 -22.82
N ILE C 143 -18.21 -48.20 -23.98
CA ILE C 143 -18.68 -47.01 -24.68
C ILE C 143 -19.05 -47.41 -26.10
N PRO C 144 -20.19 -46.98 -26.62
CA PRO C 144 -20.54 -47.28 -28.01
C PRO C 144 -19.57 -46.63 -28.98
N ALA C 145 -19.38 -47.29 -30.12
CA ALA C 145 -18.46 -46.80 -31.14
C ALA C 145 -19.00 -45.54 -31.79
N LEU C 183 -23.17 -50.76 -31.43
CA LEU C 183 -21.81 -51.25 -31.68
C LEU C 183 -20.86 -50.85 -30.56
N TYR C 184 -20.73 -51.72 -29.56
CA TYR C 184 -19.87 -51.46 -28.42
C TYR C 184 -18.45 -51.95 -28.71
N THR C 185 -17.48 -51.24 -28.13
CA THR C 185 -16.07 -51.61 -28.24
C THR C 185 -15.40 -51.42 -26.90
N PHE C 186 -14.46 -52.31 -26.58
CA PHE C 186 -13.73 -52.18 -25.33
C PHE C 186 -12.39 -52.89 -25.45
N SER C 187 -11.56 -52.71 -24.43
CA SER C 187 -10.24 -53.32 -24.35
C SER C 187 -10.03 -53.92 -22.98
N PHE C 188 -9.06 -54.82 -22.88
CA PHE C 188 -8.76 -55.50 -21.64
C PHE C 188 -7.25 -55.59 -21.47
N GLU C 189 -6.82 -56.26 -20.41
CA GLU C 189 -5.40 -56.42 -20.11
C GLU C 189 -5.24 -57.56 -19.13
N LEU C 190 -4.36 -58.51 -19.45
CA LEU C 190 -4.11 -59.67 -18.62
C LEU C 190 -2.61 -59.86 -18.49
N ASP C 191 -2.10 -59.81 -17.25
CA ASP C 191 -0.67 -59.99 -16.98
C ASP C 191 -0.42 -61.47 -16.79
N GLU C 192 0.16 -62.11 -17.80
CA GLU C 192 0.38 -63.55 -17.79
C GLU C 192 1.61 -63.96 -17.00
N ASP C 193 2.43 -63.02 -16.54
CA ASP C 193 3.70 -63.33 -15.93
C ASP C 193 3.69 -63.37 -14.41
N LEU C 194 2.56 -63.00 -13.78
CA LEU C 194 2.51 -62.87 -12.33
C LEU C 194 1.30 -63.61 -11.76
N ILE C 195 1.10 -64.84 -12.21
CA ILE C 195 0.11 -65.74 -11.61
C ILE C 195 0.84 -66.67 -10.64
N ALA C 196 0.32 -66.76 -9.41
CA ALA C 196 0.87 -67.55 -8.32
C ALA C 196 2.23 -67.04 -7.85
N VAL C 197 2.69 -65.91 -8.37
CA VAL C 197 3.93 -65.29 -7.93
C VAL C 197 3.61 -64.39 -6.74
N PRO C 198 4.21 -64.62 -5.57
CA PRO C 198 3.91 -63.76 -4.41
C PRO C 198 4.31 -62.32 -4.68
N SER C 199 3.31 -61.43 -4.66
CA SER C 199 3.58 -60.02 -4.90
C SER C 199 4.25 -59.35 -3.72
N THR C 200 4.16 -59.92 -2.53
CA THR C 200 4.80 -59.34 -1.36
C THR C 200 6.27 -59.72 -1.32
N PHE C 201 7.08 -58.82 -0.79
CA PHE C 201 8.53 -59.00 -0.73
C PHE C 201 8.93 -59.43 0.68
N GLY C 202 9.79 -60.44 0.76
CA GLY C 202 10.24 -60.94 2.03
C GLY C 202 10.90 -62.30 1.88
N GLU C 203 11.24 -62.87 3.02
CA GLU C 203 11.90 -64.18 3.04
C GLU C 203 10.95 -65.28 2.59
N LYS C 204 11.52 -66.29 1.95
CA LYS C 204 10.73 -67.39 1.43
C LYS C 204 10.12 -68.20 2.57
N VAL C 205 8.89 -68.67 2.35
CA VAL C 205 8.14 -69.41 3.36
C VAL C 205 7.64 -70.70 2.72
N LYS C 206 7.47 -71.74 3.54
CA LYS C 206 7.03 -73.04 3.05
C LYS C 206 5.67 -72.92 2.36
N GLY C 207 5.50 -73.71 1.30
CA GLY C 207 4.29 -73.69 0.50
C GLY C 207 4.48 -73.15 -0.89
N GLU C 208 5.62 -72.53 -1.18
CA GLU C 208 5.85 -71.99 -2.52
C GLU C 208 5.99 -73.10 -3.56
N GLU C 209 6.42 -74.29 -3.13
CA GLU C 209 6.60 -75.40 -4.06
C GLU C 209 5.27 -75.84 -4.67
N GLU C 210 4.21 -75.86 -3.87
CA GLU C 210 2.89 -76.21 -4.39
C GLU C 210 2.43 -75.19 -5.42
N LEU C 211 2.67 -73.90 -5.15
CA LEU C 211 2.30 -72.86 -6.08
C LEU C 211 3.10 -72.98 -7.38
N GLU C 212 4.38 -73.30 -7.28
CA GLU C 212 5.18 -73.54 -8.48
C GLU C 212 4.65 -74.71 -9.27
N ARG C 213 4.21 -75.76 -8.57
CA ARG C 213 3.62 -76.92 -9.25
C ARG C 213 2.34 -76.55 -9.98
N GLN C 214 1.49 -75.75 -9.34
CA GLN C 214 0.18 -75.42 -9.88
C GLN C 214 0.19 -74.17 -10.76
N LYS C 215 1.36 -73.56 -10.98
CA LYS C 215 1.42 -72.34 -11.79
C LYS C 215 0.94 -72.59 -13.21
N ALA C 216 1.32 -73.73 -13.80
CA ALA C 216 0.90 -74.01 -15.17
C ALA C 216 -0.61 -74.15 -15.27
N LYS C 217 -1.22 -74.87 -14.34
CA LYS C 217 -2.67 -75.01 -14.35
C LYS C 217 -3.35 -73.67 -14.10
N ARG C 218 -2.80 -72.85 -13.21
CA ARG C 218 -3.41 -71.56 -12.92
C ARG C 218 -3.35 -70.63 -14.13
N VAL C 219 -2.21 -70.58 -14.82
CA VAL C 219 -2.11 -69.73 -16.00
C VAL C 219 -2.99 -70.26 -17.12
N LYS C 220 -3.11 -71.59 -17.25
CA LYS C 220 -4.03 -72.16 -18.22
C LYS C 220 -5.47 -71.74 -17.93
N SER C 221 -5.86 -71.77 -16.65
CA SER C 221 -7.21 -71.35 -16.28
C SER C 221 -7.42 -69.88 -16.55
N ALA C 222 -6.42 -69.04 -16.24
CA ALA C 222 -6.54 -67.61 -16.51
C ALA C 222 -6.68 -67.33 -18.00
N ILE C 223 -5.94 -68.09 -18.83
CA ILE C 223 -6.09 -67.94 -20.27
C ILE C 223 -7.47 -68.37 -20.73
N LYS C 224 -7.97 -69.50 -20.20
CA LYS C 224 -9.23 -70.05 -20.66
C LYS C 224 -10.41 -69.18 -20.25
N ALA C 225 -10.33 -68.55 -19.08
CA ALA C 225 -11.50 -67.89 -18.51
C ALA C 225 -11.97 -66.68 -19.31
N LEU C 226 -11.17 -66.18 -20.25
CA LEU C 226 -11.58 -65.02 -21.04
C LEU C 226 -12.70 -65.34 -22.01
N TYR C 227 -12.99 -66.63 -22.24
CA TYR C 227 -14.00 -67.01 -23.22
C TYR C 227 -15.38 -66.47 -22.84
N SER C 228 -15.63 -66.30 -21.55
CA SER C 228 -16.92 -65.76 -21.11
C SER C 228 -17.14 -64.36 -21.65
N LEU C 229 -16.11 -63.51 -21.57
CA LEU C 229 -16.23 -62.16 -22.10
C LEU C 229 -16.11 -62.16 -23.62
N LEU C 230 -15.34 -63.08 -24.18
CA LEU C 230 -15.21 -63.13 -25.64
C LEU C 230 -16.53 -63.47 -26.31
N SER C 231 -17.27 -64.44 -25.75
CA SER C 231 -18.55 -64.83 -26.34
C SER C 231 -19.57 -63.70 -26.24
N GLY C 232 -19.60 -63.01 -25.10
CA GLY C 232 -20.56 -61.93 -24.90
C GLY C 232 -21.22 -61.95 -23.54
N VAL C 251 -9.76 -59.21 -31.62
CA VAL C 251 -8.31 -59.10 -31.78
C VAL C 251 -7.61 -59.29 -30.43
N VAL C 252 -6.67 -60.24 -30.41
CA VAL C 252 -5.92 -60.59 -29.21
C VAL C 252 -4.44 -60.59 -29.55
N THR C 253 -3.62 -60.20 -28.57
CA THR C 253 -2.18 -60.14 -28.71
C THR C 253 -1.53 -60.72 -27.48
N LYS C 254 -0.47 -61.51 -27.70
CA LYS C 254 0.25 -62.16 -26.61
C LYS C 254 1.75 -62.01 -26.85
N THR C 255 2.49 -61.97 -25.75
CA THR C 255 3.95 -61.87 -25.82
C THR C 255 4.61 -63.21 -25.59
N MET D 1 18.93 -30.03 -24.49
CA MET D 1 17.73 -30.40 -23.73
C MET D 1 16.63 -30.90 -24.66
N ILE D 2 15.79 -31.80 -24.16
CA ILE D 2 14.67 -32.34 -24.91
C ILE D 2 13.39 -31.82 -24.26
N SER D 3 12.67 -30.97 -24.99
CA SER D 3 11.40 -30.44 -24.52
C SER D 3 10.28 -30.95 -25.43
N GLY D 4 9.06 -30.88 -24.94
CA GLY D 4 7.95 -31.34 -25.76
C GLY D 4 6.61 -30.97 -25.17
N SER D 5 5.60 -31.00 -26.04
CA SER D 5 4.20 -30.84 -25.67
C SER D 5 3.39 -31.91 -26.36
N VAL D 6 2.27 -32.30 -25.74
CA VAL D 6 1.50 -33.45 -26.21
C VAL D 6 0.06 -33.29 -25.77
N ARG D 7 -0.86 -33.80 -26.58
CA ARG D 7 -2.28 -33.83 -26.29
C ARG D 7 -2.76 -35.26 -26.11
N PHE D 8 -3.76 -35.43 -25.24
CA PHE D 8 -4.37 -36.73 -24.99
C PHE D 8 -5.87 -36.58 -24.94
N LEU D 9 -6.57 -37.64 -25.36
CA LEU D 9 -8.02 -37.72 -25.28
C LEU D 9 -8.40 -38.87 -24.35
N VAL D 10 -8.98 -38.54 -23.20
CA VAL D 10 -9.28 -39.52 -22.16
C VAL D 10 -10.79 -39.49 -21.91
N ASN D 11 -11.41 -40.66 -21.88
CA ASN D 11 -12.85 -40.78 -21.71
C ASN D 11 -13.15 -41.82 -20.64
N LEU D 12 -14.11 -41.51 -19.77
CA LEU D 12 -14.57 -42.42 -18.72
C LEU D 12 -13.40 -42.84 -17.82
N GLU D 13 -12.82 -41.85 -17.14
CA GLU D 13 -11.60 -42.06 -16.37
C GLU D 13 -11.79 -41.62 -14.93
N SER D 14 -11.14 -42.35 -14.02
CA SER D 14 -10.96 -41.94 -12.63
C SER D 14 -9.52 -42.32 -12.28
N LEU D 15 -8.59 -41.39 -12.53
CA LEU D 15 -7.17 -41.67 -12.39
C LEU D 15 -6.53 -41.01 -11.18
N ASN D 16 -7.14 -39.96 -10.63
CA ASN D 16 -6.61 -39.30 -9.45
C ASN D 16 -7.75 -39.03 -8.49
N GLY D 17 -7.60 -39.46 -7.25
CA GLY D 17 -8.64 -39.31 -6.26
C GLY D 17 -8.27 -38.41 -5.10
N VAL D 18 -9.27 -37.90 -4.40
CA VAL D 18 -9.11 -37.04 -3.24
C VAL D 18 -9.91 -37.67 -2.09
N GLU D 19 -9.87 -37.05 -0.92
CA GLU D 19 -10.60 -37.55 0.23
C GLU D 19 -12.08 -37.71 -0.09
N SER D 20 -12.65 -38.82 0.34
CA SER D 20 -14.03 -39.17 0.06
C SER D 20 -14.95 -38.76 1.22
N ILE D 21 -16.18 -38.42 0.88
CA ILE D 21 -17.20 -38.03 1.84
C ILE D 21 -18.38 -39.00 1.72
N GLY D 22 -18.78 -39.58 2.84
CA GLY D 22 -19.85 -40.57 2.81
C GLY D 22 -19.45 -41.78 1.99
N ASN D 23 -20.27 -42.12 1.00
CA ASN D 23 -20.00 -43.22 0.10
C ASN D 23 -19.70 -42.73 -1.32
N LEU D 24 -19.17 -41.51 -1.42
CA LEU D 24 -18.83 -40.89 -2.70
C LEU D 24 -17.33 -40.70 -2.78
N THR D 25 -16.71 -41.26 -3.81
CA THR D 25 -15.30 -41.04 -4.08
C THR D 25 -15.16 -39.89 -5.07
N LYS D 26 -14.33 -38.92 -4.74
CA LYS D 26 -14.27 -37.67 -5.47
C LYS D 26 -13.08 -37.64 -6.42
N HIS D 27 -13.30 -37.06 -7.59
CA HIS D 27 -12.25 -36.82 -8.57
C HIS D 27 -11.67 -35.43 -8.35
N ARG D 28 -10.35 -35.32 -8.54
CA ARG D 28 -9.69 -34.04 -8.28
C ARG D 28 -10.20 -32.96 -9.22
N THR D 29 -10.44 -31.78 -8.67
CA THR D 29 -10.91 -30.63 -9.43
C THR D 29 -10.09 -29.41 -9.04
N ALA D 30 -9.97 -28.47 -9.98
CA ALA D 30 -9.18 -27.27 -9.77
C ALA D 30 -9.80 -26.13 -10.56
N PRO D 31 -9.58 -24.88 -10.14
CA PRO D 31 -10.11 -23.74 -10.88
C PRO D 31 -9.18 -23.31 -12.02
N VAL D 32 -9.80 -22.73 -13.03
CA VAL D 32 -9.08 -22.21 -14.20
C VAL D 32 -9.69 -20.88 -14.60
N VAL D 33 -8.85 -20.00 -15.13
CA VAL D 33 -9.26 -18.71 -15.65
C VAL D 33 -9.23 -18.78 -17.17
N LEU D 34 -10.38 -18.54 -17.81
CA LEU D 34 -10.51 -18.74 -19.24
C LEU D 34 -11.03 -17.46 -19.88
N LYS D 35 -10.54 -17.17 -21.08
CA LYS D 35 -10.87 -15.94 -21.79
C LYS D 35 -11.93 -16.25 -22.85
N THR D 36 -13.06 -15.55 -22.77
CA THR D 36 -14.13 -15.65 -23.75
C THR D 36 -14.36 -14.29 -24.40
N SER D 37 -15.23 -14.27 -25.41
CA SER D 37 -15.55 -13.03 -26.10
C SER D 37 -16.19 -12.01 -25.19
N THR D 38 -16.76 -12.43 -24.06
CA THR D 38 -17.36 -11.53 -23.09
C THR D 38 -16.41 -11.12 -21.98
N GLY D 39 -15.16 -11.56 -22.03
CA GLY D 39 -14.21 -11.17 -21.01
C GLY D 39 -13.43 -12.33 -20.41
N TYR D 40 -13.34 -12.38 -19.09
CA TYR D 40 -12.61 -13.43 -18.40
C TYR D 40 -13.51 -14.08 -17.37
N LEU D 41 -13.46 -15.41 -17.28
CA LEU D 41 -14.32 -16.16 -16.38
C LEU D 41 -13.48 -17.16 -15.59
N VAL D 42 -14.04 -17.60 -14.48
CA VAL D 42 -13.43 -18.59 -13.60
C VAL D 42 -14.32 -19.82 -13.57
N ARG D 43 -13.73 -20.98 -13.86
CA ARG D 43 -14.49 -22.23 -13.92
C ARG D 43 -13.77 -23.29 -13.13
N TYR D 44 -14.45 -24.42 -12.92
CA TYR D 44 -13.92 -25.55 -12.18
C TYR D 44 -13.87 -26.76 -13.11
N VAL D 45 -12.71 -27.40 -13.19
CA VAL D 45 -12.55 -28.54 -14.11
C VAL D 45 -11.75 -29.63 -13.42
N PRO D 46 -12.01 -30.89 -13.79
CA PRO D 46 -11.20 -31.98 -13.27
C PRO D 46 -9.77 -31.91 -13.78
N VAL D 47 -8.82 -32.29 -12.92
CA VAL D 47 -7.40 -32.23 -13.22
C VAL D 47 -6.73 -33.49 -12.71
N ILE D 48 -5.52 -33.74 -13.19
CA ILE D 48 -4.70 -34.85 -12.73
C ILE D 48 -3.34 -34.31 -12.36
N SER D 49 -2.86 -34.66 -11.17
CA SER D 49 -1.59 -34.15 -10.68
C SER D 49 -0.42 -34.79 -11.41
N GLY D 50 0.73 -34.13 -11.33
CA GLY D 50 1.94 -34.62 -11.95
C GLY D 50 2.72 -35.60 -11.10
N GLU D 51 2.32 -35.78 -9.85
CA GLU D 51 3.00 -36.73 -8.98
C GLU D 51 2.86 -38.16 -9.51
N ALA D 52 1.67 -38.51 -10.01
CA ALA D 52 1.48 -39.83 -10.59
C ALA D 52 2.35 -40.02 -11.82
N LEU D 53 2.48 -39.00 -12.65
CA LEU D 53 3.35 -39.07 -13.83
C LEU D 53 4.79 -39.33 -13.41
N ALA D 54 5.27 -38.59 -12.41
CA ALA D 54 6.64 -38.78 -11.94
C ALA D 54 6.84 -40.18 -11.37
N HIS D 55 5.85 -40.68 -10.62
CA HIS D 55 5.96 -42.00 -10.03
C HIS D 55 6.02 -43.07 -11.12
N ALA D 56 5.18 -42.96 -12.15
CA ALA D 56 5.20 -43.92 -13.24
C ALA D 56 6.51 -43.86 -14.00
N TYR D 57 7.02 -42.66 -14.28
CA TYR D 57 8.29 -42.51 -14.98
C TYR D 57 9.42 -43.13 -14.17
N GLN D 58 9.44 -42.90 -12.85
CA GLN D 58 10.50 -43.44 -12.03
C GLN D 58 10.41 -44.96 -11.94
N ALA D 59 9.20 -45.51 -11.87
CA ALA D 59 9.04 -46.96 -11.84
C ALA D 59 9.54 -47.59 -13.14
N SER D 60 9.20 -46.99 -14.29
CA SER D 60 9.68 -47.51 -15.56
C SER D 60 11.21 -47.40 -15.64
N LEU D 61 11.76 -46.32 -15.09
CA LEU D 61 13.21 -46.18 -15.07
C LEU D 61 13.86 -47.26 -14.21
N VAL D 62 13.24 -47.58 -13.07
CA VAL D 62 13.75 -48.68 -12.23
C VAL D 62 13.76 -49.98 -13.02
N ASP D 63 12.65 -50.26 -13.71
CA ASP D 63 12.55 -51.51 -14.46
C ASP D 63 13.63 -51.59 -15.55
N ILE D 64 13.80 -50.50 -16.31
CA ILE D 64 14.77 -50.50 -17.39
C ILE D 64 16.19 -50.60 -16.85
N ALA D 65 16.48 -49.88 -15.75
CA ALA D 65 17.81 -49.95 -15.16
C ALA D 65 18.14 -51.34 -14.65
N LYS D 66 17.18 -52.00 -14.00
CA LYS D 66 17.43 -53.37 -13.54
C LYS D 66 17.62 -54.32 -14.70
N LYS D 67 16.84 -54.14 -15.77
CA LYS D 67 17.00 -55.02 -16.94
C LYS D 67 18.37 -54.82 -17.58
N GLU D 68 18.81 -53.56 -17.71
CA GLU D 68 20.08 -53.29 -18.38
C GLU D 68 21.27 -53.73 -17.53
N GLY D 69 21.26 -53.39 -16.25
CA GLY D 69 22.35 -53.76 -15.37
C GLY D 69 22.86 -52.62 -14.52
N LEU D 70 22.21 -51.47 -14.61
CA LEU D 70 22.60 -50.33 -13.79
C LEU D 70 22.21 -50.57 -12.34
N PRO D 71 22.99 -50.05 -11.39
CA PRO D 71 22.68 -50.26 -9.98
C PRO D 71 21.36 -49.61 -9.59
N VAL D 72 20.64 -50.28 -8.70
CA VAL D 72 19.36 -49.79 -8.18
C VAL D 72 19.34 -50.00 -6.68
N GLY D 73 18.87 -48.98 -5.95
CA GLY D 73 18.88 -49.05 -4.50
C GLY D 73 17.96 -50.12 -3.96
N SER D 74 18.20 -50.47 -2.69
CA SER D 74 17.41 -51.52 -2.04
C SER D 74 15.95 -51.09 -1.90
N LEU D 75 15.71 -49.90 -1.35
CA LEU D 75 14.35 -49.40 -1.20
C LEU D 75 13.73 -48.97 -2.52
N SER D 76 14.51 -48.90 -3.59
CA SER D 76 13.98 -48.53 -4.90
C SER D 76 13.62 -49.75 -5.75
N SER D 77 14.20 -50.92 -5.46
CA SER D 77 13.78 -52.13 -6.14
C SER D 77 12.32 -52.43 -5.84
N GLN D 78 11.93 -52.31 -4.58
CA GLN D 78 10.53 -52.21 -4.22
C GLN D 78 10.04 -50.80 -4.56
N TYR D 79 8.87 -50.71 -5.16
CA TYR D 79 8.40 -49.43 -5.68
C TYR D 79 7.96 -48.50 -4.55
N GLU D 80 8.92 -48.03 -3.76
CA GLU D 80 8.69 -47.07 -2.69
C GLU D 80 9.73 -45.97 -2.86
N PHE D 81 9.32 -44.84 -3.44
CA PHE D 81 10.26 -43.77 -3.78
C PHE D 81 10.43 -42.78 -2.62
N ILE D 82 10.77 -43.31 -1.44
CA ILE D 82 11.14 -42.44 -0.33
C ILE D 82 12.54 -41.88 -0.53
N LYS D 83 13.38 -42.56 -1.32
CA LYS D 83 14.75 -42.16 -1.59
C LYS D 83 15.54 -41.99 -0.30
N PHE D 84 16.64 -41.23 -0.36
CA PHE D 84 17.52 -41.07 0.79
C PHE D 84 17.15 -39.79 1.53
N SER D 85 15.93 -39.80 2.09
CA SER D 85 15.38 -38.64 2.76
C SER D 85 15.48 -38.73 4.29
N THR D 86 15.12 -39.88 4.85
CA THR D 86 15.12 -40.06 6.30
C THR D 86 16.27 -40.96 6.72
N ASP D 87 16.55 -40.95 8.02
CA ASP D 87 17.66 -41.75 8.55
C ASP D 87 17.42 -43.25 8.37
N GLU D 88 16.15 -43.67 8.42
CA GLU D 88 15.83 -45.09 8.27
C GLU D 88 16.22 -45.59 6.88
N ALA D 89 16.00 -44.79 5.85
CA ALA D 89 16.36 -45.20 4.50
C ALA D 89 17.87 -45.38 4.37
N LEU D 90 18.65 -44.44 4.92
CA LEU D 90 20.10 -44.58 4.89
C LEU D 90 20.56 -45.79 5.68
N LYS D 91 19.93 -46.04 6.83
CA LYS D 91 20.30 -47.21 7.63
C LYS D 91 20.01 -48.50 6.88
N ILE D 92 18.87 -48.56 6.18
CA ILE D 92 18.54 -49.77 5.41
C ILE D 92 19.50 -49.94 4.25
N GLU D 93 19.75 -48.87 3.49
CA GLU D 93 20.63 -48.97 2.33
C GLU D 93 22.07 -49.17 2.74
N GLY D 94 22.52 -48.52 3.81
CA GLY D 94 23.88 -48.70 4.29
C GLY D 94 24.83 -47.62 3.82
N ILE D 95 24.42 -46.36 3.93
CA ILE D 95 25.23 -45.22 3.55
C ILE D 95 25.35 -44.28 4.75
N LYS D 96 26.58 -43.89 5.07
CA LYS D 96 26.80 -43.00 6.20
C LYS D 96 26.29 -41.59 5.89
N GLU D 97 25.91 -40.88 6.96
CA GLU D 97 25.42 -39.53 6.82
C GLU D 97 26.58 -38.55 6.57
N PRO D 98 26.33 -37.46 5.87
CA PRO D 98 27.38 -36.45 5.67
C PRO D 98 27.83 -35.86 7.01
N LYS D 99 29.13 -35.59 7.11
CA LYS D 99 29.66 -35.02 8.33
C LYS D 99 29.55 -33.49 8.35
N ASP D 100 29.89 -32.84 7.25
CA ASP D 100 29.83 -31.39 7.14
C ASP D 100 29.65 -31.02 5.66
N TYR D 101 29.80 -29.74 5.35
CA TYR D 101 29.61 -29.28 3.98
C TYR D 101 30.66 -29.88 3.04
N ASN D 102 31.92 -29.93 3.47
CA ASN D 102 33.00 -30.37 2.59
C ASN D 102 32.81 -31.82 2.16
N ASP D 103 32.22 -32.66 3.02
CA ASP D 103 32.01 -34.06 2.67
C ASP D 103 30.79 -34.28 1.79
N ALA D 104 29.92 -33.27 1.65
CA ALA D 104 28.65 -33.47 0.98
C ALA D 104 28.83 -34.03 -0.41
N ARG D 105 29.78 -33.48 -1.18
CA ARG D 105 30.04 -33.97 -2.53
C ARG D 105 30.23 -35.48 -2.53
N ARG D 106 31.11 -35.97 -1.66
CA ARG D 106 31.34 -37.41 -1.58
C ARG D 106 30.02 -38.16 -1.40
N PHE D 107 29.22 -37.71 -0.42
CA PHE D 107 27.93 -38.34 -0.18
C PHE D 107 27.12 -38.40 -1.46
N GLU D 108 27.01 -37.27 -2.17
CA GLU D 108 26.22 -37.26 -3.39
C GLU D 108 26.72 -38.30 -4.37
N VAL D 109 28.04 -38.37 -4.54
CA VAL D 109 28.61 -39.34 -5.48
C VAL D 109 28.20 -40.75 -5.08
N GLU D 110 28.30 -41.06 -3.78
CA GLU D 110 27.90 -42.38 -3.32
C GLU D 110 26.43 -42.64 -3.63
N VAL D 111 25.59 -41.63 -3.40
CA VAL D 111 24.17 -41.79 -3.67
C VAL D 111 23.94 -42.02 -5.15
N MET D 112 24.77 -41.39 -5.99
CA MET D 112 24.65 -41.60 -7.43
C MET D 112 25.23 -42.92 -7.89
N LEU D 113 26.05 -43.57 -7.06
CA LEU D 113 26.66 -44.84 -7.45
C LEU D 113 25.84 -46.06 -7.07
N LYS D 114 24.71 -45.88 -6.39
CA LYS D 114 23.90 -47.01 -5.98
C LYS D 114 22.51 -47.00 -6.58
N ASP D 115 21.90 -45.82 -6.75
CA ASP D 115 20.54 -45.71 -7.25
C ASP D 115 20.52 -44.71 -8.40
N VAL D 116 20.02 -45.16 -9.57
CA VAL D 116 19.87 -44.26 -10.71
C VAL D 116 18.75 -43.26 -10.45
N ILE D 117 17.73 -43.65 -9.69
CA ILE D 117 16.58 -42.77 -9.46
C ILE D 117 17.01 -41.50 -8.72
N ALA D 118 17.86 -41.65 -7.71
CA ALA D 118 18.34 -40.48 -6.99
C ALA D 118 19.23 -39.59 -7.87
N ASP D 119 19.68 -40.10 -9.01
CA ASP D 119 20.50 -39.32 -9.93
C ASP D 119 19.65 -38.60 -10.97
N VAL D 120 18.64 -39.28 -11.53
CA VAL D 120 17.82 -38.69 -12.58
C VAL D 120 16.70 -37.85 -11.99
N GLY D 121 15.91 -38.44 -11.10
CA GLY D 121 14.78 -37.76 -10.52
C GLY D 121 15.08 -36.84 -9.36
N GLY D 122 16.33 -36.74 -8.95
CA GLY D 122 16.70 -35.85 -7.86
C GLY D 122 16.32 -36.43 -6.52
N PHE D 123 16.86 -35.81 -5.47
CA PHE D 123 16.60 -36.28 -4.11
C PHE D 123 16.89 -35.16 -3.13
N MET D 124 16.42 -35.35 -1.90
CA MET D 124 16.62 -34.37 -0.85
C MET D 124 16.87 -35.10 0.47
N TYR D 125 17.88 -34.66 1.21
CA TYR D 125 18.18 -35.17 2.55
C TYR D 125 18.27 -34.01 3.51
N ALA D 126 17.48 -34.08 4.59
CA ALA D 126 17.42 -33.03 5.60
C ALA D 126 18.12 -33.53 6.86
N GLY D 127 18.97 -32.67 7.43
CA GLY D 127 19.71 -33.05 8.62
C GLY D 127 20.77 -32.01 8.94
N GLY D 128 21.83 -32.46 9.60
CA GLY D 128 22.92 -31.56 9.93
C GLY D 128 23.56 -30.94 8.70
N ALA D 129 23.68 -31.73 7.63
CA ALA D 129 24.23 -31.27 6.36
C ALA D 129 23.24 -31.61 5.26
N PRO D 130 22.23 -30.76 5.06
CA PRO D 130 21.21 -31.06 4.03
C PRO D 130 21.84 -31.12 2.65
N VAL D 131 21.35 -32.05 1.83
CA VAL D 131 21.83 -32.25 0.47
C VAL D 131 20.64 -32.21 -0.47
N ARG D 132 20.75 -31.43 -1.54
CA ARG D 132 19.67 -31.27 -2.50
C ARG D 132 20.14 -31.62 -3.90
N ARG D 133 19.24 -32.18 -4.70
CA ARG D 133 19.50 -32.45 -6.10
C ARG D 133 18.18 -32.33 -6.85
N THR D 134 18.06 -31.29 -7.65
CA THR D 134 16.84 -31.03 -8.39
C THR D 134 16.64 -32.10 -9.46
N SER D 135 15.38 -32.45 -9.70
CA SER D 135 15.06 -33.43 -10.73
C SER D 135 15.43 -32.91 -12.10
N ARG D 136 15.90 -33.82 -12.96
CA ARG D 136 16.24 -33.49 -14.34
C ARG D 136 15.05 -33.65 -15.27
N ILE D 137 13.92 -34.15 -14.78
CA ILE D 137 12.68 -34.22 -15.54
C ILE D 137 11.66 -33.33 -14.83
N LYS D 138 10.96 -32.50 -15.61
CA LYS D 138 9.99 -31.56 -15.08
C LYS D 138 8.63 -31.84 -15.71
N LEU D 139 7.59 -31.89 -14.88
CA LEU D 139 6.24 -32.18 -15.32
C LEU D 139 5.29 -31.19 -14.66
N GLY D 140 4.02 -31.25 -15.06
CA GLY D 140 3.01 -30.37 -14.52
C GLY D 140 1.65 -31.04 -14.49
N TYR D 141 0.67 -30.31 -13.95
CA TYR D 141 -0.69 -30.81 -13.87
C TYR D 141 -1.25 -31.05 -15.27
N MET D 142 -2.05 -32.09 -15.42
CA MET D 142 -2.70 -32.40 -16.68
C MET D 142 -4.04 -31.69 -16.73
N ILE D 143 -4.16 -30.72 -17.63
CA ILE D 143 -5.28 -29.78 -17.65
C ILE D 143 -6.05 -29.93 -18.96
N PRO D 144 -7.39 -29.90 -18.93
CA PRO D 144 -8.15 -29.82 -20.17
C PRO D 144 -7.84 -28.52 -20.90
N ALA D 145 -7.87 -28.58 -22.23
CA ALA D 145 -7.49 -27.44 -23.05
C ALA D 145 -8.45 -26.28 -22.83
N LEU D 146 -7.89 -25.10 -22.55
CA LEU D 146 -8.68 -23.88 -22.39
C LEU D 146 -8.80 -23.17 -23.74
N ARG D 147 -9.62 -23.77 -24.60
CA ARG D 147 -9.78 -23.33 -25.98
C ARG D 147 -11.19 -22.82 -26.20
N GLY D 148 -11.31 -21.72 -26.94
CA GLY D 148 -12.63 -21.17 -27.24
C GLY D 148 -13.34 -20.67 -26.00
N ASP D 149 -14.65 -20.86 -25.97
CA ASP D 149 -15.49 -20.43 -24.86
C ASP D 149 -16.03 -21.56 -24.03
N GLU D 150 -16.08 -22.78 -24.56
CA GLU D 150 -16.60 -23.95 -23.86
C GLU D 150 -15.48 -24.93 -23.57
N ILE D 151 -15.35 -25.31 -22.31
CA ILE D 151 -14.32 -26.26 -21.91
C ILE D 151 -14.77 -27.68 -22.28
N PRO D 152 -13.98 -28.44 -23.04
CA PRO D 152 -14.40 -29.80 -23.41
C PRO D 152 -14.10 -30.80 -22.30
N ALA D 153 -14.81 -30.65 -21.18
CA ALA D 153 -14.65 -31.53 -20.04
C ALA D 153 -16.00 -31.71 -19.35
N GLN D 154 -16.13 -32.82 -18.64
CA GLN D 154 -17.36 -33.11 -17.91
C GLN D 154 -17.04 -34.06 -16.76
N LEU D 155 -17.81 -33.94 -15.68
CA LEU D 155 -17.63 -34.76 -14.49
C LEU D 155 -18.99 -35.11 -13.90
N GLU D 156 -19.18 -36.37 -13.54
CA GLU D 156 -20.42 -36.81 -12.91
C GLU D 156 -20.10 -37.92 -11.91
N ALA D 157 -21.14 -38.52 -11.35
CA ALA D 157 -21.01 -39.58 -10.37
C ALA D 157 -21.78 -40.80 -10.83
N GLN D 158 -21.32 -41.98 -10.42
CA GLN D 158 -21.91 -43.24 -10.81
C GLN D 158 -22.18 -44.10 -9.59
N PHE D 159 -23.20 -44.95 -9.71
CA PHE D 159 -23.77 -45.71 -8.61
C PHE D 159 -23.31 -47.17 -8.71
N HIS D 160 -22.84 -47.72 -7.59
CA HIS D 160 -22.41 -49.12 -7.57
C HIS D 160 -22.85 -49.77 -6.27
N VAL D 161 -23.09 -51.08 -6.34
CA VAL D 161 -23.57 -51.86 -5.21
C VAL D 161 -22.82 -53.20 -5.18
N ARG D 162 -22.81 -53.83 -4.01
CA ARG D 162 -22.22 -55.14 -3.80
C ARG D 162 -23.32 -56.15 -3.52
N PHE D 163 -23.28 -57.28 -4.22
CA PHE D 163 -24.28 -58.32 -4.06
C PHE D 163 -24.05 -59.09 -2.77
N ALA D 173 -22.78 -51.41 1.54
CA ALA D 173 -22.67 -52.19 0.31
C ALA D 173 -22.99 -51.34 -0.91
N ILE D 174 -23.16 -50.03 -0.70
CA ILE D 174 -23.51 -49.09 -1.74
C ILE D 174 -22.48 -47.97 -1.74
N PHE D 175 -21.99 -47.60 -2.93
CA PHE D 175 -21.02 -46.53 -3.03
C PHE D 175 -21.20 -45.79 -4.34
N ASN D 176 -20.56 -44.62 -4.43
CA ASN D 176 -20.61 -43.76 -5.61
C ASN D 176 -19.20 -43.37 -6.00
N VAL D 177 -18.94 -43.32 -7.30
CA VAL D 177 -17.61 -43.05 -7.83
C VAL D 177 -17.71 -41.93 -8.86
N GLU D 178 -16.84 -40.93 -8.72
CA GLU D 178 -16.81 -39.81 -9.66
C GLU D 178 -16.04 -40.20 -10.92
N VAL D 179 -16.61 -39.87 -12.07
CA VAL D 179 -16.03 -40.21 -13.36
C VAL D 179 -16.00 -38.95 -14.22
N SER D 180 -14.89 -38.74 -14.91
CA SER D 180 -14.67 -37.53 -15.71
C SER D 180 -14.22 -37.89 -17.11
N SER D 181 -14.49 -36.96 -18.03
CA SER D 181 -14.01 -37.04 -19.41
C SER D 181 -13.45 -35.68 -19.80
N ALA D 182 -12.31 -35.69 -20.48
CA ALA D 182 -11.62 -34.43 -20.80
C ALA D 182 -10.66 -34.66 -21.96
N LEU D 183 -10.19 -33.54 -22.51
CA LEU D 183 -9.13 -33.52 -23.51
C LEU D 183 -7.89 -32.93 -22.84
N TYR D 184 -7.05 -33.81 -22.30
CA TYR D 184 -5.89 -33.36 -21.53
C TYR D 184 -4.74 -32.96 -22.43
N THR D 185 -3.95 -32.01 -21.96
CA THR D 185 -2.74 -31.55 -22.63
C THR D 185 -1.65 -31.35 -21.60
N PHE D 186 -0.41 -31.71 -21.93
CA PHE D 186 0.68 -31.41 -21.01
C PHE D 186 2.01 -31.39 -21.75
N SER D 187 2.99 -30.79 -21.09
CA SER D 187 4.32 -30.59 -21.65
C SER D 187 5.37 -31.06 -20.66
N PHE D 188 6.56 -31.37 -21.18
CA PHE D 188 7.63 -31.91 -20.37
C PHE D 188 8.96 -31.37 -20.87
N GLU D 189 9.96 -31.44 -19.99
CA GLU D 189 11.32 -30.98 -20.26
C GLU D 189 12.31 -31.91 -19.57
N LEU D 190 13.40 -32.24 -20.27
CA LEU D 190 14.41 -33.16 -19.75
C LEU D 190 15.77 -32.70 -20.24
N ASP D 191 16.62 -32.25 -19.31
CA ASP D 191 17.98 -31.84 -19.65
C ASP D 191 18.91 -33.03 -19.45
N GLU D 192 19.45 -33.55 -20.56
CA GLU D 192 20.31 -34.72 -20.53
C GLU D 192 21.80 -34.38 -20.43
N ASP D 193 22.15 -33.10 -20.37
CA ASP D 193 23.55 -32.70 -20.29
C ASP D 193 24.08 -32.69 -18.86
N LEU D 194 23.24 -32.94 -17.86
CA LEU D 194 23.69 -32.98 -16.47
C LEU D 194 23.45 -34.33 -15.82
N ILE D 195 23.06 -35.35 -16.59
CA ILE D 195 22.87 -36.67 -16.02
C ILE D 195 24.23 -37.25 -15.64
N ALA D 196 24.30 -37.86 -14.45
CA ALA D 196 25.53 -38.45 -13.93
C ALA D 196 26.62 -37.42 -13.77
N VAL D 197 26.23 -36.19 -13.44
CA VAL D 197 27.17 -35.10 -13.20
C VAL D 197 26.82 -34.50 -11.84
N PRO D 198 27.74 -34.48 -10.88
CA PRO D 198 27.42 -33.90 -9.56
C PRO D 198 27.05 -32.42 -9.68
N SER D 199 26.07 -32.01 -8.89
CA SER D 199 25.61 -30.64 -8.84
C SER D 199 26.11 -29.89 -7.62
N THR D 200 26.90 -30.53 -6.76
CA THR D 200 27.44 -29.92 -5.56
C THR D 200 28.85 -29.43 -5.84
N PHE D 201 29.13 -28.18 -5.47
CA PHE D 201 30.43 -27.59 -5.73
C PHE D 201 31.43 -28.05 -4.69
N GLY D 202 32.65 -28.35 -5.16
CA GLY D 202 33.70 -28.83 -4.27
C GLY D 202 34.97 -29.20 -5.01
N GLU D 203 35.53 -30.37 -4.65
CA GLU D 203 36.76 -30.87 -5.25
C GLU D 203 36.51 -32.26 -5.82
N LYS D 204 37.48 -32.74 -6.59
CA LYS D 204 37.37 -34.06 -7.22
C LYS D 204 37.35 -35.15 -6.15
N VAL D 205 36.51 -36.16 -6.37
CA VAL D 205 36.35 -37.26 -5.44
C VAL D 205 36.46 -38.58 -6.20
N LYS D 206 37.21 -39.52 -5.63
CA LYS D 206 37.37 -40.82 -6.26
C LYS D 206 36.03 -41.50 -6.46
N GLY D 207 35.88 -42.15 -7.61
CA GLY D 207 34.65 -42.81 -7.99
C GLY D 207 33.91 -42.16 -9.14
N GLU D 208 34.35 -40.99 -9.60
CA GLU D 208 33.68 -40.32 -10.70
C GLU D 208 33.99 -40.97 -12.04
N GLU D 209 35.06 -41.77 -12.12
CA GLU D 209 35.38 -42.46 -13.37
C GLU D 209 34.29 -43.45 -13.75
N GLU D 210 33.75 -44.16 -12.76
CA GLU D 210 32.63 -45.07 -13.02
C GLU D 210 31.41 -44.30 -13.50
N LEU D 211 31.15 -43.13 -12.91
CA LEU D 211 30.06 -42.30 -13.38
C LEU D 211 30.27 -41.87 -14.83
N GLU D 212 31.49 -41.49 -15.18
CA GLU D 212 31.77 -41.09 -16.55
C GLU D 212 31.59 -42.27 -17.51
N ARG D 213 32.00 -43.47 -17.09
CA ARG D 213 31.82 -44.64 -17.93
C ARG D 213 30.34 -44.97 -18.13
N GLN D 214 29.54 -44.85 -17.07
CA GLN D 214 28.14 -45.23 -17.12
C GLN D 214 27.23 -44.10 -17.58
N LYS D 215 27.78 -42.92 -17.88
CA LYS D 215 26.95 -41.78 -18.28
C LYS D 215 26.13 -42.10 -19.52
N ALA D 216 26.74 -42.75 -20.51
CA ALA D 216 26.01 -43.06 -21.74
C ALA D 216 24.84 -43.99 -21.46
N LYS D 217 25.06 -45.02 -20.64
CA LYS D 217 23.97 -45.94 -20.31
C LYS D 217 22.87 -45.23 -19.53
N ARG D 218 23.24 -44.36 -18.61
CA ARG D 218 22.24 -43.62 -17.84
C ARG D 218 21.42 -42.72 -18.75
N VAL D 219 22.07 -42.03 -19.69
CA VAL D 219 21.35 -41.17 -20.63
C VAL D 219 20.40 -42.00 -21.50
N LYS D 220 20.88 -43.14 -21.99
CA LYS D 220 20.02 -44.00 -22.81
C LYS D 220 18.81 -44.47 -22.03
N SER D 221 19.01 -44.88 -20.77
CA SER D 221 17.89 -45.33 -19.95
C SER D 221 16.90 -44.20 -19.69
N ALA D 222 17.42 -43.00 -19.41
CA ALA D 222 16.54 -41.86 -19.16
C ALA D 222 15.71 -41.52 -20.39
N ILE D 223 16.33 -41.58 -21.57
CA ILE D 223 15.58 -41.31 -22.80
C ILE D 223 14.53 -42.39 -23.03
N LYS D 224 14.89 -43.66 -22.81
CA LYS D 224 13.94 -44.74 -23.01
C LYS D 224 12.77 -44.68 -22.03
N ALA D 225 13.01 -44.15 -20.83
CA ALA D 225 11.97 -44.12 -19.81
C ALA D 225 10.79 -43.22 -20.18
N LEU D 226 10.95 -42.33 -21.15
CA LEU D 226 9.86 -41.45 -21.56
C LEU D 226 8.74 -42.18 -22.27
N TYR D 227 8.97 -43.44 -22.66
CA TYR D 227 7.94 -44.21 -23.34
C TYR D 227 6.74 -44.46 -22.43
N SER D 228 6.98 -44.60 -21.12
CA SER D 228 5.86 -44.79 -20.20
C SER D 228 4.95 -43.58 -20.19
N LEU D 229 5.52 -42.38 -20.14
CA LEU D 229 4.70 -41.17 -20.13
C LEU D 229 4.03 -40.95 -21.48
N LEU D 230 4.75 -41.22 -22.57
CA LEU D 230 4.18 -40.99 -23.90
C LEU D 230 3.18 -42.07 -24.31
N SER D 231 3.16 -43.21 -23.63
CA SER D 231 2.19 -44.27 -23.92
C SER D 231 0.94 -44.16 -23.07
N GLY D 232 1.07 -43.73 -21.81
CA GLY D 232 -0.09 -43.51 -20.98
C GLY D 232 -0.33 -44.54 -19.91
N ASN D 233 0.73 -45.03 -19.27
CA ASN D 233 0.60 -45.92 -18.11
C ASN D 233 1.12 -45.17 -16.89
N PHE D 234 0.28 -44.33 -16.33
CA PHE D 234 0.63 -43.57 -15.13
C PHE D 234 -0.44 -43.60 -14.05
N GLY D 235 -1.72 -43.58 -14.44
CA GLY D 235 -2.77 -43.35 -13.47
C GLY D 235 -3.12 -44.57 -12.64
N GLY D 236 -3.78 -44.31 -11.52
CA GLY D 236 -4.28 -45.36 -10.66
C GLY D 236 -5.70 -45.76 -11.01
N LYS D 237 -6.28 -46.62 -10.17
CA LYS D 237 -7.61 -47.17 -10.39
C LYS D 237 -7.72 -47.80 -11.77
N ARG D 238 -6.66 -48.49 -12.18
CA ARG D 238 -6.57 -49.06 -13.52
C ARG D 238 -7.15 -50.46 -13.61
N SER D 239 -7.52 -51.06 -12.48
CA SER D 239 -8.02 -52.43 -12.49
C SER D 239 -9.44 -52.50 -13.04
N ARG D 240 -10.29 -51.55 -12.66
CA ARG D 240 -11.68 -51.55 -13.09
C ARG D 240 -12.11 -50.29 -13.83
N PHE D 241 -11.25 -49.29 -13.91
CA PHE D 241 -11.56 -48.03 -14.60
C PHE D 241 -10.48 -47.72 -15.63
N LEU D 242 -10.15 -48.73 -16.45
CA LEU D 242 -9.16 -48.61 -17.51
C LEU D 242 -9.54 -47.48 -18.47
N PRO D 243 -8.79 -46.38 -18.48
CA PRO D 243 -9.14 -45.26 -19.36
C PRO D 243 -8.91 -45.61 -20.82
N SER D 244 -9.67 -44.95 -21.69
CA SER D 244 -9.51 -45.08 -23.13
C SER D 244 -8.71 -43.87 -23.62
N MET D 245 -7.46 -44.11 -24.02
CA MET D 245 -6.54 -43.04 -24.36
C MET D 245 -6.07 -43.20 -25.80
N LYS D 246 -5.85 -42.06 -26.46
CA LYS D 246 -5.34 -42.02 -27.81
C LYS D 246 -4.55 -40.74 -28.00
N LEU D 247 -3.67 -40.74 -29.01
CA LEU D 247 -2.79 -39.61 -29.26
C LEU D 247 -3.37 -38.75 -30.38
N MET D 248 -3.27 -37.43 -30.19
CA MET D 248 -3.78 -36.46 -31.16
C MET D 248 -2.69 -35.61 -31.78
N SER D 249 -1.82 -35.01 -30.97
CA SER D 249 -0.75 -34.17 -31.48
C SER D 249 0.41 -34.18 -30.50
N LEU D 250 1.62 -34.08 -31.06
CA LEU D 250 2.84 -34.15 -30.26
C LEU D 250 3.95 -33.39 -30.96
N VAL D 251 4.67 -32.55 -30.21
CA VAL D 251 5.81 -31.80 -30.73
C VAL D 251 6.97 -32.00 -29.77
N VAL D 252 8.14 -32.33 -30.30
CA VAL D 252 9.35 -32.51 -29.50
C VAL D 252 10.48 -31.70 -30.12
N THR D 253 11.20 -30.94 -29.29
CA THR D 253 12.32 -30.13 -29.74
C THR D 253 13.57 -30.54 -28.99
N LYS D 254 14.66 -30.77 -29.73
CA LYS D 254 15.97 -31.05 -29.16
C LYS D 254 16.87 -29.87 -29.46
N THR D 255 17.41 -29.24 -28.41
CA THR D 255 18.18 -28.01 -28.56
C THR D 255 19.42 -28.07 -27.69
N ASP D 256 20.29 -27.07 -27.88
CA ASP D 256 21.47 -26.86 -27.04
C ASP D 256 21.33 -25.65 -26.14
N PHE D 257 20.19 -24.96 -26.20
CA PHE D 257 19.92 -23.75 -25.42
C PHE D 257 18.55 -23.88 -24.79
N PRO D 258 18.29 -23.16 -23.70
CA PRO D 258 16.97 -23.25 -23.07
C PRO D 258 15.87 -22.80 -24.02
N PHE D 259 14.74 -23.51 -23.96
CA PHE D 259 13.62 -23.23 -24.83
C PHE D 259 12.39 -23.96 -24.29
N MET D 260 11.24 -23.28 -24.34
CA MET D 260 9.98 -23.83 -23.87
C MET D 260 8.97 -23.83 -25.00
N PRO D 261 8.44 -24.98 -25.40
CA PRO D 261 7.47 -25.01 -26.49
C PRO D 261 6.13 -24.42 -26.06
N GLU D 262 5.34 -24.04 -27.06
CA GLU D 262 4.04 -23.46 -26.78
C GLU D 262 3.10 -24.50 -26.17
N PRO D 263 2.27 -24.11 -25.21
CA PRO D 263 1.27 -25.05 -24.68
C PRO D 263 0.24 -25.43 -25.74
N ALA D 264 -0.47 -26.52 -25.47
CA ALA D 264 -1.42 -27.08 -26.42
C ALA D 264 -2.83 -26.51 -26.25
N HIS D 265 -2.94 -25.29 -25.74
CA HIS D 265 -4.26 -24.68 -25.56
C HIS D 265 -4.89 -24.33 -26.90
N ASP D 266 -4.10 -23.79 -27.83
CA ASP D 266 -4.61 -23.33 -29.11
C ASP D 266 -4.35 -24.35 -30.20
N ASP D 267 -5.15 -24.28 -31.27
CA ASP D 267 -4.97 -25.19 -32.39
C ASP D 267 -3.67 -24.92 -33.13
N ASP D 268 -3.18 -23.69 -33.08
CA ASP D 268 -1.95 -23.28 -33.76
C ASP D 268 -0.87 -23.11 -32.69
N TYR D 269 -0.19 -24.20 -32.36
CA TYR D 269 0.92 -24.17 -31.43
C TYR D 269 2.15 -24.92 -31.94
N ILE D 270 2.09 -25.50 -33.13
CA ILE D 270 3.25 -26.16 -33.72
C ILE D 270 4.05 -25.21 -34.58
N LYS D 271 3.38 -24.51 -35.51
CA LYS D 271 4.08 -23.55 -36.37
C LYS D 271 4.66 -22.40 -35.56
N THR D 272 3.92 -21.94 -34.55
CA THR D 272 4.44 -20.89 -33.68
C THR D 272 5.67 -21.38 -32.94
N THR D 273 5.64 -22.62 -32.45
CA THR D 273 6.80 -23.17 -31.76
C THR D 273 8.00 -23.27 -32.69
N ILE D 274 7.78 -23.69 -33.93
CA ILE D 274 8.89 -23.84 -34.88
C ILE D 274 9.50 -22.47 -35.19
N MET D 275 8.66 -21.47 -35.46
CA MET D 275 9.17 -20.13 -35.77
C MET D 275 9.92 -19.56 -34.57
N ARG D 276 9.37 -19.72 -33.36
CA ARG D 276 10.05 -19.24 -32.17
C ARG D 276 11.37 -19.96 -31.97
N LEU D 277 11.42 -21.25 -32.27
CA LEU D 277 12.66 -22.00 -32.11
C LEU D 277 13.73 -21.50 -33.08
N GLY D 278 13.36 -21.26 -34.34
CA GLY D 278 14.33 -20.73 -35.28
C GLY D 278 14.83 -19.36 -34.87
N LYS D 279 13.92 -18.48 -34.48
CA LYS D 279 14.31 -17.13 -34.09
C LYS D 279 15.14 -17.14 -32.81
N ALA D 280 14.83 -18.03 -31.87
CA ALA D 280 15.60 -18.13 -30.65
C ALA D 280 17.00 -18.70 -30.91
N LYS D 281 17.11 -19.65 -31.84
CA LYS D 281 18.42 -20.13 -32.23
C LYS D 281 19.24 -19.01 -32.85
N GLY D 282 18.60 -18.17 -33.67
CA GLY D 282 19.30 -17.01 -34.20
C GLY D 282 19.72 -16.03 -33.13
N VAL D 283 18.86 -15.79 -32.15
CA VAL D 283 19.12 -14.78 -31.13
C VAL D 283 20.23 -15.23 -30.18
N LEU D 284 20.14 -16.47 -29.70
CA LEU D 284 20.99 -16.96 -28.62
C LEU D 284 22.28 -17.61 -29.10
N ASN D 285 22.54 -17.58 -30.41
CA ASN D 285 23.76 -18.14 -30.99
C ASN D 285 23.88 -19.63 -30.66
N GLY D 286 22.82 -20.38 -30.98
CA GLY D 286 22.83 -21.81 -30.76
C GLY D 286 23.52 -22.56 -31.89
N ASN D 287 23.71 -23.85 -31.66
CA ASN D 287 24.37 -24.72 -32.64
C ASN D 287 23.54 -25.92 -33.06
N LEU D 288 22.52 -26.30 -32.29
CA LEU D 288 21.69 -27.45 -32.63
C LEU D 288 20.25 -27.15 -32.27
N ALA D 289 19.34 -27.42 -33.20
CA ALA D 289 17.92 -27.22 -32.95
C ALA D 289 17.16 -28.09 -33.95
N LYS D 290 16.49 -29.13 -33.45
CA LYS D 290 15.74 -30.04 -34.29
C LYS D 290 14.33 -30.21 -33.73
N ALA D 291 13.38 -30.41 -34.64
CA ALA D 291 11.98 -30.53 -34.26
C ALA D 291 11.37 -31.78 -34.88
N TYR D 292 10.53 -32.47 -34.11
CA TYR D 292 9.80 -33.65 -34.55
C TYR D 292 8.32 -33.43 -34.24
N VAL D 293 7.47 -33.78 -35.20
CA VAL D 293 6.03 -33.54 -35.11
C VAL D 293 5.29 -34.82 -35.42
N ILE D 294 4.37 -35.19 -34.55
CA ILE D 294 3.43 -36.28 -34.79
C ILE D 294 2.03 -35.68 -34.81
N ASN D 295 1.35 -35.82 -35.94
CA ASN D 295 0.05 -35.20 -36.15
C ASN D 295 -0.96 -36.24 -36.61
N ASN D 296 -2.12 -36.27 -35.94
CA ASN D 296 -3.21 -37.15 -36.31
C ASN D 296 -4.55 -36.45 -36.43
N GLU D 297 -4.69 -35.24 -35.88
CA GLU D 297 -5.93 -34.48 -35.90
C GLU D 297 -6.02 -33.49 -37.05
N GLY D 298 -5.05 -33.47 -37.94
CA GLY D 298 -5.12 -32.64 -39.14
C GLY D 298 -5.14 -31.14 -38.91
N ILE D 299 -4.24 -30.65 -38.06
CA ILE D 299 -4.10 -29.23 -37.84
C ILE D 299 -2.89 -28.72 -38.63
N GLU D 300 -2.79 -27.40 -38.77
CA GLU D 300 -1.69 -26.81 -39.51
C GLU D 300 -0.37 -27.04 -38.78
N VAL D 301 0.68 -27.36 -39.54
CA VAL D 301 1.99 -27.63 -38.96
C VAL D 301 3.02 -26.66 -39.53
N GLY D 302 3.16 -26.66 -40.86
CA GLY D 302 4.12 -25.80 -41.50
C GLY D 302 4.87 -26.49 -42.62
N GLU D 303 6.11 -26.05 -42.88
CA GLU D 303 6.93 -26.62 -43.93
C GLU D 303 8.34 -26.85 -43.40
N GLY D 304 9.03 -27.82 -44.02
CA GLY D 304 10.39 -28.14 -43.62
C GLY D 304 10.50 -28.69 -42.21
N VAL D 305 9.55 -29.52 -41.79
CA VAL D 305 9.54 -30.12 -40.47
C VAL D 305 9.38 -31.63 -40.62
N THR D 306 10.18 -32.39 -39.87
CA THR D 306 10.09 -33.83 -39.92
C THR D 306 8.77 -34.32 -39.32
N VAL D 307 8.10 -35.22 -40.02
CA VAL D 307 6.82 -35.78 -39.59
C VAL D 307 7.01 -37.26 -39.34
N LEU D 308 6.50 -37.74 -38.21
CA LEU D 308 6.59 -39.14 -37.81
C LEU D 308 5.21 -39.78 -37.87
N SER D 309 5.14 -41.04 -37.45
CA SER D 309 3.89 -41.79 -37.43
C SER D 309 3.56 -42.37 -36.06
N THR D 310 4.56 -42.87 -35.33
CA THR D 310 4.32 -43.46 -34.02
C THR D 310 5.27 -42.87 -32.98
N VAL D 311 5.27 -43.44 -31.77
CA VAL D 311 6.09 -42.93 -30.70
C VAL D 311 7.42 -43.66 -30.61
N GLU D 312 7.44 -44.95 -30.98
CA GLU D 312 8.68 -45.72 -30.92
C GLU D 312 9.73 -45.15 -31.85
N ASP D 313 9.31 -44.68 -33.03
CA ASP D 313 10.24 -44.02 -33.94
C ASP D 313 10.83 -42.76 -33.31
N LEU D 314 9.99 -41.99 -32.61
CA LEU D 314 10.50 -40.81 -31.92
C LEU D 314 11.51 -41.17 -30.86
N VAL D 315 11.24 -42.23 -30.08
CA VAL D 315 12.18 -42.65 -29.05
C VAL D 315 13.50 -43.10 -29.67
N VAL D 316 13.42 -43.86 -30.77
CA VAL D 316 14.63 -44.33 -31.44
C VAL D 316 15.43 -43.15 -31.97
N LYS D 317 14.77 -42.18 -32.59
CA LYS D 317 15.45 -41.02 -33.14
C LYS D 317 16.10 -40.19 -32.03
N LEU D 318 15.42 -40.05 -30.89
CA LEU D 318 15.99 -39.33 -29.77
C LEU D 318 17.21 -40.06 -29.22
N GLU D 319 17.15 -41.40 -29.17
CA GLU D 319 18.28 -42.19 -28.69
C GLU D 319 19.49 -42.05 -29.61
N GLU D 320 19.27 -42.18 -30.92
CA GLU D 320 20.36 -42.18 -31.88
C GLU D 320 21.09 -40.84 -31.91
N GLU D 321 20.34 -39.74 -31.89
CA GLU D 321 20.96 -38.42 -31.95
C GLU D 321 21.32 -37.93 -30.55
N MET E 1 -23.62 44.29 16.44
CA MET E 1 -22.35 43.71 16.03
C MET E 1 -22.58 42.37 15.32
N ILE E 2 -21.49 41.64 15.09
CA ILE E 2 -21.53 40.33 14.45
C ILE E 2 -20.80 39.34 15.34
N SER E 3 -21.38 38.15 15.49
CA SER E 3 -20.75 37.09 16.27
C SER E 3 -20.83 35.79 15.51
N GLY E 4 -19.91 34.88 15.79
CA GLY E 4 -19.89 33.61 15.08
C GLY E 4 -19.24 32.51 15.88
N SER E 5 -19.67 31.28 15.61
CA SER E 5 -19.09 30.07 16.18
C SER E 5 -19.00 29.03 15.08
N VAL E 6 -17.81 28.43 14.91
CA VAL E 6 -17.49 27.59 13.78
C VAL E 6 -16.86 26.30 14.29
N ARG E 7 -17.16 25.19 13.58
CA ARG E 7 -16.64 23.87 13.91
C ARG E 7 -15.89 23.33 12.70
N PHE E 8 -14.61 23.02 12.89
CA PHE E 8 -13.74 22.56 11.80
C PHE E 8 -13.36 21.09 11.97
N LEU E 9 -12.73 20.56 10.93
CA LEU E 9 -12.18 19.20 10.94
C LEU E 9 -10.85 19.23 10.20
N VAL E 10 -9.77 18.93 10.91
CA VAL E 10 -8.41 19.04 10.38
C VAL E 10 -7.70 17.70 10.56
N ASN E 11 -6.96 17.28 9.54
CA ASN E 11 -6.19 16.04 9.58
C ASN E 11 -4.79 16.27 9.06
N LEU E 12 -3.81 15.64 9.70
CA LEU E 12 -2.42 15.66 9.27
C LEU E 12 -1.90 17.09 9.16
N GLU E 13 -1.87 17.77 10.29
CA GLU E 13 -1.52 19.18 10.35
C GLU E 13 -0.42 19.42 11.38
N SER E 14 0.41 20.42 11.10
CA SER E 14 1.33 21.00 12.08
C SER E 14 1.30 22.51 11.84
N LEU E 15 0.38 23.18 12.52
CA LEU E 15 0.12 24.60 12.27
C LEU E 15 0.58 25.51 13.39
N ASN E 16 1.07 24.95 14.51
CA ASN E 16 1.55 25.76 15.62
C ASN E 16 2.59 24.94 16.37
N GLY E 17 3.86 25.23 16.12
CA GLY E 17 4.94 24.56 16.82
C GLY E 17 5.39 25.29 18.05
N VAL E 18 6.25 24.63 18.83
CA VAL E 18 6.81 25.20 20.05
C VAL E 18 8.31 24.96 20.06
N GLU E 19 8.96 25.28 21.17
CA GLU E 19 10.41 25.14 21.28
C GLU E 19 10.84 23.72 20.96
N SER E 20 11.87 23.58 20.14
CA SER E 20 12.37 22.29 19.69
C SER E 20 13.44 21.77 20.65
N ILE E 21 13.40 20.47 20.90
CA ILE E 21 14.38 19.79 21.74
C ILE E 21 15.10 18.76 20.87
N GLY E 22 16.43 18.85 20.81
CA GLY E 22 17.20 17.97 19.95
C GLY E 22 16.81 18.17 18.50
N ASN E 23 16.51 17.07 17.82
CA ASN E 23 16.06 17.10 16.43
C ASN E 23 14.54 16.95 16.30
N LEU E 24 13.80 17.32 17.33
CA LEU E 24 12.36 17.15 17.38
C LEU E 24 11.69 18.50 17.54
N THR E 25 10.69 18.77 16.70
CA THR E 25 9.82 19.93 16.85
C THR E 25 8.48 19.45 17.40
N LYS E 26 8.00 20.14 18.43
CA LYS E 26 6.84 19.68 19.18
C LYS E 26 5.62 20.56 18.89
N HIS E 27 4.45 19.97 19.05
CA HIS E 27 3.19 20.65 18.86
C HIS E 27 2.71 21.27 20.17
N ARG E 28 1.68 22.12 20.07
CA ARG E 28 1.12 22.80 21.23
C ARG E 28 -0.10 22.03 21.73
N THR E 29 -0.12 21.73 23.03
CA THR E 29 -1.18 20.96 23.64
C THR E 29 -1.65 21.62 24.93
N ALA E 30 -2.87 21.27 25.33
CA ALA E 30 -3.49 21.80 26.54
C ALA E 30 -4.11 20.67 27.34
N PRO E 31 -4.07 20.75 28.67
CA PRO E 31 -4.66 19.71 29.52
C PRO E 31 -6.16 19.89 29.68
N VAL E 32 -6.89 18.78 29.62
CA VAL E 32 -8.32 18.75 29.88
C VAL E 32 -8.64 17.50 30.70
N VAL E 33 -9.61 17.63 31.59
CA VAL E 33 -10.06 16.52 32.44
C VAL E 33 -11.35 15.96 31.88
N LEU E 34 -11.39 14.64 31.66
CA LEU E 34 -12.56 13.94 31.20
C LEU E 34 -13.12 13.11 32.35
N LYS E 35 -14.44 13.18 32.54
CA LYS E 35 -15.10 12.49 33.63
C LYS E 35 -15.38 11.04 33.24
N THR E 36 -15.04 10.11 34.13
CA THR E 36 -15.29 8.69 33.94
C THR E 36 -15.97 8.12 35.17
N SER E 37 -16.52 6.92 35.02
CA SER E 37 -17.19 6.26 36.15
C SER E 37 -16.22 5.99 37.28
N THR E 38 -15.02 5.50 36.95
CA THR E 38 -14.02 5.24 37.98
C THR E 38 -13.53 6.54 38.62
N GLY E 39 -13.34 7.59 37.81
CA GLY E 39 -12.85 8.85 38.32
C GLY E 39 -12.65 9.88 37.22
N TYR E 40 -11.53 10.59 37.26
CA TYR E 40 -11.20 11.60 36.27
C TYR E 40 -9.92 11.22 35.55
N LEU E 41 -9.84 11.58 34.28
CA LEU E 41 -8.65 11.33 33.46
C LEU E 41 -8.14 12.63 32.89
N VAL E 42 -6.88 12.95 33.17
CA VAL E 42 -6.23 14.14 32.61
C VAL E 42 -5.58 13.75 31.29
N ARG E 43 -5.86 14.54 30.25
CA ARG E 43 -5.37 14.25 28.91
C ARG E 43 -4.82 15.53 28.29
N TYR E 44 -3.97 15.37 27.29
CA TYR E 44 -3.38 16.48 26.57
C TYR E 44 -3.91 16.47 25.15
N VAL E 45 -4.45 17.61 24.72
CA VAL E 45 -5.09 17.69 23.41
C VAL E 45 -4.43 18.79 22.60
N PRO E 46 -4.23 18.59 21.29
CA PRO E 46 -3.60 19.64 20.48
C PRO E 46 -4.50 20.84 20.32
N VAL E 47 -3.91 22.03 20.38
CA VAL E 47 -4.64 23.29 20.25
C VAL E 47 -3.87 24.20 19.32
N ILE E 48 -4.56 25.22 18.83
CA ILE E 48 -3.95 26.27 18.00
C ILE E 48 -4.25 27.62 18.64
N SER E 49 -3.21 28.41 18.86
CA SER E 49 -3.38 29.70 19.51
C SER E 49 -4.06 30.69 18.58
N GLY E 50 -4.57 31.78 19.17
CA GLY E 50 -5.24 32.81 18.40
C GLY E 50 -4.34 33.83 17.77
N GLU E 51 -3.06 33.86 18.18
CA GLU E 51 -2.11 34.81 17.60
C GLU E 51 -1.86 34.53 16.13
N ALA E 52 -1.78 33.25 15.76
CA ALA E 52 -1.64 32.91 14.34
C ALA E 52 -2.85 33.35 13.54
N LEU E 53 -4.05 33.16 14.10
CA LEU E 53 -5.26 33.62 13.43
C LEU E 53 -5.24 35.13 13.25
N ALA E 54 -4.83 35.86 14.29
CA ALA E 54 -4.75 37.32 14.19
C ALA E 54 -3.75 37.74 13.12
N HIS E 55 -2.60 37.08 13.07
CA HIS E 55 -1.60 37.41 12.07
C HIS E 55 -2.13 37.17 10.66
N ALA E 56 -2.79 36.03 10.44
CA ALA E 56 -3.34 35.74 9.12
C ALA E 56 -4.41 36.76 8.73
N TYR E 57 -5.31 37.09 9.67
CA TYR E 57 -6.34 38.07 9.39
C TYR E 57 -5.74 39.43 9.05
N GLN E 58 -4.72 39.85 9.81
CA GLN E 58 -4.10 41.15 9.55
C GLN E 58 -3.38 41.17 8.22
N ALA E 59 -2.71 40.07 7.86
CA ALA E 59 -2.04 40.01 6.56
C ALA E 59 -3.04 40.09 5.43
N SER E 60 -4.16 39.35 5.55
CA SER E 60 -5.18 39.42 4.51
C SER E 60 -5.77 40.82 4.40
N LEU E 61 -6.00 41.48 5.54
CA LEU E 61 -6.51 42.85 5.51
C LEU E 61 -5.51 43.80 4.88
N VAL E 62 -4.22 43.62 5.16
CA VAL E 62 -3.20 44.45 4.54
C VAL E 62 -3.25 44.31 3.02
N ASP E 63 -3.30 43.06 2.55
CA ASP E 63 -3.32 42.84 1.11
C ASP E 63 -4.58 43.45 0.47
N ILE E 64 -5.73 43.25 1.11
CA ILE E 64 -6.97 43.78 0.55
C ILE E 64 -6.96 45.31 0.54
N ALA E 65 -6.50 45.94 1.62
CA ALA E 65 -6.45 47.39 1.67
C ALA E 65 -5.48 47.96 0.64
N LYS E 66 -4.32 47.31 0.47
CA LYS E 66 -3.37 47.77 -0.55
C LYS E 66 -3.97 47.64 -1.95
N LYS E 67 -4.69 46.55 -2.20
CA LYS E 67 -5.33 46.40 -3.51
C LYS E 67 -6.46 47.40 -3.71
N GLU E 68 -7.12 47.82 -2.64
CA GLU E 68 -8.27 48.72 -2.74
C GLU E 68 -7.89 50.19 -2.63
N GLY E 69 -6.61 50.51 -2.46
CA GLY E 69 -6.20 51.90 -2.39
C GLY E 69 -6.54 52.60 -1.09
N LEU E 70 -5.96 52.14 0.01
CA LEU E 70 -6.12 52.75 1.32
C LEU E 70 -4.75 52.90 1.96
N PRO E 71 -4.56 53.89 2.84
CA PRO E 71 -3.24 54.10 3.43
C PRO E 71 -2.79 52.89 4.23
N VAL E 72 -1.54 52.48 4.02
CA VAL E 72 -0.91 51.40 4.75
C VAL E 72 0.46 51.85 5.20
N GLY E 73 0.80 51.57 6.45
CA GLY E 73 2.10 51.97 6.98
C GLY E 73 3.23 51.33 6.22
N SER E 74 4.38 52.00 6.24
CA SER E 74 5.56 51.50 5.53
C SER E 74 6.01 50.16 6.10
N LEU E 75 6.07 50.04 7.42
CA LEU E 75 6.47 48.80 8.05
C LEU E 75 5.39 47.74 8.03
N SER E 76 4.13 48.12 7.80
CA SER E 76 3.05 47.15 7.75
C SER E 76 2.92 46.50 6.39
N SER E 77 3.38 47.18 5.33
CA SER E 77 3.35 46.59 3.99
C SER E 77 4.35 45.46 3.84
N GLN E 78 5.38 45.41 4.70
CA GLN E 78 6.37 44.35 4.67
C GLN E 78 5.97 43.13 5.49
N TYR E 79 4.68 43.00 5.83
CA TYR E 79 4.19 41.90 6.65
C TYR E 79 4.92 41.84 7.99
N GLU E 80 5.19 43.01 8.56
CA GLU E 80 5.83 43.14 9.88
C GLU E 80 4.89 43.97 10.74
N PHE E 81 3.97 43.30 11.43
CA PHE E 81 2.95 43.99 12.22
C PHE E 81 3.50 44.42 13.57
N ILE E 82 4.60 45.16 13.52
CA ILE E 82 5.13 45.79 14.73
C ILE E 82 4.17 46.87 15.21
N LYS E 83 3.52 47.57 14.27
CA LYS E 83 2.59 48.67 14.53
C LYS E 83 3.29 49.84 15.21
N PHE E 84 2.62 50.99 15.26
CA PHE E 84 3.25 52.21 15.74
C PHE E 84 3.34 52.15 17.27
N SER E 85 4.26 51.30 17.73
CA SER E 85 4.43 51.02 19.15
C SER E 85 5.57 51.80 19.78
N THR E 86 6.76 51.74 19.18
CA THR E 86 7.93 52.41 19.71
C THR E 86 8.25 53.66 18.88
N ASP E 87 9.28 54.38 19.32
CA ASP E 87 9.63 55.65 18.67
C ASP E 87 10.24 55.42 17.30
N GLU E 88 10.98 54.33 17.12
CA GLU E 88 11.65 54.07 15.85
C GLU E 88 10.64 53.85 14.72
N ALA E 89 9.54 53.18 15.01
CA ALA E 89 8.51 52.97 14.00
C ALA E 89 7.92 54.29 13.54
N LEU E 90 7.65 55.20 14.49
CA LEU E 90 7.14 56.51 14.13
C LEU E 90 8.17 57.33 13.35
N LYS E 91 9.45 57.20 13.73
CA LYS E 91 10.50 57.90 13.00
C LYS E 91 10.59 57.41 11.55
N ILE E 92 10.45 56.11 11.34
CA ILE E 92 10.42 55.58 9.98
C ILE E 92 9.19 56.07 9.25
N GLU E 93 8.03 56.03 9.91
CA GLU E 93 6.78 56.40 9.24
C GLU E 93 6.67 57.91 9.05
N GLY E 94 7.08 58.69 10.05
CA GLY E 94 6.96 60.13 9.97
C GLY E 94 5.72 60.67 10.64
N ILE E 95 5.48 60.26 11.88
CA ILE E 95 4.38 60.75 12.69
C ILE E 95 4.95 61.35 13.97
N LYS E 96 4.40 62.50 14.37
CA LYS E 96 4.85 63.17 15.58
C LYS E 96 4.17 62.57 16.81
N GLU E 97 4.96 62.34 17.85
CA GLU E 97 4.42 61.77 19.08
C GLU E 97 3.43 62.73 19.74
N PRO E 98 2.47 62.21 20.50
CA PRO E 98 1.47 63.08 21.11
C PRO E 98 2.12 64.05 22.11
N LYS E 99 1.56 65.25 22.17
CA LYS E 99 2.10 66.29 23.04
C LYS E 99 1.67 66.09 24.48
N ASP E 100 0.36 66.12 24.72
CA ASP E 100 -0.18 65.95 26.06
C ASP E 100 -1.48 65.17 25.95
N TYR E 101 -2.20 65.07 27.08
CA TYR E 101 -3.43 64.29 27.10
C TYR E 101 -4.51 64.91 26.24
N ASN E 102 -4.68 66.24 26.33
CA ASN E 102 -5.75 66.91 25.61
C ASN E 102 -5.60 66.77 24.10
N ASP E 103 -4.36 66.69 23.61
CA ASP E 103 -4.11 66.51 22.19
C ASP E 103 -3.99 65.05 21.79
N ALA E 104 -4.19 64.12 22.74
CA ALA E 104 -4.02 62.70 22.43
C ALA E 104 -4.95 62.28 21.30
N ARG E 105 -6.21 62.74 21.32
CA ARG E 105 -7.13 62.45 20.24
C ARG E 105 -6.54 62.87 18.89
N ARG E 106 -5.94 64.06 18.85
CA ARG E 106 -5.32 64.55 17.61
C ARG E 106 -4.31 63.53 17.09
N PHE E 107 -3.55 62.92 18.00
CA PHE E 107 -2.61 61.89 17.59
C PHE E 107 -3.35 60.70 17.00
N GLU E 108 -4.35 60.19 17.73
CA GLU E 108 -4.99 58.93 17.37
C GLU E 108 -5.52 58.98 15.94
N VAL E 109 -6.33 60.00 15.63
CA VAL E 109 -6.91 60.11 14.30
C VAL E 109 -5.82 60.14 13.24
N GLU E 110 -4.72 60.85 13.52
CA GLU E 110 -3.62 60.90 12.56
C GLU E 110 -3.09 59.50 12.29
N VAL E 111 -2.86 58.72 13.35
CA VAL E 111 -2.42 57.35 13.17
C VAL E 111 -3.44 56.56 12.39
N MET E 112 -4.73 56.85 12.60
CA MET E 112 -5.78 56.15 11.89
C MET E 112 -5.81 56.49 10.42
N LEU E 113 -5.20 57.59 10.01
CA LEU E 113 -5.19 58.02 8.62
C LEU E 113 -3.93 57.61 7.86
N LYS E 114 -2.96 57.01 8.53
CA LYS E 114 -1.75 56.53 7.85
C LYS E 114 -1.68 55.02 7.73
N ASP E 115 -2.29 54.28 8.67
CA ASP E 115 -2.28 52.83 8.64
C ASP E 115 -3.69 52.33 8.96
N VAL E 116 -4.33 51.66 8.00
CA VAL E 116 -5.65 51.12 8.24
C VAL E 116 -5.61 50.03 9.31
N ILE E 117 -4.53 49.25 9.34
CA ILE E 117 -4.40 48.19 10.33
C ILE E 117 -4.33 48.77 11.74
N ALA E 118 -3.84 50.00 11.87
CA ALA E 118 -3.82 50.66 13.17
C ALA E 118 -5.22 50.98 13.68
N ASP E 119 -6.27 50.69 12.91
CA ASP E 119 -7.64 50.90 13.31
C ASP E 119 -8.37 49.57 13.55
N VAL E 120 -8.40 48.70 12.55
CA VAL E 120 -9.03 47.39 12.72
C VAL E 120 -8.18 46.52 13.63
N GLY E 121 -6.87 46.46 13.36
CA GLY E 121 -5.99 45.69 14.21
C GLY E 121 -5.82 46.31 15.59
N GLY E 122 -5.77 47.63 15.65
CA GLY E 122 -5.56 48.32 16.91
C GLY E 122 -4.10 48.42 17.29
N PHE E 123 -3.71 49.54 17.89
CA PHE E 123 -2.33 49.80 18.26
C PHE E 123 -2.24 50.14 19.74
N MET E 124 -1.03 50.01 20.29
CA MET E 124 -0.76 50.41 21.67
C MET E 124 0.62 51.05 21.69
N TYR E 125 0.64 52.39 21.60
CA TYR E 125 1.89 53.13 21.67
C TYR E 125 2.26 53.36 23.12
N ALA E 126 3.50 53.04 23.48
CA ALA E 126 4.01 53.27 24.82
C ALA E 126 4.89 54.50 24.86
N GLY E 127 5.01 55.07 26.05
CA GLY E 127 5.82 56.25 26.26
C GLY E 127 5.28 57.08 27.41
N GLY E 128 5.73 58.33 27.46
CA GLY E 128 5.25 59.23 28.49
C GLY E 128 3.78 59.55 28.39
N ALA E 129 3.21 59.44 27.19
CA ALA E 129 1.79 59.67 26.95
C ALA E 129 1.23 58.48 26.19
N PRO E 130 0.98 57.37 26.88
CA PRO E 130 0.51 56.16 26.20
C PRO E 130 -0.87 56.36 25.59
N VAL E 131 -1.11 55.66 24.49
CA VAL E 131 -2.39 55.72 23.78
C VAL E 131 -2.87 54.28 23.57
N ARG E 132 -4.18 54.09 23.71
CA ARG E 132 -4.78 52.76 23.69
C ARG E 132 -5.73 52.63 22.51
N ARG E 133 -5.88 51.39 22.04
CA ARG E 133 -6.78 51.08 20.95
C ARG E 133 -7.02 49.57 20.96
N THR E 134 -8.28 49.18 20.80
CA THR E 134 -8.68 47.78 20.90
C THR E 134 -8.99 47.22 19.51
N SER E 135 -8.52 46.00 19.26
CA SER E 135 -8.81 45.34 18.00
C SER E 135 -10.30 45.19 17.81
N ARG E 136 -10.76 45.42 16.59
CA ARG E 136 -12.19 45.34 16.30
C ARG E 136 -12.63 43.93 15.93
N ILE E 137 -11.73 42.96 15.97
CA ILE E 137 -12.07 41.54 15.84
C ILE E 137 -11.48 40.79 17.02
N LYS E 138 -12.31 39.99 17.68
CA LYS E 138 -11.90 39.19 18.83
C LYS E 138 -11.97 37.71 18.45
N LEU E 139 -10.86 37.01 18.62
CA LEU E 139 -10.72 35.61 18.27
C LEU E 139 -10.30 34.80 19.48
N GLY E 140 -10.78 33.55 19.54
CA GLY E 140 -10.46 32.66 20.63
C GLY E 140 -9.56 31.52 20.19
N TYR E 141 -9.07 30.77 21.17
CA TYR E 141 -8.21 29.63 20.90
C TYR E 141 -8.97 28.56 20.12
N MET E 142 -8.26 27.89 19.22
CA MET E 142 -8.82 26.80 18.44
C MET E 142 -8.58 25.51 19.22
N ILE E 143 -9.65 24.94 19.75
CA ILE E 143 -9.54 23.82 20.69
C ILE E 143 -10.43 22.68 20.22
N PRO E 144 -10.08 21.43 20.48
CA PRO E 144 -10.99 20.33 20.15
C PRO E 144 -12.24 20.36 20.99
N ALA E 145 -13.33 19.82 20.43
CA ALA E 145 -14.62 19.84 21.08
C ALA E 145 -14.74 18.68 22.05
N LEU E 146 -14.91 18.99 23.33
CA LEU E 146 -15.11 17.97 24.35
C LEU E 146 -16.56 17.51 24.29
N ARG E 147 -16.81 16.50 23.48
CA ARG E 147 -18.16 15.99 23.24
C ARG E 147 -18.23 14.53 23.66
N GLY E 148 -19.29 14.17 24.36
CA GLY E 148 -19.42 12.79 24.81
C GLY E 148 -18.38 12.47 25.87
N ASP E 149 -17.90 11.22 25.83
CA ASP E 149 -16.90 10.74 26.78
C ASP E 149 -15.56 10.44 26.11
N GLU E 150 -15.36 10.90 24.88
CA GLU E 150 -14.11 10.66 24.16
C GLU E 150 -13.67 11.96 23.50
N ILE E 151 -12.36 12.09 23.30
CA ILE E 151 -11.76 13.23 22.63
C ILE E 151 -11.24 12.78 21.27
N PRO E 152 -11.77 13.27 20.17
CA PRO E 152 -11.28 12.86 18.84
C PRO E 152 -10.07 13.69 18.41
N ALA E 153 -8.94 13.48 19.10
CA ALA E 153 -7.71 14.17 18.78
C ALA E 153 -6.53 13.24 19.01
N GLN E 154 -5.45 13.47 18.26
CA GLN E 154 -4.26 12.62 18.37
C GLN E 154 -3.02 13.44 18.10
N LEU E 155 -1.87 12.85 18.42
CA LEU E 155 -0.59 13.51 18.24
C LEU E 155 0.50 12.45 18.15
N GLU E 156 1.16 12.36 16.98
CA GLU E 156 2.19 11.37 16.74
C GLU E 156 3.47 12.07 16.26
N ALA E 157 4.57 11.34 16.26
CA ALA E 157 5.86 11.84 15.80
C ALA E 157 6.24 11.15 14.49
N GLN E 158 6.87 11.90 13.60
CA GLN E 158 7.29 11.41 12.30
C GLN E 158 8.78 11.65 12.11
N PHE E 159 9.45 10.67 11.50
CA PHE E 159 10.91 10.60 11.42
C PHE E 159 11.34 10.85 9.98
N HIS E 160 12.13 11.91 9.77
CA HIS E 160 12.52 12.35 8.45
C HIS E 160 14.04 12.44 8.35
N VAL E 161 14.55 12.20 7.13
CA VAL E 161 15.97 12.04 6.88
C VAL E 161 16.35 12.94 5.70
N ARG E 162 17.55 13.50 5.77
CA ARG E 162 18.16 14.21 4.63
C ARG E 162 19.20 13.32 3.98
N PHE E 163 19.21 13.29 2.65
CA PHE E 163 20.10 12.43 1.90
C PHE E 163 21.38 13.15 1.53
N SER E 164 22.47 12.39 1.45
CA SER E 164 23.77 12.95 1.09
C SER E 164 24.64 11.83 0.52
N ASN E 165 25.70 12.23 -0.18
CA ASN E 165 26.63 11.29 -0.78
C ASN E 165 27.91 11.10 0.03
N LYS E 166 28.17 11.97 1.01
CA LYS E 166 29.34 11.86 1.87
C LYS E 166 28.88 11.95 3.32
N PRO E 167 28.30 10.87 3.86
CA PRO E 167 27.77 10.92 5.22
C PRO E 167 28.87 11.25 6.23
N VAL E 168 28.52 12.05 7.22
CA VAL E 168 29.46 12.45 8.27
C VAL E 168 28.80 12.34 9.63
N ALA E 173 21.49 14.63 9.73
CA ALA E 173 20.54 14.46 8.65
C ALA E 173 19.29 13.72 9.12
N ILE E 174 18.96 13.88 10.40
CA ILE E 174 17.83 13.23 11.03
C ILE E 174 17.04 14.27 11.80
N PHE E 175 15.72 14.26 11.64
CA PHE E 175 14.88 15.14 12.45
C PHE E 175 13.50 14.52 12.61
N ASN E 176 12.73 15.06 13.55
CA ASN E 176 11.43 14.55 13.91
C ASN E 176 10.42 15.70 13.98
N VAL E 177 9.21 15.44 13.50
CA VAL E 177 8.16 16.45 13.42
C VAL E 177 6.89 15.88 14.03
N GLU E 178 6.22 16.68 14.86
CA GLU E 178 4.98 16.25 15.50
C GLU E 178 3.79 16.63 14.61
N VAL E 179 2.90 15.66 14.41
CA VAL E 179 1.72 15.82 13.56
C VAL E 179 0.49 15.47 14.38
N SER E 180 -0.64 16.08 14.04
CA SER E 180 -1.86 15.91 14.81
C SER E 180 -3.07 15.83 13.89
N SER E 181 -4.18 15.37 14.47
CA SER E 181 -5.47 15.31 13.79
C SER E 181 -6.56 15.37 14.85
N ALA E 182 -7.37 16.41 14.80
CA ALA E 182 -8.36 16.68 15.85
C ALA E 182 -9.64 17.19 15.19
N LEU E 183 -10.54 17.70 16.03
CA LEU E 183 -11.84 18.25 15.64
C LEU E 183 -11.93 19.63 16.27
N TYR E 184 -11.52 20.66 15.54
CA TYR E 184 -11.36 21.98 16.13
C TYR E 184 -12.65 22.80 16.03
N THR E 185 -12.86 23.66 17.02
CA THR E 185 -13.96 24.61 17.08
C THR E 185 -13.45 25.92 17.63
N PHE E 186 -13.99 27.04 17.13
CA PHE E 186 -13.63 28.33 17.70
C PHE E 186 -14.71 29.37 17.37
N SER E 187 -14.69 30.45 18.13
CA SER E 187 -15.71 31.49 18.02
C SER E 187 -15.04 32.86 17.94
N PHE E 188 -15.77 33.83 17.41
CA PHE E 188 -15.23 35.17 17.20
C PHE E 188 -16.34 36.21 17.27
N GLU E 189 -15.90 37.46 17.46
CA GLU E 189 -16.79 38.62 17.46
C GLU E 189 -16.17 39.72 16.61
N LEU E 190 -17.03 40.50 15.95
CA LEU E 190 -16.60 41.63 15.13
C LEU E 190 -17.56 42.78 15.39
N ASP E 191 -17.03 43.88 15.91
CA ASP E 191 -17.83 45.08 16.20
C ASP E 191 -17.55 46.12 15.12
N GLU E 192 -18.26 45.99 14.00
CA GLU E 192 -18.06 46.89 12.88
C GLU E 192 -18.51 48.31 13.17
N ASP E 193 -19.45 48.50 14.10
CA ASP E 193 -20.00 49.82 14.36
C ASP E 193 -18.98 50.77 14.95
N LEU E 194 -17.90 50.25 15.55
CA LEU E 194 -16.87 51.07 16.15
C LEU E 194 -15.67 51.26 15.23
N ILE E 195 -15.83 51.01 13.93
CA ILE E 195 -14.75 51.20 12.98
C ILE E 195 -14.68 52.67 12.58
N ALA E 196 -13.46 53.21 12.55
CA ALA E 196 -13.13 54.58 12.16
C ALA E 196 -13.59 55.60 13.19
N VAL E 197 -14.09 55.16 14.34
CA VAL E 197 -14.52 56.06 15.39
C VAL E 197 -13.35 56.23 16.37
N PRO E 198 -12.87 57.46 16.60
CA PRO E 198 -11.82 57.66 17.60
C PRO E 198 -12.29 57.20 18.97
N SER E 199 -11.38 56.60 19.73
CA SER E 199 -11.72 55.96 21.00
C SER E 199 -11.16 56.71 22.20
N THR E 200 -10.78 57.97 22.03
CA THR E 200 -10.31 58.80 23.13
C THR E 200 -11.29 59.95 23.33
N PHE E 201 -11.78 60.09 24.55
CA PHE E 201 -12.77 61.13 24.84
C PHE E 201 -12.14 62.51 24.76
N GLY E 202 -12.90 63.47 24.23
CA GLY E 202 -12.40 64.83 24.11
C GLY E 202 -13.21 65.58 23.06
N GLU E 203 -12.64 66.70 22.62
CA GLU E 203 -13.26 67.54 21.60
C GLU E 203 -12.80 67.10 20.22
N LYS E 204 -13.69 67.28 19.24
CA LYS E 204 -13.40 66.86 17.87
C LYS E 204 -12.25 67.67 17.29
N VAL E 205 -11.40 67.00 16.52
CA VAL E 205 -10.24 67.62 15.91
C VAL E 205 -10.38 67.51 14.40
N LYS E 206 -9.95 68.56 13.68
CA LYS E 206 -10.08 68.60 12.23
C LYS E 206 -9.41 67.38 11.59
N GLY E 207 -10.13 66.75 10.66
CA GLY E 207 -9.60 65.60 9.96
C GLY E 207 -10.48 64.38 10.09
N GLU E 208 -11.71 64.56 10.56
CA GLU E 208 -12.64 63.45 10.73
C GLU E 208 -13.56 63.26 9.53
N GLU E 209 -13.67 64.26 8.66
CA GLU E 209 -14.55 64.12 7.49
C GLU E 209 -14.03 63.04 6.54
N GLU E 210 -12.72 62.97 6.35
CA GLU E 210 -12.15 61.92 5.51
C GLU E 210 -12.43 60.55 6.12
N LEU E 211 -12.39 60.44 7.44
CA LEU E 211 -12.78 59.18 8.08
C LEU E 211 -14.24 58.86 7.82
N GLU E 212 -15.10 59.88 7.83
CA GLU E 212 -16.51 59.66 7.51
C GLU E 212 -16.68 59.15 6.10
N ARG E 213 -15.91 59.70 5.15
CA ARG E 213 -15.96 59.21 3.78
C ARG E 213 -15.44 57.78 3.67
N GLN E 214 -14.38 57.46 4.40
CA GLN E 214 -13.72 56.17 4.29
C GLN E 214 -14.37 55.08 5.14
N LYS E 215 -15.36 55.43 5.97
CA LYS E 215 -15.97 54.45 6.85
C LYS E 215 -16.55 53.27 6.08
N ALA E 216 -17.28 53.54 5.00
CA ALA E 216 -17.93 52.47 4.26
C ALA E 216 -16.91 51.49 3.68
N LYS E 217 -15.87 52.01 3.04
CA LYS E 217 -14.85 51.14 2.44
C LYS E 217 -14.06 50.39 3.50
N ARG E 218 -13.75 51.04 4.62
CA ARG E 218 -13.02 50.35 5.68
C ARG E 218 -13.84 49.22 6.28
N VAL E 219 -15.14 49.46 6.51
CA VAL E 219 -16.01 48.41 7.03
C VAL E 219 -16.12 47.27 6.03
N LYS E 220 -16.25 47.60 4.74
CA LYS E 220 -16.35 46.55 3.73
C LYS E 220 -15.09 45.71 3.69
N SER E 221 -13.92 46.34 3.76
CA SER E 221 -12.67 45.59 3.76
C SER E 221 -12.54 44.73 5.01
N ALA E 222 -12.91 45.26 6.17
CA ALA E 222 -12.83 44.48 7.41
C ALA E 222 -13.73 43.25 7.33
N ILE E 223 -14.93 43.41 6.77
CA ILE E 223 -15.81 42.26 6.62
C ILE E 223 -15.25 41.28 5.60
N LYS E 224 -14.66 41.80 4.51
CA LYS E 224 -14.06 40.93 3.50
C LYS E 224 -12.93 40.09 4.07
N ALA E 225 -12.18 40.62 5.03
CA ALA E 225 -11.04 39.90 5.58
C ALA E 225 -11.43 38.63 6.33
N LEU E 226 -12.72 38.47 6.68
CA LEU E 226 -13.17 37.24 7.35
C LEU E 226 -13.13 36.03 6.43
N TYR E 227 -13.15 36.24 5.12
CA TYR E 227 -13.15 35.12 4.18
C TYR E 227 -11.88 34.30 4.30
N SER E 228 -10.74 34.97 4.50
CA SER E 228 -9.47 34.26 4.64
C SER E 228 -9.47 33.35 5.85
N LEU E 229 -9.97 33.85 6.99
CA LEU E 229 -10.05 33.02 8.19
C LEU E 229 -11.01 31.87 8.01
N LEU E 230 -12.19 32.14 7.43
CA LEU E 230 -13.18 31.08 7.26
C LEU E 230 -12.82 30.10 6.15
N SER E 231 -11.82 30.40 5.34
CA SER E 231 -11.39 29.49 4.28
C SER E 231 -10.15 28.68 4.65
N GLY E 232 -9.49 28.99 5.76
CA GLY E 232 -8.35 28.21 6.21
C GLY E 232 -7.03 28.62 5.61
N ASN E 233 -6.64 29.87 5.79
CA ASN E 233 -5.37 30.36 5.26
C ASN E 233 -4.47 30.85 6.40
N PHE E 234 -4.37 30.08 7.46
CA PHE E 234 -3.58 30.45 8.63
C PHE E 234 -2.64 29.31 9.02
N GLY E 235 -1.64 29.65 9.81
CA GLY E 235 -0.72 28.68 10.36
C GLY E 235 0.62 28.68 9.66
N GLY E 236 1.50 27.80 10.13
CA GLY E 236 2.83 27.65 9.60
C GLY E 236 3.09 26.24 9.08
N LYS E 237 4.31 26.06 8.57
CA LYS E 237 4.76 24.78 8.01
C LYS E 237 3.84 24.30 6.90
N ARG E 238 3.28 25.24 6.14
CA ARG E 238 2.36 24.89 5.06
C ARG E 238 3.07 24.51 3.77
N SER E 239 4.38 24.76 3.67
CA SER E 239 5.11 24.44 2.45
C SER E 239 5.22 22.94 2.26
N ARG E 240 5.58 22.21 3.32
CA ARG E 240 5.72 20.76 3.25
C ARG E 240 4.60 20.00 3.93
N PHE E 241 3.97 20.58 4.94
CA PHE E 241 2.85 19.95 5.65
C PHE E 241 1.60 20.79 5.38
N LEU E 242 0.93 20.50 4.27
CA LEU E 242 -0.28 21.24 3.90
C LEU E 242 -1.50 20.51 4.48
N PRO E 243 -2.22 21.10 5.41
CA PRO E 243 -3.34 20.40 6.04
C PRO E 243 -4.54 20.29 5.11
N SER E 244 -5.44 19.39 5.46
CA SER E 244 -6.67 19.15 4.73
C SER E 244 -7.83 19.54 5.64
N MET E 245 -8.22 20.80 5.58
CA MET E 245 -9.27 21.34 6.43
C MET E 245 -10.64 21.19 5.78
N LYS E 246 -11.67 21.22 6.62
CA LYS E 246 -13.05 21.10 6.16
C LYS E 246 -13.96 21.79 7.16
N LEU E 247 -15.15 22.17 6.68
CA LEU E 247 -16.14 22.88 7.48
C LEU E 247 -17.29 21.96 7.82
N MET E 248 -17.72 21.98 9.09
CA MET E 248 -18.80 21.12 9.56
C MET E 248 -20.06 21.92 9.92
N SER E 249 -19.94 22.90 10.81
CA SER E 249 -21.10 23.69 11.22
C SER E 249 -20.65 25.12 11.53
N LEU E 250 -21.59 26.05 11.40
CA LEU E 250 -21.29 27.45 11.61
C LEU E 250 -22.58 28.19 11.94
N VAL E 251 -22.54 29.03 12.98
CA VAL E 251 -23.65 29.89 13.34
C VAL E 251 -23.14 31.31 13.48
N VAL E 252 -23.79 32.25 12.81
CA VAL E 252 -23.41 33.66 12.84
C VAL E 252 -24.64 34.51 13.12
N THR E 253 -24.54 35.37 14.13
CA THR E 253 -25.64 36.24 14.53
C THR E 253 -25.26 37.69 14.22
N LYS E 254 -26.17 38.37 13.51
CA LYS E 254 -26.07 39.81 13.25
C LYS E 254 -27.08 40.52 14.13
N THR E 255 -26.59 41.33 15.07
CA THR E 255 -27.44 42.00 16.04
C THR E 255 -27.12 43.48 16.13
N ASP E 256 -27.77 44.18 17.07
CA ASP E 256 -27.47 45.57 17.35
C ASP E 256 -27.16 45.81 18.83
N PHE E 257 -27.13 44.75 19.64
CA PHE E 257 -26.82 44.79 21.06
C PHE E 257 -25.74 43.76 21.34
N PRO E 258 -25.00 43.92 22.44
CA PRO E 258 -23.96 42.93 22.76
C PRO E 258 -24.54 41.52 22.89
N PHE E 259 -23.82 40.55 22.36
CA PHE E 259 -24.29 39.17 22.32
C PHE E 259 -23.12 38.25 21.97
N MET E 260 -23.18 37.03 22.52
CA MET E 260 -22.20 35.99 22.22
C MET E 260 -22.88 34.63 22.18
N PRO E 261 -22.82 33.91 21.06
CA PRO E 261 -23.49 32.61 20.97
C PRO E 261 -22.76 31.57 21.81
N GLU E 262 -23.46 30.45 22.03
CA GLU E 262 -22.91 29.37 22.82
C GLU E 262 -21.76 28.68 22.07
N PRO E 263 -20.80 28.12 22.80
CA PRO E 263 -19.72 27.38 22.13
C PRO E 263 -20.24 26.11 21.49
N ALA E 264 -19.54 25.68 20.45
CA ALA E 264 -19.88 24.46 19.72
C ALA E 264 -19.18 23.24 20.33
N HIS E 265 -19.33 23.05 21.64
CA HIS E 265 -18.77 21.91 22.33
C HIS E 265 -19.80 20.82 22.62
N ASP E 266 -21.08 21.15 22.57
CA ASP E 266 -22.15 20.17 22.67
C ASP E 266 -22.64 19.81 21.27
N ASP E 267 -23.31 18.66 21.17
CA ASP E 267 -23.84 18.23 19.90
C ASP E 267 -24.98 19.12 19.42
N ASP E 268 -25.58 19.90 20.31
CA ASP E 268 -26.64 20.83 19.97
C ASP E 268 -26.28 22.20 20.54
N TYR E 269 -25.89 23.13 19.66
CA TYR E 269 -25.56 24.48 20.06
C TYR E 269 -26.23 25.54 19.21
N ILE E 270 -27.03 25.15 18.22
CA ILE E 270 -27.77 26.10 17.40
C ILE E 270 -29.12 26.44 18.01
N LYS E 271 -29.85 25.43 18.49
CA LYS E 271 -31.16 25.66 19.07
C LYS E 271 -31.07 26.52 20.33
N THR E 272 -30.16 26.16 21.24
CA THR E 272 -30.07 26.86 22.51
C THR E 272 -29.66 28.31 22.32
N THR E 273 -28.72 28.57 21.39
CA THR E 273 -28.33 29.94 21.14
C THR E 273 -29.46 30.74 20.49
N ILE E 274 -30.31 30.08 19.69
CA ILE E 274 -31.49 30.75 19.14
C ILE E 274 -32.43 31.16 20.28
N MET E 275 -32.67 30.24 21.22
CA MET E 275 -33.57 30.55 22.33
C MET E 275 -33.04 31.71 23.17
N ARG E 276 -31.75 31.66 23.51
CA ARG E 276 -31.20 32.73 24.34
C ARG E 276 -31.04 34.03 23.57
N LEU E 277 -30.87 33.97 22.25
CA LEU E 277 -30.90 35.18 21.44
C LEU E 277 -32.28 35.83 21.47
N GLY E 278 -33.33 35.03 21.35
CA GLY E 278 -34.67 35.57 21.47
C GLY E 278 -34.92 36.19 22.82
N LYS E 279 -34.50 35.49 23.89
CA LYS E 279 -34.68 36.04 25.23
C LYS E 279 -33.90 37.34 25.42
N ALA E 280 -32.67 37.39 24.94
CA ALA E 280 -31.86 38.61 25.08
C ALA E 280 -32.46 39.76 24.28
N LYS E 281 -32.98 39.47 23.08
CA LYS E 281 -33.65 40.51 22.31
C LYS E 281 -34.87 41.04 23.04
N GLY E 282 -35.64 40.13 23.66
CA GLY E 282 -36.79 40.58 24.44
C GLY E 282 -36.40 41.44 25.62
N VAL E 283 -35.32 41.06 26.31
CA VAL E 283 -34.92 41.80 27.51
C VAL E 283 -34.35 43.17 27.14
N LEU E 284 -33.48 43.22 26.13
CA LEU E 284 -32.73 44.42 25.81
C LEU E 284 -33.42 45.32 24.79
N ASN E 285 -34.66 45.00 24.41
CA ASN E 285 -35.41 45.77 23.42
C ASN E 285 -34.65 45.86 22.10
N GLY E 286 -34.40 44.70 21.50
CA GLY E 286 -33.64 44.62 20.27
C GLY E 286 -34.55 44.61 19.05
N ASN E 287 -34.08 45.27 17.99
CA ASN E 287 -34.79 45.32 16.73
C ASN E 287 -34.05 44.63 15.60
N LEU E 288 -32.77 44.30 15.79
CA LEU E 288 -31.95 43.66 14.77
C LEU E 288 -31.41 42.35 15.33
N ALA E 289 -31.84 41.23 14.74
CA ALA E 289 -31.31 39.94 15.13
C ALA E 289 -31.57 38.97 13.98
N LYS E 290 -30.50 38.55 13.31
CA LYS E 290 -30.58 37.60 12.20
C LYS E 290 -29.57 36.49 12.41
N ALA E 291 -29.94 35.29 11.99
CA ALA E 291 -29.14 34.10 12.19
C ALA E 291 -28.79 33.46 10.85
N TYR E 292 -27.53 33.06 10.70
CA TYR E 292 -27.04 32.37 9.52
C TYR E 292 -26.43 31.05 9.98
N VAL E 293 -26.90 29.94 9.40
CA VAL E 293 -26.47 28.62 9.82
C VAL E 293 -25.97 27.84 8.61
N ILE E 294 -24.79 27.24 8.75
CA ILE E 294 -24.26 26.29 7.79
C ILE E 294 -24.13 24.95 8.50
N ASN E 295 -24.71 23.89 7.92
CA ASN E 295 -24.76 22.59 8.55
C ASN E 295 -24.31 21.52 7.58
N ASN E 296 -23.24 20.81 7.93
CA ASN E 296 -22.75 19.68 7.15
C ASN E 296 -22.79 18.36 7.90
N GLU E 297 -22.84 18.37 9.23
CA GLU E 297 -22.85 17.17 10.04
C GLU E 297 -24.25 16.73 10.42
N GLY E 298 -25.29 17.39 9.93
CA GLY E 298 -26.67 16.98 10.15
C GLY E 298 -27.14 17.03 11.58
N ILE E 299 -26.86 18.14 12.27
CA ILE E 299 -27.35 18.33 13.63
C ILE E 299 -28.65 19.12 13.59
N GLU E 300 -29.40 19.06 14.68
CA GLU E 300 -30.67 19.77 14.75
C GLU E 300 -30.46 21.27 14.70
N VAL E 301 -31.43 21.97 14.11
CA VAL E 301 -31.30 23.39 13.84
C VAL E 301 -32.32 24.20 14.65
N GLY E 302 -33.60 23.95 14.40
CA GLY E 302 -34.67 24.72 14.99
C GLY E 302 -35.49 25.46 13.94
N GLU E 303 -35.95 26.64 14.30
CA GLU E 303 -36.75 27.47 13.40
C GLU E 303 -36.35 28.93 13.58
N GLY E 304 -36.65 29.73 12.56
CA GLY E 304 -36.33 31.15 12.59
C GLY E 304 -34.96 31.51 12.07
N VAL E 305 -34.37 30.69 11.22
CA VAL E 305 -33.03 30.93 10.69
C VAL E 305 -33.07 30.85 9.17
N THR E 306 -32.04 31.43 8.56
CA THR E 306 -31.85 31.36 7.12
C THR E 306 -30.77 30.35 6.79
N VAL E 307 -31.08 29.40 5.92
CA VAL E 307 -30.17 28.31 5.60
C VAL E 307 -29.29 28.72 4.43
N LEU E 308 -27.98 28.78 4.67
CA LEU E 308 -27.01 29.08 3.64
C LEU E 308 -26.32 27.79 3.18
N SER E 309 -25.47 27.92 2.17
CA SER E 309 -24.76 26.78 1.61
C SER E 309 -23.26 26.84 1.81
N THR E 310 -22.62 27.95 1.43
CA THR E 310 -21.17 28.10 1.50
C THR E 310 -20.83 29.33 2.36
N VAL E 311 -19.55 29.66 2.40
CA VAL E 311 -19.08 30.78 3.20
C VAL E 311 -19.22 32.11 2.44
N GLU E 312 -19.12 32.07 1.10
CA GLU E 312 -19.18 33.30 0.32
C GLU E 312 -20.51 34.02 0.50
N ASP E 313 -21.61 33.27 0.53
CA ASP E 313 -22.91 33.88 0.75
C ASP E 313 -22.98 34.54 2.12
N LEU E 314 -22.34 33.95 3.12
CA LEU E 314 -22.32 34.56 4.44
C LEU E 314 -21.65 35.93 4.40
N VAL E 315 -20.51 36.03 3.71
CA VAL E 315 -19.82 37.32 3.61
C VAL E 315 -20.64 38.32 2.80
N VAL E 316 -21.32 37.84 1.75
CA VAL E 316 -22.16 38.73 0.95
C VAL E 316 -23.27 39.32 1.80
N LYS E 317 -23.95 38.47 2.58
CA LYS E 317 -25.04 38.95 3.41
C LYS E 317 -24.53 39.82 4.57
N LEU E 318 -23.33 39.55 5.07
CA LEU E 318 -22.74 40.42 6.07
C LEU E 318 -22.45 41.80 5.50
N GLU E 319 -21.95 41.86 4.26
CA GLU E 319 -21.69 43.14 3.63
C GLU E 319 -22.99 43.90 3.35
N GLU E 320 -24.02 43.20 2.89
CA GLU E 320 -25.25 43.88 2.50
C GLU E 320 -25.91 44.57 3.69
N GLU E 321 -25.98 43.90 4.83
CA GLU E 321 -26.64 44.45 6.00
C GLU E 321 -25.64 44.97 7.03
N MET G 1 -31.64 45.64 49.63
CA MET G 1 -30.64 45.39 48.60
C MET G 1 -31.14 44.38 47.57
N ILE G 2 -31.44 44.87 46.37
CA ILE G 2 -31.88 44.03 45.26
C ILE G 2 -30.71 43.18 44.80
N TYR G 3 -30.99 42.16 43.99
CA TYR G 3 -29.93 41.28 43.53
C TYR G 3 -30.37 40.58 42.25
N SER G 4 -29.37 40.07 41.52
CA SER G 4 -29.59 39.32 40.29
C SER G 4 -28.58 38.19 40.17
N LYS G 5 -29.07 37.02 39.77
CA LYS G 5 -28.24 35.85 39.56
C LYS G 5 -28.11 35.58 38.06
N VAL G 6 -26.96 35.05 37.67
CA VAL G 6 -26.68 34.79 36.26
C VAL G 6 -25.83 33.54 36.13
N PHE G 7 -26.10 32.76 35.08
CA PHE G 7 -25.35 31.57 34.73
C PHE G 7 -24.55 31.84 33.45
N LEU G 8 -23.33 31.32 33.39
CA LEU G 8 -22.41 31.65 32.31
C LEU G 8 -21.73 30.40 31.76
N LYS G 9 -21.54 30.39 30.44
CA LYS G 9 -20.75 29.40 29.73
C LYS G 9 -19.43 30.02 29.30
N LEU G 10 -18.42 29.17 29.13
CA LEU G 10 -17.10 29.62 28.69
C LEU G 10 -16.62 28.72 27.56
N HIS G 11 -16.25 29.34 26.44
CA HIS G 11 -15.86 28.59 25.25
C HIS G 11 -14.59 27.77 25.49
N TRP G 12 -13.52 28.43 25.93
CA TRP G 12 -12.28 27.70 26.17
C TRP G 12 -11.68 27.95 27.55
N GLY G 13 -11.79 29.15 28.06
CA GLY G 13 -11.29 29.45 29.39
C GLY G 13 -10.92 30.91 29.53
N PHE G 14 -10.44 31.24 30.72
CA PHE G 14 -10.02 32.60 31.05
C PHE G 14 -8.54 32.58 31.41
N SER G 15 -7.82 33.63 31.02
CA SER G 15 -6.35 33.67 31.11
C SER G 15 -5.88 34.98 31.71
N VAL G 16 -6.46 35.37 32.85
CA VAL G 16 -5.98 36.56 33.55
C VAL G 16 -4.56 36.32 34.04
N VAL G 17 -3.67 37.27 33.75
CA VAL G 17 -2.24 37.14 34.04
C VAL G 17 -1.91 37.97 35.26
N LYS G 18 -1.14 37.40 36.18
CA LYS G 18 -0.76 38.10 37.39
C LYS G 18 0.07 39.33 37.04
N PRO G 19 -0.07 40.43 37.78
CA PRO G 19 0.82 41.57 37.59
C PRO G 19 2.16 41.34 38.25
N LEU G 20 3.07 42.29 38.02
CA LEU G 20 4.43 42.23 38.56
C LEU G 20 5.15 40.95 38.17
N ALA G 24 8.91 35.50 33.82
CA ALA G 24 7.89 34.70 34.50
C ALA G 24 6.53 35.38 34.43
N LYS G 25 5.52 34.63 34.00
CA LYS G 25 4.16 35.13 33.85
C LYS G 25 3.19 34.16 34.52
N PRO G 26 3.13 34.18 35.86
CA PRO G 26 2.15 33.33 36.56
C PRO G 26 0.73 33.86 36.36
N GLY G 27 -0.23 32.97 36.57
CA GLY G 27 -1.62 33.34 36.41
C GLY G 27 -2.46 33.09 37.63
N PHE G 28 -3.59 33.79 37.74
CA PHE G 28 -4.46 33.67 38.89
C PHE G 28 -5.41 32.50 38.72
N TYR G 29 -5.68 31.81 39.82
CA TYR G 29 -6.54 30.62 39.77
C TYR G 29 -7.98 30.99 39.41
N LEU G 30 -8.50 32.08 39.96
CA LEU G 30 -9.87 32.47 39.74
C LEU G 30 -9.94 33.99 39.58
N PRO G 31 -10.71 34.48 38.61
CA PRO G 31 -10.63 35.91 38.25
C PRO G 31 -10.99 36.82 39.41
N PRO G 32 -10.29 37.93 39.56
CA PRO G 32 -10.63 38.91 40.60
C PRO G 32 -11.96 39.59 40.30
N PRO G 33 -12.59 40.19 41.30
CA PRO G 33 -13.86 40.90 41.04
C PRO G 33 -13.72 42.10 40.10
N THR G 34 -12.50 42.61 39.90
CA THR G 34 -12.31 43.72 38.98
C THR G 34 -12.72 43.33 37.57
N THR G 35 -12.34 42.14 37.13
CA THR G 35 -12.81 41.63 35.84
C THR G 35 -14.32 41.47 35.85
N LEU G 36 -14.88 41.01 36.96
CA LEU G 36 -16.33 40.80 37.05
C LEU G 36 -17.10 42.11 36.88
N ILE G 37 -16.56 43.20 37.43
CA ILE G 37 -17.26 44.47 37.30
C ILE G 37 -16.95 45.14 35.97
N GLY G 38 -15.78 44.89 35.39
CA GLY G 38 -15.51 45.39 34.05
C GLY G 38 -16.41 44.75 33.01
N ALA G 39 -16.67 43.45 33.16
CA ALA G 39 -17.60 42.77 32.26
C ALA G 39 -18.99 43.38 32.32
N LEU G 40 -19.40 43.85 33.50
CA LEU G 40 -20.69 44.53 33.62
C LEU G 40 -20.63 45.94 33.04
N SER G 41 -19.52 46.64 33.26
CA SER G 41 -19.38 47.99 32.72
C SER G 41 -19.32 48.01 31.20
N TYR G 42 -18.93 46.88 30.59
CA TYR G 42 -18.93 46.81 29.13
C TYR G 42 -20.28 47.14 28.53
N GLY G 43 -21.36 46.83 29.25
CA GLY G 43 -22.70 47.04 28.69
C GLY G 43 -23.02 48.50 28.46
N LYS G 44 -22.54 49.38 29.35
CA LYS G 44 -22.89 50.79 29.30
C LYS G 44 -21.82 51.66 28.66
N PHE G 45 -20.55 51.26 28.73
CA PHE G 45 -19.43 52.10 28.29
C PHE G 45 -18.74 51.54 27.05
N ARG G 46 -19.51 51.02 26.11
CA ARG G 46 -18.91 50.49 24.88
C ARG G 46 -18.44 51.63 23.99
N GLY G 47 -17.26 51.47 23.39
CA GLY G 47 -16.73 52.42 22.44
C GLY G 47 -15.67 53.33 22.98
N VAL G 48 -15.64 53.56 24.29
CA VAL G 48 -14.65 54.43 24.93
C VAL G 48 -13.60 53.56 25.58
N ASP G 49 -12.38 53.62 25.07
CA ASP G 49 -11.24 52.94 25.70
C ASP G 49 -10.48 53.83 26.65
N ASN G 50 -10.82 55.12 26.73
CA ASN G 50 -10.13 56.05 27.62
C ASN G 50 -11.02 57.27 27.80
N ILE G 51 -11.38 57.56 29.04
CA ILE G 51 -12.16 58.74 29.40
C ILE G 51 -11.47 59.45 30.55
N ASN G 52 -11.49 60.79 30.52
CA ASN G 52 -10.79 61.55 31.54
C ASN G 52 -11.49 61.41 32.88
N LEU G 53 -10.74 61.01 33.89
CA LEU G 53 -11.25 60.89 35.25
C LEU G 53 -10.83 62.07 36.13
N TYR G 57 -5.84 60.43 33.07
CA TYR G 57 -6.73 59.50 32.39
C TYR G 57 -6.67 58.12 33.05
N GLY G 58 -7.67 57.31 32.75
CA GLY G 58 -7.73 55.97 33.30
C GLY G 58 -8.77 55.13 32.60
N SER G 59 -8.99 53.94 33.13
CA SER G 59 -9.96 53.03 32.53
C SER G 59 -11.37 53.59 32.69
N PRO G 60 -12.24 53.38 31.69
CA PRO G 60 -13.61 53.90 31.80
C PRO G 60 -14.38 53.35 32.99
N ALA G 61 -14.12 52.10 33.39
CA ALA G 61 -14.86 51.51 34.51
C ALA G 61 -14.27 51.94 35.84
N TYR G 62 -14.09 53.24 36.03
CA TYR G 62 -13.64 53.78 37.31
C TYR G 62 -14.78 54.23 38.21
N ASN G 63 -16.01 54.22 37.70
CA ASN G 63 -17.18 54.59 38.49
C ASN G 63 -17.97 53.39 38.98
N PHE G 64 -17.76 52.21 38.39
CA PHE G 64 -18.41 50.99 38.85
C PHE G 64 -17.59 50.30 39.93
N ARG G 65 -17.21 51.06 40.96
CA ARG G 65 -16.43 50.52 42.07
C ARG G 65 -17.28 50.25 43.31
N ASN G 66 -18.59 50.50 43.23
CA ASN G 66 -19.49 50.23 44.33
C ASN G 66 -20.42 49.05 44.04
N ILE G 67 -20.22 48.35 42.91
CA ILE G 67 -21.04 47.20 42.56
C ILE G 67 -20.32 45.96 43.11
N MET G 68 -20.62 45.63 44.36
CA MET G 68 -20.04 44.45 45.01
C MET G 68 -20.80 43.21 44.54
N ALA G 69 -20.08 42.27 43.94
CA ALA G 69 -20.67 41.06 43.40
C ALA G 69 -19.60 39.98 43.35
N THR G 70 -20.04 38.72 43.31
CA THR G 70 -19.07 37.62 43.31
C THR G 70 -19.49 36.55 42.32
N ALA G 71 -18.66 35.51 42.21
CA ALA G 71 -18.88 34.42 41.28
C ALA G 71 -18.21 33.16 41.80
N ARG G 72 -18.55 32.03 41.19
CA ARG G 72 -17.90 30.77 41.52
C ARG G 72 -18.09 29.80 40.36
N LEU G 73 -17.26 28.77 40.36
CA LEU G 73 -17.28 27.74 39.33
C LEU G 73 -18.24 26.61 39.71
N GLU G 74 -18.67 25.87 38.69
CA GLU G 74 -19.58 24.74 38.92
C GLU G 74 -19.18 23.53 38.07
N SER G 75 -17.88 23.33 37.87
CA SER G 75 -17.37 22.23 37.06
C SER G 75 -15.93 21.95 37.50
N GLU G 76 -15.21 21.19 36.68
CA GLU G 76 -13.83 20.81 36.95
C GLU G 76 -12.92 21.47 35.92
N GLY G 77 -11.84 22.08 36.41
CA GLY G 77 -10.92 22.80 35.54
C GLY G 77 -9.48 22.49 35.88
N VAL G 78 -8.59 22.97 35.01
CA VAL G 78 -7.16 22.70 35.11
C VAL G 78 -6.42 24.03 35.05
N TYR G 79 -5.25 24.08 35.69
CA TYR G 79 -4.36 25.22 35.58
C TYR G 79 -3.17 24.82 34.72
N THR G 80 -2.80 25.68 33.77
CA THR G 80 -1.77 25.38 32.78
C THR G 80 -0.79 26.53 32.68
N GLU G 81 0.45 26.19 32.34
CA GLU G 81 1.50 27.19 32.09
C GLU G 81 2.29 26.72 30.87
N ASP G 82 2.04 27.34 29.72
CA ASP G 82 2.71 26.97 28.49
C ASP G 82 3.03 28.20 27.65
N THR G 109 2.86 32.37 31.18
CA THR G 109 1.49 32.77 30.88
C THR G 109 0.50 31.80 31.51
N GLY G 110 0.23 32.00 32.80
CA GLY G 110 -0.71 31.15 33.50
C GLY G 110 -2.11 31.24 32.94
N LYS G 111 -2.76 30.09 32.75
CA LYS G 111 -4.09 30.03 32.20
C LYS G 111 -4.91 28.99 32.95
N VAL G 112 -6.23 29.10 32.83
CA VAL G 112 -7.16 28.13 33.40
C VAL G 112 -8.02 27.59 32.27
N TYR G 113 -8.07 26.27 32.14
CA TYR G 113 -8.87 25.59 31.13
C TYR G 113 -10.09 24.97 31.79
N ILE G 114 -11.27 25.38 31.35
CA ILE G 114 -12.54 24.77 31.76
C ILE G 114 -13.51 24.90 30.59
N PRO G 115 -13.24 24.25 29.47
CA PRO G 115 -14.11 24.41 28.31
C PRO G 115 -15.50 23.83 28.56
N ASN G 116 -16.51 24.46 27.96
CA ASN G 116 -17.90 24.05 28.05
C ASN G 116 -18.41 24.03 29.49
N GLY G 117 -17.71 24.72 30.40
CA GLY G 117 -18.06 24.70 31.80
C GLY G 117 -19.13 25.72 32.15
N ARG G 118 -19.32 25.89 33.46
CA ARG G 118 -20.32 26.80 34.01
C ARG G 118 -19.66 27.74 35.00
N LEU G 119 -20.29 28.91 35.17
CA LEU G 119 -19.83 29.89 36.14
C LEU G 119 -21.05 30.68 36.61
N VAL G 120 -21.30 30.70 37.92
CA VAL G 120 -22.46 31.40 38.45
C VAL G 120 -21.98 32.71 39.06
N VAL G 121 -22.69 33.79 38.74
CA VAL G 121 -22.35 35.12 39.24
C VAL G 121 -23.57 35.72 39.94
N VAL G 122 -23.32 36.34 41.08
CA VAL G 122 -24.38 36.95 41.90
C VAL G 122 -24.03 38.41 42.10
N TYR G 123 -24.92 39.29 41.61
CA TYR G 123 -24.79 40.73 41.70
C TYR G 123 -25.70 41.22 42.83
N VAL G 124 -25.11 41.82 43.87
CA VAL G 124 -25.87 42.28 45.04
C VAL G 124 -25.46 43.71 45.38
N THR G 125 -26.33 44.67 45.09
CA THR G 125 -26.04 46.08 45.35
C THR G 125 -27.32 46.79 45.72
N ILE G 128 -28.00 51.16 42.30
CA ILE G 128 -28.77 51.31 41.08
C ILE G 128 -29.91 50.31 41.07
N SER G 129 -30.94 50.62 40.28
CA SER G 129 -32.18 49.87 40.30
C SER G 129 -32.02 48.53 39.59
N LYS G 130 -33.12 47.75 39.58
CA LYS G 130 -33.10 46.43 38.98
C LYS G 130 -32.86 46.49 37.47
N GLU G 131 -33.35 47.53 36.81
CA GLU G 131 -33.21 47.62 35.35
C GLU G 131 -31.75 47.65 34.95
N GLU G 132 -30.92 48.41 35.68
CA GLU G 132 -29.51 48.51 35.34
C GLU G 132 -28.83 47.15 35.38
N LEU G 133 -29.01 46.41 36.49
CA LEU G 133 -28.38 45.10 36.60
C LEU G 133 -28.93 44.12 35.57
N GLU G 134 -30.25 44.08 35.39
CA GLU G 134 -30.82 43.09 34.48
C GLU G 134 -30.58 43.42 33.01
N LYS G 135 -30.19 44.67 32.70
CA LYS G 135 -29.87 45.02 31.33
C LYS G 135 -28.37 44.95 31.03
N LEU G 136 -27.52 45.30 31.99
CA LEU G 136 -26.08 45.12 31.78
C LEU G 136 -25.69 43.66 31.90
N CYS G 137 -26.46 42.88 32.65
CA CYS G 137 -26.09 41.49 32.92
C CYS G 137 -26.43 40.57 31.75
N TRP G 138 -27.52 40.83 31.03
CA TRP G 138 -27.83 40.05 29.85
C TRP G 138 -26.80 40.27 28.75
N SER G 139 -26.00 41.32 28.84
CA SER G 139 -24.94 41.62 27.88
C SER G 139 -23.61 41.56 28.62
N ILE G 140 -23.06 40.35 28.74
CA ILE G 140 -21.75 40.13 29.37
C ILE G 140 -20.89 39.40 28.36
N THR G 141 -19.75 39.99 28.01
CA THR G 141 -18.82 39.40 27.06
C THR G 141 -17.40 39.59 27.56
N ARG G 142 -16.53 38.67 27.15
CA ARG G 142 -15.08 38.81 27.26
C ARG G 142 -14.66 39.01 28.72
N ILE G 143 -14.89 37.96 29.51
CA ILE G 143 -14.41 37.97 30.89
C ILE G 143 -12.89 37.77 30.85
N GLY G 144 -12.14 38.82 31.21
CA GLY G 144 -10.70 38.75 31.24
C GLY G 144 -10.05 39.32 29.99
N CYS G 145 -9.23 38.52 29.32
CA CYS G 145 -8.48 38.97 28.16
C CYS G 145 -9.35 38.89 26.90
N LYS G 146 -8.84 39.48 25.82
CA LYS G 146 -9.61 39.52 24.57
C LYS G 146 -9.86 38.12 24.02
N GLU G 147 -8.94 37.18 24.26
CA GLU G 147 -9.14 35.80 23.86
C GLU G 147 -9.95 35.01 24.87
N CYS G 148 -10.25 35.58 26.04
CA CYS G 148 -11.01 34.90 27.07
C CYS G 148 -12.49 35.23 26.94
N LEU G 149 -13.07 34.76 25.83
CA LEU G 149 -14.48 35.00 25.55
C LEU G 149 -15.36 34.34 26.61
N ALA G 150 -16.42 35.03 27.00
CA ALA G 150 -17.40 34.54 27.96
C ALA G 150 -18.77 34.47 27.32
N SER G 151 -19.77 34.07 28.11
CA SER G 151 -21.13 33.98 27.61
C SER G 151 -22.10 34.08 28.77
N VAL G 152 -23.35 34.39 28.44
CA VAL G 152 -24.45 34.48 29.41
C VAL G 152 -25.52 33.48 29.05
N GLU G 153 -25.93 32.67 30.02
CA GLU G 153 -26.95 31.65 29.78
C GLU G 153 -28.35 32.12 30.17
N ASN G 154 -28.56 32.46 31.44
CA ASN G 154 -29.85 32.95 31.90
C ASN G 154 -29.64 33.72 33.20
N VAL G 155 -30.60 34.60 33.50
CA VAL G 155 -30.54 35.43 34.69
C VAL G 155 -31.86 35.32 35.44
N GLU G 156 -31.86 35.87 36.65
CA GLU G 156 -33.07 36.04 37.45
C GLU G 156 -32.85 37.20 38.40
N VAL G 157 -33.95 37.77 38.89
CA VAL G 157 -33.91 38.97 39.70
C VAL G 157 -34.66 38.71 41.01
N GLY G 158 -34.33 39.49 42.03
CA GLY G 158 -35.03 39.36 43.29
C GLY G 158 -34.49 40.33 44.31
N GLU G 159 -34.90 40.12 45.56
CA GLU G 159 -34.48 40.95 46.69
C GLU G 159 -33.72 40.09 47.68
N ALA G 160 -32.61 40.63 48.19
CA ALA G 160 -31.72 39.91 49.08
C ALA G 160 -32.05 40.22 50.54
N LYS G 161 -31.45 39.43 51.42
CA LYS G 161 -31.65 39.56 52.86
C LYS G 161 -30.30 39.42 53.55
N LYS G 162 -30.09 40.20 54.60
CA LYS G 162 -28.83 40.22 55.33
C LYS G 162 -28.96 39.43 56.62
N VAL G 163 -28.06 38.48 56.83
CA VAL G 163 -27.98 37.70 58.06
C VAL G 163 -26.53 37.64 58.50
N SER G 164 -26.33 37.39 59.80
CA SER G 164 -25.00 37.32 60.38
C SER G 164 -24.83 36.09 61.28
N ARG G 166 -24.72 31.53 61.54
CA ARG G 166 -23.94 30.42 60.98
C ARG G 166 -24.56 30.01 59.66
N VAL G 167 -23.88 30.33 58.56
CA VAL G 167 -24.42 30.09 57.22
C VAL G 167 -23.37 29.36 56.39
N LYS G 168 -23.87 28.58 55.42
CA LYS G 168 -23.02 27.78 54.54
C LYS G 168 -22.88 28.49 53.20
N THR G 169 -21.65 28.70 52.77
CA THR G 169 -21.34 29.45 51.56
C THR G 169 -20.32 28.69 50.73
N ARG G 170 -20.21 29.11 49.47
CA ARG G 170 -19.22 28.59 48.53
C ARG G 170 -18.31 29.65 47.95
N TYR G 171 -18.81 30.87 47.75
CA TYR G 171 -18.05 31.92 47.09
C TYR G 171 -16.86 32.36 47.93
N TYR G 172 -15.80 32.79 47.25
CA TYR G 172 -14.61 33.23 47.95
C TYR G 172 -14.86 34.55 48.66
N PHE G 173 -14.00 34.86 49.62
CA PHE G 173 -14.18 36.04 50.46
C PHE G 173 -12.80 36.59 50.83
N ARG G 174 -12.78 37.48 51.81
CA ARG G 174 -11.57 38.17 52.21
C ARG G 174 -10.74 37.28 53.13
N ASP G 175 -9.72 37.86 53.76
CA ASP G 175 -8.80 37.11 54.60
C ASP G 175 -9.24 37.05 56.06
N THR G 176 -9.73 38.16 56.61
CA THR G 176 -10.11 38.22 58.01
C THR G 176 -11.36 37.42 58.34
N VAL G 177 -12.08 36.92 57.34
CA VAL G 177 -13.26 36.10 57.60
C VAL G 177 -12.86 34.83 58.34
N LYS G 178 -13.65 34.47 59.35
CA LYS G 178 -13.35 33.32 60.19
C LYS G 178 -14.03 32.07 59.65
N VAL G 179 -13.31 30.95 59.73
CA VAL G 179 -13.78 29.67 59.20
C VAL G 179 -13.92 28.70 60.37
N VAL G 180 -14.70 27.64 60.16
CA VAL G 180 -14.93 26.61 61.17
C VAL G 180 -13.62 25.92 61.52
N GLY G 181 -13.63 25.14 62.60
CA GLY G 181 -12.44 24.55 63.17
C GLY G 181 -11.50 23.82 62.22
N ARG G 182 -12.02 23.35 61.09
CA ARG G 182 -11.21 22.65 60.12
C ARG G 182 -10.81 23.61 58.99
N LYS G 183 -9.54 23.56 58.60
CA LYS G 183 -8.99 24.43 57.57
C LYS G 183 -8.02 23.62 56.72
N GLU G 184 -8.52 23.07 55.61
CA GLU G 184 -7.72 22.23 54.74
C GLU G 184 -7.83 22.55 53.25
N PHE G 185 -8.86 23.28 52.83
CA PHE G 185 -9.12 23.51 51.41
C PHE G 185 -9.22 25.00 51.12
N LEU G 186 -8.27 25.78 51.62
CA LEU G 186 -8.25 27.22 51.41
C LEU G 186 -6.93 27.64 50.78
N GLU G 187 -7.01 28.54 49.80
CA GLU G 187 -5.83 29.12 49.15
C GLU G 187 -5.75 30.61 49.45
N TYR G 188 -4.54 31.08 49.69
CA TYR G 188 -4.28 32.50 49.91
C TYR G 188 -3.83 33.12 48.61
N VAL G 189 -4.49 34.21 48.20
CA VAL G 189 -4.18 34.91 46.96
C VAL G 189 -4.08 36.40 47.27
N THR G 190 -3.34 37.11 46.44
CA THR G 190 -3.23 38.56 46.52
C THR G 190 -4.02 39.20 45.39
N PHE G 191 -4.81 40.21 45.73
CA PHE G 191 -5.70 40.88 44.79
C PHE G 191 -5.59 42.38 45.00
N TRP G 192 -6.32 43.11 44.17
CA TRP G 192 -6.26 44.57 44.15
C TRP G 192 -7.67 45.13 44.32
N GLU G 193 -7.74 46.32 44.93
CA GLU G 193 -8.99 47.02 45.09
C GLU G 193 -9.37 47.70 43.77
N ASN G 195 -9.49 50.78 43.19
CA ASN G 195 -8.78 52.04 43.04
C ASN G 195 -7.52 51.89 42.19
N GLY G 196 -7.40 50.80 41.44
CA GLY G 196 -6.28 50.58 40.54
C GLY G 196 -6.66 50.65 39.09
N TYR G 197 -7.89 51.09 38.76
CA TYR G 197 -8.31 51.18 37.37
C TYR G 197 -7.49 52.21 36.60
N ILE G 198 -6.97 53.23 37.28
CA ILE G 198 -6.18 54.25 36.62
C ILE G 198 -4.83 53.68 36.25
N TRP G 199 -4.55 53.61 34.95
CA TRP G 199 -3.28 53.09 34.47
C TRP G 199 -2.14 53.99 34.89
N GLY G 200 -0.96 53.39 35.04
CA GLY G 200 0.18 54.09 35.60
C GLY G 200 0.19 54.16 37.11
N LYS G 201 -0.80 53.57 37.77
CA LYS G 201 -0.90 53.56 39.22
C LYS G 201 -0.99 52.12 39.71
N GLU G 202 -0.37 51.85 40.86
CA GLU G 202 -0.31 50.50 41.38
C GLU G 202 -1.56 50.17 42.18
N GLY G 203 -2.09 48.97 41.98
CA GLY G 203 -3.24 48.53 42.74
C GLY G 203 -2.90 48.21 44.18
N SER G 204 -3.92 48.28 45.03
CA SER G 204 -3.70 48.03 46.44
C SER G 204 -3.48 46.54 46.69
N PRO G 205 -2.57 46.17 47.59
CA PRO G 205 -2.39 44.75 47.92
C PRO G 205 -3.34 44.30 49.03
N VAL G 206 -4.26 43.38 48.72
CA VAL G 206 -5.19 42.86 49.70
C VAL G 206 -5.21 41.34 49.60
N ARG G 207 -5.12 40.64 50.74
CA ARG G 207 -5.20 39.16 50.72
C ARG G 207 -6.66 38.73 50.62
N TYR G 208 -6.95 37.69 49.85
CA TYR G 208 -8.33 37.16 49.74
C TYR G 208 -8.30 35.63 49.78
N ILE G 209 -9.08 34.99 50.67
CA ILE G 209 -9.08 33.50 50.82
C ILE G 209 -10.10 32.92 49.82
N LEU G 210 -9.68 32.04 48.91
CA LEU G 210 -10.58 31.34 47.96
C LEU G 210 -10.69 29.91 48.52
N PRO G 211 -11.88 29.33 48.85
CA PRO G 211 -11.94 27.93 49.33
C PRO G 211 -11.72 27.02 48.11
N ILE G 212 -10.49 26.66 47.70
CA ILE G 212 -10.25 26.01 46.42
C ILE G 212 -9.26 24.86 46.64
N THR G 213 -9.45 23.77 45.89
CA THR G 213 -8.48 22.69 45.83
C THR G 213 -7.52 22.96 44.66
N THR G 214 -6.22 22.87 44.94
CA THR G 214 -5.23 23.33 43.98
C THR G 214 -5.18 22.45 42.73
N TYR G 215 -5.33 21.13 42.90
CA TYR G 215 -5.22 20.25 41.74
C TYR G 215 -6.02 18.97 41.96
N PRO G 216 -7.08 18.75 41.17
CA PRO G 216 -7.63 19.62 40.12
C PRO G 216 -8.43 20.77 40.73
N LEU G 217 -8.68 21.83 39.98
CA LEU G 217 -9.39 22.98 40.52
C LEU G 217 -10.86 22.65 40.73
N ALA G 218 -11.38 23.01 41.90
CA ALA G 218 -12.78 22.86 42.23
C ALA G 218 -13.10 23.77 43.40
N SER G 219 -14.37 23.82 43.77
CA SER G 219 -14.84 24.66 44.86
C SER G 219 -15.37 23.79 45.99
N LYS G 220 -15.12 24.21 47.22
CA LYS G 220 -15.56 23.49 48.40
C LYS G 220 -16.23 24.45 49.37
N GLU G 221 -17.30 23.95 50.03
CA GLU G 221 -18.20 24.76 50.91
C GLU G 221 -17.59 24.95 52.29
N VAL G 222 -18.00 26.02 53.00
CA VAL G 222 -17.43 26.33 54.34
C VAL G 222 -18.45 27.14 55.17
N GLU G 223 -18.93 26.59 56.28
CA GLU G 223 -19.77 27.33 57.21
C GLU G 223 -18.96 28.46 57.83
N VAL G 224 -19.59 29.62 57.95
CA VAL G 224 -18.89 30.85 58.34
C VAL G 224 -19.63 31.49 59.50
N GLU G 225 -18.87 31.91 60.52
CA GLU G 225 -19.37 32.69 61.65
C GLU G 225 -18.66 34.04 61.61
N ALA G 226 -19.25 34.99 60.87
CA ALA G 226 -18.67 36.31 60.72
C ALA G 226 -19.68 37.39 61.10
N LYS G 227 -19.34 38.64 60.79
CA LYS G 227 -20.21 39.78 61.19
C LYS G 227 -21.03 40.29 60.01
N GLU G 228 -20.44 40.34 58.82
CA GLU G 228 -21.10 40.90 57.66
C GLU G 228 -21.20 39.85 56.57
N ALA G 229 -22.43 39.38 56.30
CA ALA G 229 -22.68 38.37 55.29
C ALA G 229 -24.08 38.60 54.74
N TYR G 230 -24.34 38.05 53.56
CA TYR G 230 -25.61 38.24 52.88
C TYR G 230 -26.13 36.92 52.35
N GLU G 231 -27.45 36.71 52.45
CA GLU G 231 -28.11 35.55 51.87
C GLU G 231 -28.81 35.96 50.58
N VAL G 232 -28.60 35.19 49.51
CA VAL G 232 -29.17 35.51 48.21
C VAL G 232 -29.61 34.21 47.52
N GLY G 233 -30.92 34.05 47.36
CA GLY G 233 -31.45 32.90 46.63
C GLY G 233 -31.07 31.55 47.20
N GLY G 234 -31.01 31.44 48.52
CA GLY G 234 -30.62 30.20 49.18
C GLY G 234 -29.13 30.01 49.34
N GLU G 235 -28.35 30.41 48.34
CA GLU G 235 -26.90 30.27 48.39
C GLU G 235 -26.34 31.48 49.14
N TYR G 236 -25.86 31.23 50.36
CA TYR G 236 -25.40 32.32 51.21
C TYR G 236 -24.07 32.87 50.73
N VAL G 237 -23.84 34.16 51.02
CA VAL G 237 -22.63 34.87 50.63
C VAL G 237 -22.00 35.46 51.88
N VAL G 238 -20.68 35.41 51.95
CA VAL G 238 -19.91 35.96 53.06
C VAL G 238 -19.02 37.07 52.53
N PHE G 239 -19.03 38.22 53.20
CA PHE G 239 -18.26 39.38 52.76
C PHE G 239 -17.14 39.75 53.74
N SER G 240 -17.45 39.91 55.02
CA SER G 240 -16.41 40.27 55.99
C SER G 240 -16.79 39.85 57.40
#